data_1EGC
#
_entry.id   1EGC
#
_cell.length_a   170.000
_cell.length_b   170.000
_cell.length_c   149.870
_cell.angle_alpha   90.00
_cell.angle_beta   90.00
_cell.angle_gamma   90.00
#
_symmetry.space_group_name_H-M   'P 43 21 2'
#
loop_
_entity.id
_entity.type
_entity.pdbx_description
1 polymer 'MEDIUM CHAIN ACYL-COA DEHYDROGENASE'
2 non-polymer 'OCTANOYL-COENZYME A'
3 non-polymer 'FLAVIN-ADENINE DINUCLEOTIDE'
4 water water
#
_entity_poly.entity_id   1
_entity_poly.type   'polypeptide(L)'
_entity_poly.pdbx_seq_one_letter_code
;KANRQREPGLGFSFEFTEQQKEFQATARKFAREEIIPVAAEYDKTGEYPVPLIRRAWELGLMNTHIPENCGGLGLGTFDA
CLISEELAYGCTGVQTAIEGNSLGQMPIIIAGNDQQKKKYLGRMTEEPLMCAYCVTEPGAGSDVAGIKTKAEKKGDEYII
NGQKMWITNGGKANWYFLLARSDPDPKAPANKAFTGFIVEADTPGIQIGRKELNMGQRCSDTRGIVFEDVKVPKENVLIG
DGAGFKVAMGAFDKERPVVAAGAVGLAQRALDEATKYALERKTFGKLLVEHQAISFMLAEMAMKVELARMSYQRAAWEVD
SGRRNTYYASIAKAFAGDIANQLATDAVQILGGNGFNTEYPVEKLMRDAKIYQIYGGTSQIQRLIVAREHIDKYKN
;
_entity_poly.pdbx_strand_id   A,B,C,D
#
loop_
_chem_comp.id
_chem_comp.type
_chem_comp.name
_chem_comp.formula
CO8 non-polymer 'OCTANOYL-COENZYME A' 'C29 H50 N7 O17 P3 S'
FAD non-polymer 'FLAVIN-ADENINE DINUCLEOTIDE' 'C27 H33 N9 O15 P2'
#
# COMPACT_ATOMS: atom_id res chain seq x y z
N LEU A 10 -31.18 21.81 -8.42
CA LEU A 10 -29.86 22.50 -8.45
C LEU A 10 -29.01 21.92 -9.60
N GLY A 11 -27.92 21.22 -9.28
CA GLY A 11 -27.10 20.66 -10.35
C GLY A 11 -25.64 20.72 -10.00
N PHE A 12 -24.90 19.64 -10.18
CA PHE A 12 -23.48 19.61 -9.86
C PHE A 12 -22.70 20.86 -10.29
N SER A 13 -21.98 21.43 -9.34
CA SER A 13 -21.17 22.62 -9.57
C SER A 13 -20.03 22.63 -8.58
N PHE A 14 -18.84 22.91 -9.07
CA PHE A 14 -17.65 22.98 -8.21
C PHE A 14 -17.10 24.41 -8.21
N GLU A 15 -17.86 25.34 -8.77
CA GLU A 15 -17.47 26.75 -8.82
C GLU A 15 -17.79 27.43 -7.49
N PHE A 16 -16.89 28.31 -7.03
CA PHE A 16 -17.08 29.04 -5.76
C PHE A 16 -18.01 30.26 -5.85
N THR A 17 -18.35 30.77 -4.68
CA THR A 17 -19.16 31.97 -4.51
C THR A 17 -18.11 33.08 -4.49
N GLU A 18 -18.50 34.30 -4.83
CA GLU A 18 -17.57 35.43 -4.82
C GLU A 18 -17.01 35.62 -3.43
N GLN A 19 -17.90 35.58 -2.44
CA GLN A 19 -17.52 35.73 -1.05
C GLN A 19 -16.52 34.69 -0.57
N GLN A 20 -16.74 33.41 -0.88
CA GLN A 20 -15.78 32.40 -0.45
C GLN A 20 -14.46 32.56 -1.19
N LYS A 21 -14.52 32.99 -2.45
CA LYS A 21 -13.32 33.23 -3.23
C LYS A 21 -12.58 34.37 -2.53
N GLU A 22 -13.36 35.24 -1.90
CA GLU A 22 -12.84 36.40 -1.19
C GLU A 22 -12.15 35.94 0.11
N PHE A 23 -12.89 35.22 0.94
CA PHE A 23 -12.38 34.71 2.20
C PHE A 23 -11.09 33.98 1.89
N GLN A 24 -11.14 33.16 0.84
CA GLN A 24 -10.00 32.38 0.43
C GLN A 24 -8.79 33.23 0.17
N ALA A 25 -8.94 34.28 -0.62
CA ALA A 25 -7.83 35.15 -0.95
C ALA A 25 -7.23 35.79 0.30
N THR A 26 -8.10 36.26 1.19
CA THR A 26 -7.67 36.89 2.43
C THR A 26 -6.90 35.90 3.29
N ALA A 27 -7.47 34.72 3.50
CA ALA A 27 -6.82 33.68 4.31
C ALA A 27 -5.51 33.30 3.66
N ARG A 28 -5.50 33.31 2.32
CA ARG A 28 -4.33 32.98 1.54
C ARG A 28 -3.21 34.02 1.78
N LYS A 29 -3.56 35.30 1.74
CA LYS A 29 -2.60 36.38 1.96
C LYS A 29 -2.10 36.32 3.39
N PHE A 30 -3.03 36.40 4.34
CA PHE A 30 -2.66 36.36 5.77
C PHE A 30 -1.76 35.17 6.10
N ALA A 31 -2.20 33.97 5.73
CA ALA A 31 -1.47 32.73 5.99
C ALA A 31 -0.05 32.74 5.42
N ARG A 32 0.05 32.78 4.10
CA ARG A 32 1.34 32.76 3.42
C ARG A 32 2.21 34.01 3.58
N GLU A 33 1.63 35.09 4.11
CA GLU A 33 2.37 36.34 4.26
C GLU A 33 2.63 36.77 5.71
N GLU A 34 2.00 36.12 6.68
CA GLU A 34 2.20 36.48 8.07
C GLU A 34 2.50 35.25 8.92
N ILE A 35 1.93 34.10 8.56
CA ILE A 35 2.14 32.88 9.32
C ILE A 35 3.41 32.09 8.94
N ILE A 36 3.54 31.71 7.67
CA ILE A 36 4.68 30.91 7.24
C ILE A 36 6.07 31.46 7.52
N PRO A 37 6.24 32.80 7.55
CA PRO A 37 7.55 33.36 7.83
C PRO A 37 7.92 33.38 9.30
N VAL A 38 7.01 32.94 10.16
CA VAL A 38 7.28 32.91 11.58
C VAL A 38 6.99 31.53 12.17
N ALA A 39 6.09 30.79 11.53
CA ALA A 39 5.69 29.47 12.00
C ALA A 39 6.81 28.62 12.59
N ALA A 40 7.96 28.63 11.94
CA ALA A 40 9.12 27.84 12.39
C ALA A 40 9.59 28.26 13.76
N GLU A 41 9.72 29.57 13.94
CA GLU A 41 10.16 30.15 15.21
C GLU A 41 9.20 29.78 16.34
N TYR A 42 7.93 29.63 16.03
CA TYR A 42 6.92 29.26 17.00
C TYR A 42 6.99 27.77 17.29
N ASP A 43 7.59 27.04 16.35
CA ASP A 43 7.75 25.60 16.49
C ASP A 43 8.97 25.33 17.34
N LYS A 44 9.94 26.23 17.27
CA LYS A 44 11.15 26.08 18.06
C LYS A 44 10.90 26.57 19.48
N THR A 45 10.11 27.63 19.64
CA THR A 45 9.83 28.17 20.97
C THR A 45 8.58 27.60 21.62
N GLY A 46 7.59 27.25 20.80
CA GLY A 46 6.36 26.72 21.32
C GLY A 46 5.47 27.82 21.91
N GLU A 47 5.88 29.07 21.72
CA GLU A 47 5.12 30.20 22.24
C GLU A 47 3.73 30.28 21.66
N TYR A 48 2.72 30.31 22.53
CA TYR A 48 1.34 30.40 22.06
C TYR A 48 1.30 31.66 21.17
N PRO A 49 1.03 31.47 19.86
CA PRO A 49 0.94 32.52 18.84
C PRO A 49 -0.16 33.57 18.98
N VAL A 50 -0.11 34.32 20.08
CA VAL A 50 -1.09 35.38 20.34
C VAL A 50 -1.16 36.42 19.23
N PRO A 51 0.00 36.86 18.70
CA PRO A 51 -0.03 37.86 17.63
C PRO A 51 -0.81 37.34 16.45
N LEU A 52 -0.65 36.04 16.18
CA LEU A 52 -1.33 35.40 15.06
C LEU A 52 -2.83 35.23 15.30
N ILE A 53 -3.18 34.78 16.51
CA ILE A 53 -4.58 34.58 16.88
C ILE A 53 -5.34 35.91 16.76
N ARG A 54 -4.79 36.95 17.38
CA ARG A 54 -5.43 38.28 17.37
C ARG A 54 -5.65 38.77 15.93
N ARG A 55 -4.59 38.72 15.11
CA ARG A 55 -4.69 39.18 13.73
C ARG A 55 -5.70 38.35 12.97
N ALA A 56 -5.83 37.09 13.35
CA ALA A 56 -6.78 36.21 12.70
C ALA A 56 -8.19 36.62 13.14
N TRP A 57 -8.30 36.99 14.41
CA TRP A 57 -9.57 37.42 14.99
C TRP A 57 -10.11 38.65 14.27
N GLU A 58 -9.23 39.61 14.01
CA GLU A 58 -9.64 40.84 13.34
C GLU A 58 -9.74 40.74 11.82
N LEU A 59 -9.23 39.66 11.24
CA LEU A 59 -9.32 39.51 9.79
C LEU A 59 -10.66 38.89 9.45
N GLY A 60 -11.22 38.37 10.48
CA GLY A 60 -12.57 37.81 10.28
C GLY A 60 -12.48 36.41 9.68
N LEU A 61 -11.52 35.65 10.15
CA LEU A 61 -11.35 34.27 9.70
C LEU A 61 -11.12 33.37 10.90
N MET A 62 -11.76 33.71 12.01
CA MET A 62 -11.57 32.92 13.22
C MET A 62 -12.87 32.35 13.85
N ASN A 63 -13.81 33.19 14.30
CA ASN A 63 -15.06 32.66 14.96
C ASN A 63 -16.25 32.67 13.98
N THR A 64 -15.91 32.41 12.74
CA THR A 64 -16.82 32.42 11.57
C THR A 64 -18.25 31.84 11.80
N HIS A 65 -18.38 30.83 12.62
CA HIS A 65 -19.73 30.22 12.82
C HIS A 65 -20.62 31.02 13.75
N ILE A 66 -20.27 31.94 14.58
CA ILE A 66 -21.18 32.74 15.38
C ILE A 66 -22.13 33.49 14.46
N PRO A 67 -23.46 33.30 14.63
CA PRO A 67 -24.46 33.97 13.79
C PRO A 67 -24.44 35.52 13.88
N GLU A 68 -24.93 36.15 12.82
CA GLU A 68 -24.97 37.61 12.72
C GLU A 68 -25.57 38.29 13.95
N ASN A 69 -26.81 37.92 14.26
CA ASN A 69 -27.52 38.51 15.40
C ASN A 69 -26.63 38.61 16.64
N CYS A 70 -25.93 37.52 16.93
CA CYS A 70 -25.04 37.48 18.10
C CYS A 70 -23.74 38.26 17.88
N GLY A 71 -23.52 38.73 16.65
CA GLY A 71 -22.32 39.51 16.34
C GLY A 71 -21.40 38.93 15.29
N GLY A 72 -21.35 37.61 15.22
CA GLY A 72 -20.48 36.94 14.28
C GLY A 72 -20.93 36.99 12.84
N LEU A 73 -20.07 36.45 11.98
CA LEU A 73 -20.30 36.38 10.54
C LEU A 73 -21.37 35.38 10.12
N GLY A 74 -21.68 34.43 11.00
CA GLY A 74 -22.70 33.44 10.71
C GLY A 74 -22.44 32.52 9.53
N LEU A 75 -21.17 32.21 9.31
CA LEU A 75 -20.74 31.34 8.20
C LEU A 75 -21.04 29.84 8.44
N GLY A 76 -21.13 29.10 7.33
CA GLY A 76 -21.40 27.68 7.38
C GLY A 76 -20.12 26.86 7.46
N THR A 77 -20.28 25.53 7.46
CA THR A 77 -19.16 24.60 7.54
C THR A 77 -18.21 24.70 6.33
N PHE A 78 -18.76 24.88 5.14
CA PHE A 78 -17.97 24.96 3.91
C PHE A 78 -16.93 26.08 3.96
N ASP A 79 -17.40 27.31 4.15
CA ASP A 79 -16.52 28.47 4.23
C ASP A 79 -15.50 28.26 5.33
N ALA A 80 -15.92 27.59 6.41
CA ALA A 80 -15.01 27.30 7.51
C ALA A 80 -13.87 26.50 6.95
N CYS A 81 -14.18 25.37 6.31
CA CYS A 81 -13.16 24.54 5.71
C CYS A 81 -12.27 25.31 4.75
N LEU A 82 -12.90 26.11 3.89
CA LEU A 82 -12.19 26.91 2.89
C LEU A 82 -11.13 27.84 3.51
N ILE A 83 -11.40 28.34 4.71
CA ILE A 83 -10.49 29.22 5.42
C ILE A 83 -9.47 28.40 6.21
N SER A 84 -9.94 27.32 6.85
CA SER A 84 -9.09 26.45 7.65
C SER A 84 -8.00 25.75 6.82
N GLU A 85 -8.39 25.23 5.66
CA GLU A 85 -7.48 24.55 4.74
C GLU A 85 -6.43 25.54 4.20
N GLU A 86 -6.71 26.83 4.29
CA GLU A 86 -5.77 27.83 3.81
C GLU A 86 -4.71 28.05 4.89
N LEU A 87 -5.17 28.33 6.09
CA LEU A 87 -4.28 28.57 7.23
C LEU A 87 -3.34 27.38 7.43
N ALA A 88 -3.89 26.17 7.35
CA ALA A 88 -3.12 24.94 7.52
C ALA A 88 -1.88 24.93 6.62
N TYR A 89 -2.01 25.55 5.45
CA TYR A 89 -0.91 25.62 4.50
C TYR A 89 0.27 26.39 5.12
N GLY A 90 -0.05 27.42 5.89
CA GLY A 90 0.95 28.21 6.56
C GLY A 90 1.47 27.48 7.79
N CYS A 91 0.55 27.07 8.66
CA CYS A 91 0.92 26.32 9.85
C CYS A 91 -0.24 25.73 10.62
N THR A 92 -0.21 24.40 10.74
CA THR A 92 -1.24 23.65 11.45
C THR A 92 -1.32 23.97 12.95
N GLY A 93 -0.19 24.31 13.56
CA GLY A 93 -0.17 24.65 14.99
C GLY A 93 -1.03 25.87 15.29
N VAL A 94 -0.86 26.87 14.44
CA VAL A 94 -1.61 28.13 14.54
C VAL A 94 -3.08 27.83 14.26
N GLN A 95 -3.31 27.24 13.08
CA GLN A 95 -4.63 26.86 12.62
C GLN A 95 -5.40 26.11 13.68
N THR A 96 -4.76 25.16 14.34
CA THR A 96 -5.39 24.35 15.38
C THR A 96 -5.89 25.14 16.58
N ALA A 97 -5.14 26.14 17.01
CA ALA A 97 -5.57 26.97 18.13
C ALA A 97 -6.74 27.81 17.61
N ILE A 98 -6.57 28.39 16.43
CA ILE A 98 -7.62 29.20 15.82
C ILE A 98 -8.88 28.36 15.64
N GLU A 99 -8.69 27.05 15.48
CA GLU A 99 -9.79 26.10 15.30
C GLU A 99 -10.40 25.61 16.60
N GLY A 100 -9.58 25.52 17.64
CA GLY A 100 -10.06 25.06 18.93
C GLY A 100 -11.27 25.84 19.38
N ASN A 101 -11.29 27.12 19.01
CA ASN A 101 -12.40 27.99 19.37
C ASN A 101 -13.69 27.45 18.80
N SER A 102 -13.72 27.22 17.49
CA SER A 102 -14.92 26.69 16.82
C SER A 102 -15.37 25.40 17.46
N LEU A 103 -14.40 24.57 17.85
CA LEU A 103 -14.70 23.27 18.46
C LEU A 103 -15.38 23.46 19.82
N GLY A 104 -14.88 24.42 20.59
CA GLY A 104 -15.44 24.70 21.90
C GLY A 104 -16.83 25.32 21.89
N GLN A 105 -17.13 26.10 20.86
CA GLN A 105 -18.44 26.73 20.76
C GLN A 105 -19.47 26.03 19.87
N MET A 106 -19.00 25.07 19.07
CA MET A 106 -19.89 24.33 18.18
C MET A 106 -21.14 23.80 18.87
N PRO A 107 -20.98 23.11 20.02
CA PRO A 107 -22.17 22.60 20.72
C PRO A 107 -23.23 23.70 20.94
N ILE A 108 -22.82 24.78 21.59
CA ILE A 108 -23.69 25.93 21.91
C ILE A 108 -24.46 26.36 20.66
N ILE A 109 -23.71 26.61 19.58
CA ILE A 109 -24.29 27.02 18.31
C ILE A 109 -25.46 26.09 17.90
N ILE A 110 -25.31 24.79 18.16
CA ILE A 110 -26.32 23.80 17.80
C ILE A 110 -27.37 23.82 18.89
N ALA A 111 -27.21 24.21 20.16
CA ALA A 111 -27.59 23.28 21.25
C ALA A 111 -27.89 24.14 22.47
N GLY A 112 -27.54 25.39 22.26
CA GLY A 112 -27.63 26.35 23.33
C GLY A 112 -28.83 27.24 23.14
N ASN A 113 -29.54 27.54 24.23
CA ASN A 113 -30.69 28.42 24.16
C ASN A 113 -30.12 29.81 23.86
N ASP A 114 -30.93 30.67 23.27
CA ASP A 114 -30.48 31.99 22.91
C ASP A 114 -29.82 32.80 24.03
N GLN A 115 -30.23 32.56 25.28
CA GLN A 115 -29.65 33.27 26.41
C GLN A 115 -28.15 32.87 26.51
N GLN A 116 -27.88 31.57 26.46
CA GLN A 116 -26.52 31.04 26.53
C GLN A 116 -25.67 31.56 25.37
N LYS A 117 -26.27 31.57 24.19
CA LYS A 117 -25.57 32.06 22.99
C LYS A 117 -25.09 33.49 23.18
N LYS A 118 -26.01 34.40 23.47
CA LYS A 118 -25.69 35.81 23.66
C LYS A 118 -24.50 36.02 24.62
N LYS A 119 -24.61 35.40 25.79
CA LYS A 119 -23.58 35.52 26.81
C LYS A 119 -22.26 34.81 26.51
N TYR A 120 -22.29 33.70 25.78
CA TYR A 120 -21.05 32.95 25.50
C TYR A 120 -20.38 33.03 24.15
N LEU A 121 -21.13 33.32 23.10
CA LEU A 121 -20.54 33.46 21.77
C LEU A 121 -20.28 34.95 21.55
N GLY A 122 -21.10 35.76 22.19
CA GLY A 122 -20.98 37.20 22.10
C GLY A 122 -19.74 37.70 22.83
N ARG A 123 -19.50 37.18 24.03
CA ARG A 123 -18.34 37.58 24.80
C ARG A 123 -17.05 37.35 23.98
N MET A 124 -17.19 36.51 22.97
CA MET A 124 -16.12 36.18 22.05
C MET A 124 -16.01 37.19 20.91
N THR A 125 -17.15 37.46 20.29
CA THR A 125 -17.23 38.37 19.16
C THR A 125 -16.78 39.82 19.41
N GLU A 126 -16.52 40.18 20.66
CA GLU A 126 -16.08 41.53 20.93
C GLU A 126 -14.61 41.66 21.37
N GLU A 127 -14.00 40.53 21.73
CA GLU A 127 -12.58 40.53 22.15
C GLU A 127 -11.92 39.21 21.72
N PRO A 128 -10.62 39.24 21.36
CA PRO A 128 -9.90 38.03 20.94
C PRO A 128 -9.75 37.05 22.09
N LEU A 129 -10.83 36.34 22.39
CA LEU A 129 -10.90 35.38 23.48
C LEU A 129 -10.88 33.96 22.89
N MET A 130 -10.55 32.98 23.72
CA MET A 130 -10.47 31.58 23.30
C MET A 130 -11.42 30.70 24.14
N CYS A 131 -11.64 29.47 23.70
CA CYS A 131 -12.50 28.53 24.42
C CYS A 131 -12.07 27.11 24.07
N ALA A 132 -12.17 26.21 25.04
CA ALA A 132 -11.77 24.82 24.85
C ALA A 132 -12.92 23.84 24.75
N TYR A 133 -12.62 22.67 24.17
CA TYR A 133 -13.58 21.58 24.01
C TYR A 133 -13.02 20.42 24.84
N CYS A 134 -13.54 20.26 26.07
CA CYS A 134 -13.09 19.20 26.98
C CYS A 134 -13.94 17.93 26.90
N VAL A 135 -13.33 16.84 26.43
CA VAL A 135 -14.00 15.54 26.34
C VAL A 135 -13.02 14.41 26.71
N THR A 136 -11.85 14.41 26.08
CA THR A 136 -10.85 13.39 26.37
C THR A 136 -10.43 13.44 27.82
N GLU A 137 -10.26 12.24 28.39
CA GLU A 137 -9.85 12.05 29.77
C GLU A 137 -8.62 11.15 29.76
N PRO A 138 -7.96 11.00 30.92
CA PRO A 138 -6.76 10.15 31.00
C PRO A 138 -7.02 8.72 30.53
N GLY A 139 -8.18 8.18 30.89
CA GLY A 139 -8.50 6.82 30.52
C GLY A 139 -9.53 6.65 29.44
N ALA A 140 -9.96 7.74 28.81
CA ALA A 140 -10.97 7.65 27.76
C ALA A 140 -10.75 8.75 26.74
N GLY A 141 -10.82 8.39 25.46
CA GLY A 141 -10.63 9.38 24.44
C GLY A 141 -11.55 9.08 23.27
N SER A 142 -11.32 7.90 22.69
CA SER A 142 -12.10 7.44 21.56
C SER A 142 -13.44 6.83 22.04
N ASP A 143 -13.39 6.05 23.10
CA ASP A 143 -14.62 5.47 23.68
C ASP A 143 -15.19 6.62 24.51
N VAL A 144 -16.00 7.46 23.86
CA VAL A 144 -16.59 8.61 24.52
C VAL A 144 -17.56 8.24 25.63
N ALA A 145 -18.22 7.09 25.51
CA ALA A 145 -19.17 6.65 26.53
C ALA A 145 -18.42 6.19 27.79
N GLY A 146 -17.10 6.13 27.68
CA GLY A 146 -16.27 5.68 28.79
C GLY A 146 -15.87 6.71 29.81
N ILE A 147 -16.09 7.99 29.53
CA ILE A 147 -15.71 9.03 30.48
C ILE A 147 -16.35 8.85 31.86
N LYS A 148 -15.53 9.03 32.90
CA LYS A 148 -15.96 8.86 34.28
C LYS A 148 -15.91 10.12 35.15
N THR A 149 -16.19 11.29 34.58
CA THR A 149 -16.16 12.51 35.38
C THR A 149 -17.58 12.69 35.93
N LYS A 150 -17.70 12.81 37.25
CA LYS A 150 -19.00 12.91 37.89
C LYS A 150 -19.57 14.31 38.11
N ALA A 151 -20.68 14.59 37.43
CA ALA A 151 -21.38 15.86 37.56
C ALA A 151 -22.63 15.51 38.36
N GLU A 152 -22.70 16.02 39.59
CA GLU A 152 -23.82 15.73 40.46
C GLU A 152 -24.85 16.86 40.50
N LYS A 153 -26.14 16.48 40.48
CA LYS A 153 -27.22 17.47 40.54
C LYS A 153 -27.45 17.95 41.98
N LYS A 154 -26.89 19.11 42.31
CA LYS A 154 -27.02 19.67 43.65
C LYS A 154 -28.28 20.53 43.87
N GLY A 155 -29.43 19.99 43.48
CA GLY A 155 -30.71 20.68 43.66
C GLY A 155 -31.04 21.88 42.79
N ASP A 156 -30.12 22.84 42.70
CA ASP A 156 -30.33 24.05 41.90
C ASP A 156 -29.20 24.28 40.91
N GLU A 157 -28.18 23.44 41.00
CA GLU A 157 -27.02 23.55 40.14
C GLU A 157 -26.41 22.17 39.96
N TYR A 158 -25.20 22.14 39.42
CA TYR A 158 -24.47 20.91 39.22
C TYR A 158 -23.05 21.12 39.75
N ILE A 159 -22.51 20.08 40.35
CA ILE A 159 -21.13 20.09 40.84
C ILE A 159 -20.32 19.13 39.95
N ILE A 160 -19.11 19.56 39.59
CA ILE A 160 -18.23 18.78 38.69
C ILE A 160 -17.00 18.23 39.42
N ASN A 161 -16.77 16.94 39.15
CA ASN A 161 -15.68 16.17 39.77
C ASN A 161 -15.03 15.19 38.75
N GLY A 162 -13.72 15.36 38.56
CA GLY A 162 -12.95 14.49 37.65
C GLY A 162 -11.83 15.30 36.98
N GLN A 163 -11.33 14.79 35.85
CA GLN A 163 -10.29 15.50 35.12
C GLN A 163 -10.32 15.15 33.65
N LYS A 164 -10.01 16.14 32.82
CA LYS A 164 -9.97 15.98 31.38
C LYS A 164 -8.49 15.97 31.01
N MET A 165 -8.19 15.63 29.77
CA MET A 165 -6.80 15.54 29.32
C MET A 165 -6.69 15.85 27.83
N TRP A 166 -5.53 16.40 27.41
CA TRP A 166 -5.13 16.73 26.03
C TRP A 166 -6.07 17.80 25.47
N ILE A 167 -6.64 18.54 26.37
CA ILE A 167 -7.57 19.61 26.03
C ILE A 167 -6.92 20.67 25.20
N THR A 168 -7.25 20.68 23.94
CA THR A 168 -6.72 21.71 23.12
C THR A 168 -7.13 23.01 23.80
N ASN A 169 -6.10 23.79 24.03
CA ASN A 169 -6.12 25.13 24.65
C ASN A 169 -6.83 25.20 26.01
N GLY A 170 -6.55 24.22 26.84
CA GLY A 170 -7.13 24.17 28.19
C GLY A 170 -6.56 25.34 29.03
N GLY A 171 -5.14 25.64 29.09
CA GLY A 171 -4.55 26.82 29.72
C GLY A 171 -4.82 28.20 29.15
N LYS A 172 -5.62 28.30 28.10
CA LYS A 172 -5.89 29.61 27.52
C LYS A 172 -7.35 29.85 27.17
N ALA A 173 -8.25 29.07 27.77
CA ALA A 173 -9.68 29.19 27.47
C ALA A 173 -10.46 30.04 28.44
N ASN A 174 -11.28 30.93 27.89
CA ASN A 174 -12.13 31.83 28.68
C ASN A 174 -13.18 30.99 29.39
N TRP A 175 -13.78 30.08 28.63
CA TRP A 175 -14.79 29.18 29.16
C TRP A 175 -14.54 27.79 28.55
N TYR A 176 -15.14 26.75 29.11
CA TYR A 176 -14.96 25.40 28.59
C TYR A 176 -16.29 24.74 28.38
N PHE A 177 -16.40 23.95 27.33
CA PHE A 177 -17.59 23.16 27.14
C PHE A 177 -17.17 21.87 27.87
N LEU A 178 -18.10 21.18 28.50
CA LEU A 178 -17.74 19.96 29.24
C LEU A 178 -18.76 18.85 29.06
N LEU A 179 -18.29 17.62 29.04
CA LEU A 179 -19.17 16.47 28.88
C LEU A 179 -18.94 15.54 30.07
N ALA A 180 -19.90 15.53 31.00
CA ALA A 180 -19.78 14.72 32.21
C ALA A 180 -20.87 13.68 32.37
N ARG A 181 -20.58 12.68 33.19
CA ARG A 181 -21.52 11.60 33.49
C ARG A 181 -22.45 12.04 34.63
N SER A 182 -23.73 12.16 34.30
CA SER A 182 -24.74 12.57 35.25
C SER A 182 -25.51 11.40 35.84
N ASP A 183 -25.76 10.37 35.04
CA ASP A 183 -26.47 9.20 35.54
C ASP A 183 -25.45 8.21 36.08
N PRO A 184 -25.40 8.04 37.41
CA PRO A 184 -24.46 7.11 38.04
C PRO A 184 -24.75 5.65 37.65
N ASP A 185 -26.04 5.30 37.61
CA ASP A 185 -26.46 3.94 37.27
C ASP A 185 -25.71 3.49 36.02
N PRO A 186 -24.76 2.55 36.19
CA PRO A 186 -23.96 2.02 35.09
C PRO A 186 -24.81 1.61 33.90
N LYS A 187 -25.93 0.98 34.19
CA LYS A 187 -26.85 0.54 33.15
C LYS A 187 -27.27 1.69 32.22
N ALA A 188 -27.30 2.92 32.74
CA ALA A 188 -27.71 4.09 31.96
C ALA A 188 -27.03 4.17 30.60
N PRO A 189 -27.82 4.02 29.52
CA PRO A 189 -27.29 4.07 28.15
C PRO A 189 -26.69 5.44 27.82
N ALA A 190 -25.77 5.44 26.86
CA ALA A 190 -25.09 6.65 26.43
C ALA A 190 -26.08 7.77 26.07
N ASN A 191 -27.23 7.36 25.55
CA ASN A 191 -28.26 8.32 25.14
C ASN A 191 -28.88 9.16 26.25
N LYS A 192 -28.57 8.85 27.50
CA LYS A 192 -29.13 9.58 28.64
C LYS A 192 -28.20 9.64 29.86
N ALA A 193 -26.95 9.20 29.69
CA ALA A 193 -25.99 9.21 30.80
C ALA A 193 -25.31 10.56 31.05
N PHE A 194 -24.78 11.17 30.00
CA PHE A 194 -24.04 12.43 30.11
C PHE A 194 -24.82 13.73 29.85
N THR A 195 -24.25 14.85 30.29
CA THR A 195 -24.87 16.15 30.09
C THR A 195 -23.76 17.17 29.75
N GLY A 196 -24.09 18.15 28.91
CA GLY A 196 -23.11 19.14 28.51
C GLY A 196 -23.25 20.49 29.19
N PHE A 197 -22.15 20.99 29.73
CA PHE A 197 -22.15 22.27 30.43
C PHE A 197 -21.18 23.30 29.82
N ILE A 198 -21.34 24.55 30.22
CA ILE A 198 -20.46 25.63 29.79
C ILE A 198 -19.84 26.03 31.12
N VAL A 199 -18.53 26.22 31.17
CA VAL A 199 -17.91 26.60 32.46
C VAL A 199 -16.86 27.70 32.33
N GLU A 200 -17.13 28.84 32.97
CA GLU A 200 -16.21 29.97 32.96
C GLU A 200 -14.89 29.41 33.49
N ALA A 201 -13.85 29.51 32.67
CA ALA A 201 -12.52 29.02 33.01
C ALA A 201 -12.18 29.10 34.48
N ASP A 202 -12.40 30.28 35.06
CA ASP A 202 -12.07 30.47 36.46
C ASP A 202 -13.13 30.15 37.51
N THR A 203 -13.97 29.16 37.28
CA THR A 203 -14.92 28.81 38.34
C THR A 203 -13.96 28.13 39.32
N PRO A 204 -14.15 28.38 40.61
CA PRO A 204 -13.27 27.77 41.61
C PRO A 204 -13.22 26.23 41.53
N GLY A 205 -12.04 25.66 41.75
CA GLY A 205 -11.88 24.22 41.72
C GLY A 205 -11.20 23.63 40.48
N ILE A 206 -10.99 24.48 39.47
CA ILE A 206 -10.36 24.07 38.22
C ILE A 206 -8.84 24.23 38.34
N GLN A 207 -8.12 23.11 38.25
CA GLN A 207 -6.67 23.13 38.31
C GLN A 207 -6.11 22.75 36.96
N ILE A 208 -5.85 23.77 36.15
CA ILE A 208 -5.31 23.58 34.81
C ILE A 208 -3.85 23.18 34.96
N GLY A 209 -3.46 22.12 34.25
CA GLY A 209 -2.11 21.62 34.34
C GLY A 209 -1.12 22.29 33.41
N ARG A 210 0.03 21.63 33.29
CA ARG A 210 1.13 22.12 32.46
C ARG A 210 0.97 21.84 30.97
N LYS A 211 1.54 22.73 30.17
CA LYS A 211 1.51 22.61 28.73
C LYS A 211 2.21 21.31 28.38
N GLU A 212 1.56 20.49 27.57
CA GLU A 212 2.13 19.21 27.15
C GLU A 212 3.09 19.43 26.01
N LEU A 213 4.16 18.65 25.99
CA LEU A 213 5.16 18.74 24.94
C LEU A 213 4.96 17.58 23.98
N ASN A 214 4.59 17.91 22.75
CA ASN A 214 4.33 16.89 21.74
C ASN A 214 5.29 16.97 20.54
N MET A 215 5.10 16.10 19.72
CA MET A 215 6.01 15.96 18.59
C MET A 215 5.74 16.98 17.49
N GLY A 216 4.46 17.39 17.31
CA GLY A 216 4.18 18.24 16.14
C GLY A 216 3.34 19.55 16.24
N GLN A 217 2.38 19.77 17.07
CA GLN A 217 1.71 21.12 16.95
C GLN A 217 2.09 21.92 18.15
N ARG A 218 3.36 21.78 18.42
CA ARG A 218 4.09 22.35 19.54
C ARG A 218 3.51 23.69 20.07
N CYS A 219 3.38 24.72 19.24
CA CYS A 219 2.86 26.03 19.74
C CYS A 219 1.40 25.89 20.22
N SER A 220 0.55 25.04 19.65
CA SER A 220 -0.84 24.85 20.06
C SER A 220 -0.84 24.43 21.53
N ASP A 221 -1.54 25.22 22.33
CA ASP A 221 -1.62 25.04 23.78
C ASP A 221 -2.43 23.85 24.26
N THR A 222 -1.80 22.69 24.29
CA THR A 222 -2.46 21.47 24.74
C THR A 222 -2.15 21.15 26.20
N ARG A 223 -3.20 20.95 27.01
CA ARG A 223 -3.02 20.63 28.43
C ARG A 223 -4.10 19.71 28.97
N GLY A 224 -3.98 19.38 30.26
CA GLY A 224 -4.94 18.54 30.92
C GLY A 224 -5.41 19.34 32.13
N ILE A 225 -6.69 19.23 32.48
CA ILE A 225 -7.23 19.97 33.60
C ILE A 225 -7.79 19.01 34.66
N VAL A 226 -7.97 19.53 35.87
CA VAL A 226 -8.54 18.76 36.95
C VAL A 226 -9.69 19.59 37.48
N PHE A 227 -10.78 19.14 37.70
CA PHE A 227 -12.00 19.71 38.27
C PHE A 227 -12.31 19.00 39.59
N GLU A 228 -11.68 19.48 40.65
CA GLU A 228 -11.86 18.87 41.97
C GLU A 228 -13.30 19.22 42.47
N ASP A 229 -13.66 20.39 42.90
CA ASP A 229 -15.12 20.53 43.27
C ASP A 229 -15.66 21.87 42.75
N VAL A 230 -16.13 21.80 41.51
CA VAL A 230 -16.66 22.96 40.78
C VAL A 230 -18.19 22.92 40.74
N LYS A 231 -18.67 24.31 41.06
CA LYS A 231 -20.09 24.63 40.92
C LYS A 231 -20.40 25.18 39.53
N VAL A 232 -21.44 24.63 38.90
CA VAL A 232 -21.88 25.06 37.57
C VAL A 232 -23.41 25.18 37.61
N PRO A 233 -23.95 26.40 37.37
CA PRO A 233 -25.38 26.68 37.38
C PRO A 233 -26.19 25.91 36.33
N LYS A 234 -27.40 25.49 36.71
CA LYS A 234 -28.25 24.73 35.81
C LYS A 234 -28.59 25.49 34.55
N GLU A 235 -28.38 26.80 34.53
CA GLU A 235 -28.68 27.57 33.33
C GLU A 235 -27.49 27.59 32.34
N ASN A 236 -26.43 26.86 32.70
CA ASN A 236 -25.23 26.73 31.88
C ASN A 236 -25.21 25.32 31.29
N VAL A 237 -26.29 24.60 31.55
CA VAL A 237 -26.48 23.27 31.02
C VAL A 237 -27.03 23.56 29.63
N LEU A 238 -26.47 22.93 28.60
CA LEU A 238 -26.91 23.16 27.22
C LEU A 238 -28.37 22.86 26.89
N ILE A 239 -28.70 21.56 26.87
CA ILE A 239 -30.05 21.10 26.55
C ILE A 239 -30.82 20.72 27.81
N GLY A 240 -30.17 19.97 28.69
CA GLY A 240 -30.79 19.54 29.91
C GLY A 240 -30.27 18.17 30.28
N ASP A 241 -30.32 17.87 31.57
CA ASP A 241 -29.84 16.59 32.09
C ASP A 241 -30.20 15.43 31.15
N GLY A 242 -29.20 14.62 30.83
CA GLY A 242 -29.41 13.48 29.96
C GLY A 242 -28.80 13.67 28.58
N ALA A 243 -28.97 14.85 27.99
CA ALA A 243 -28.43 15.14 26.66
C ALA A 243 -27.00 15.69 26.74
N GLY A 244 -26.05 14.82 26.40
CA GLY A 244 -24.65 15.19 26.42
C GLY A 244 -23.99 14.56 25.22
N PHE A 245 -23.93 13.23 25.24
CA PHE A 245 -23.34 12.43 24.17
C PHE A 245 -23.80 12.94 22.78
N LYS A 246 -25.11 12.90 22.54
CA LYS A 246 -25.65 13.37 21.26
C LYS A 246 -25.20 14.80 20.88
N VAL A 247 -24.93 15.63 21.88
CA VAL A 247 -24.48 17.00 21.64
C VAL A 247 -22.99 17.01 21.27
N ALA A 248 -22.18 16.25 21.98
CA ALA A 248 -20.75 16.18 21.69
C ALA A 248 -20.59 15.61 20.29
N MET A 249 -21.45 14.65 19.95
CA MET A 249 -21.42 14.00 18.65
C MET A 249 -21.72 14.99 17.54
N GLY A 250 -22.84 15.69 17.67
CA GLY A 250 -23.22 16.68 16.67
C GLY A 250 -22.12 17.70 16.38
N ALA A 251 -21.37 18.06 17.42
CA ALA A 251 -20.27 19.00 17.28
C ALA A 251 -19.20 18.35 16.41
N PHE A 252 -18.78 17.15 16.81
CA PHE A 252 -17.77 16.39 16.09
C PHE A 252 -18.13 16.31 14.63
N ASP A 253 -19.36 16.03 14.38
CA ASP A 253 -19.83 15.75 13.03
C ASP A 253 -19.69 16.98 12.12
N LYS A 254 -19.86 18.14 12.71
CA LYS A 254 -19.75 19.39 11.94
C LYS A 254 -18.28 19.78 11.78
N GLU A 255 -17.53 19.57 12.82
CA GLU A 255 -16.09 19.90 12.85
C GLU A 255 -15.22 18.91 12.00
N ARG A 256 -15.44 17.64 12.08
CA ARG A 256 -14.56 16.69 11.36
C ARG A 256 -14.19 17.19 9.93
N PRO A 257 -15.11 17.71 9.06
CA PRO A 257 -14.71 18.15 7.74
C PRO A 257 -13.65 19.21 7.80
N VAL A 258 -13.73 20.01 8.85
CA VAL A 258 -12.77 21.11 9.04
C VAL A 258 -11.41 20.55 9.44
N VAL A 259 -11.41 19.49 10.23
CA VAL A 259 -10.19 18.79 10.61
C VAL A 259 -9.63 18.13 9.35
N ALA A 260 -10.51 17.72 8.44
CA ALA A 260 -10.11 17.09 7.19
C ALA A 260 -9.47 18.11 6.30
N ALA A 261 -10.09 19.28 6.20
CA ALA A 261 -9.59 20.37 5.37
C ALA A 261 -8.15 20.77 5.73
N GLY A 262 -7.90 20.94 7.03
CA GLY A 262 -6.57 21.32 7.48
C GLY A 262 -5.50 20.28 7.14
N ALA A 263 -5.85 19.00 7.25
CA ALA A 263 -4.90 17.94 6.92
C ALA A 263 -4.48 18.16 5.47
N VAL A 264 -5.45 18.46 4.62
CA VAL A 264 -5.20 18.72 3.21
C VAL A 264 -4.27 19.93 3.07
N GLY A 265 -4.45 20.94 3.92
CA GLY A 265 -3.61 22.11 3.86
C GLY A 265 -2.14 21.74 4.07
N LEU A 266 -1.88 20.91 5.08
CA LEU A 266 -0.54 20.47 5.39
C LEU A 266 0.00 19.73 4.16
N ALA A 267 -0.85 18.88 3.57
CA ALA A 267 -0.49 18.12 2.39
C ALA A 267 -0.04 19.04 1.25
N GLN A 268 -0.87 20.05 0.96
CA GLN A 268 -0.58 20.99 -0.10
C GLN A 268 0.70 21.77 0.19
N ARG A 269 0.96 22.03 1.46
CA ARG A 269 2.18 22.72 1.85
C ARG A 269 3.36 21.77 1.64
N ALA A 270 3.12 20.48 1.80
CA ALA A 270 4.17 19.48 1.60
C ALA A 270 4.38 19.25 0.10
N LEU A 271 3.30 19.35 -0.66
CA LEU A 271 3.33 19.16 -2.10
C LEU A 271 4.02 20.31 -2.82
N ASP A 272 3.71 21.54 -2.41
CA ASP A 272 4.32 22.71 -3.03
C ASP A 272 5.77 22.81 -2.68
N GLU A 273 6.12 22.36 -1.49
CA GLU A 273 7.49 22.41 -1.01
C GLU A 273 8.44 21.45 -1.70
N ALA A 274 7.92 20.25 -1.99
CA ALA A 274 8.70 19.21 -2.64
C ALA A 274 8.75 19.44 -4.14
N THR A 275 7.65 19.97 -4.70
CA THR A 275 7.56 20.25 -6.13
C THR A 275 8.56 21.32 -6.54
N LYS A 276 8.78 22.29 -5.65
CA LYS A 276 9.71 23.36 -5.94
C LYS A 276 11.16 22.89 -5.88
N TYR A 277 11.47 21.98 -4.97
CA TYR A 277 12.82 21.47 -4.82
C TYR A 277 13.17 20.47 -5.94
N ALA A 278 12.17 19.72 -6.40
CA ALA A 278 12.38 18.74 -7.48
C ALA A 278 12.65 19.44 -8.80
N LEU A 279 12.30 20.73 -8.83
CA LEU A 279 12.51 21.54 -10.01
C LEU A 279 13.80 22.35 -9.88
N GLU A 280 14.56 22.12 -8.81
CA GLU A 280 15.81 22.85 -8.63
C GLU A 280 16.96 21.97 -8.17
N ARG A 281 16.67 20.73 -7.81
CA ARG A 281 17.72 19.82 -7.38
C ARG A 281 18.10 18.96 -8.58
N LYS A 282 19.35 18.90 -8.91
CA LYS A 282 19.80 18.07 -10.05
C LYS A 282 20.63 16.92 -9.53
N THR A 283 20.37 15.73 -10.04
CA THR A 283 21.14 14.61 -9.55
C THR A 283 21.91 13.89 -10.66
N PHE A 284 21.35 13.11 -11.50
CA PHE A 284 22.25 12.46 -12.48
C PHE A 284 22.33 13.27 -13.78
N GLY A 285 22.75 14.51 -13.62
CA GLY A 285 22.88 15.44 -14.75
C GLY A 285 21.48 15.82 -15.25
N LYS A 286 20.55 16.07 -14.29
CA LYS A 286 19.16 16.42 -14.58
C LYS A 286 18.41 16.71 -13.28
N LEU A 287 17.43 17.61 -13.35
CA LEU A 287 16.69 17.94 -12.16
C LEU A 287 15.77 16.78 -11.80
N LEU A 288 15.53 16.60 -10.51
CA LEU A 288 14.70 15.51 -10.01
C LEU A 288 13.44 15.23 -10.79
N VAL A 289 12.84 16.29 -11.35
CA VAL A 289 11.63 16.15 -12.14
C VAL A 289 11.82 15.25 -13.35
N GLU A 290 13.05 15.15 -13.85
CA GLU A 290 13.36 14.30 -15.01
C GLU A 290 13.40 12.82 -14.68
N HIS A 291 13.38 12.48 -13.40
CA HIS A 291 13.41 11.07 -13.02
C HIS A 291 11.98 10.63 -12.79
N GLN A 292 11.59 9.58 -13.52
CA GLN A 292 10.24 9.04 -13.46
C GLN A 292 9.79 8.62 -12.09
N ALA A 293 10.73 8.28 -11.22
CA ALA A 293 10.39 7.91 -9.84
C ALA A 293 9.92 9.16 -9.08
N ILE A 294 10.62 10.28 -9.28
CA ILE A 294 10.30 11.54 -8.61
C ILE A 294 9.10 12.21 -9.28
N SER A 295 8.93 11.96 -10.56
CA SER A 295 7.82 12.51 -11.30
C SER A 295 6.52 11.79 -10.91
N PHE A 296 6.56 10.46 -10.92
CA PHE A 296 5.40 9.67 -10.55
C PHE A 296 5.01 9.86 -9.09
N MET A 297 5.98 10.17 -8.26
CA MET A 297 5.74 10.42 -6.84
C MET A 297 4.86 11.65 -6.74
N LEU A 298 5.26 12.70 -7.45
CA LEU A 298 4.57 13.99 -7.48
C LEU A 298 3.15 13.89 -8.01
N ALA A 299 2.92 12.98 -8.95
CA ALA A 299 1.59 12.79 -9.49
C ALA A 299 0.72 12.13 -8.41
N GLU A 300 1.25 11.08 -7.78
CA GLU A 300 0.54 10.37 -6.73
C GLU A 300 0.28 11.25 -5.51
N MET A 301 1.06 12.31 -5.34
CA MET A 301 0.88 13.24 -4.23
C MET A 301 -0.22 14.23 -4.56
N ALA A 302 -0.29 14.64 -5.83
CA ALA A 302 -1.32 15.56 -6.28
C ALA A 302 -2.67 14.82 -6.20
N MET A 303 -2.69 13.60 -6.69
CA MET A 303 -3.88 12.77 -6.66
C MET A 303 -4.52 12.69 -5.28
N LYS A 304 -3.73 12.36 -4.28
CA LYS A 304 -4.27 12.26 -2.92
C LYS A 304 -4.81 13.59 -2.41
N VAL A 305 -4.18 14.70 -2.83
CA VAL A 305 -4.60 16.03 -2.42
C VAL A 305 -5.95 16.42 -3.01
N GLU A 306 -6.02 16.48 -4.33
CA GLU A 306 -7.25 16.84 -5.04
C GLU A 306 -8.43 16.05 -4.50
N LEU A 307 -8.22 14.76 -4.24
CA LEU A 307 -9.28 13.88 -3.72
C LEU A 307 -9.61 14.29 -2.29
N ALA A 308 -8.62 14.23 -1.41
CA ALA A 308 -8.81 14.62 -0.02
C ALA A 308 -9.55 15.95 0.07
N ARG A 309 -9.27 16.86 -0.87
CA ARG A 309 -9.93 18.16 -0.88
C ARG A 309 -11.41 17.99 -1.15
N MET A 310 -11.76 17.17 -2.14
CA MET A 310 -13.15 16.91 -2.50
C MET A 310 -13.93 16.21 -1.39
N SER A 311 -13.27 15.30 -0.68
CA SER A 311 -13.90 14.57 0.42
C SER A 311 -14.47 15.48 1.50
N TYR A 312 -13.76 16.54 1.85
CA TYR A 312 -14.29 17.44 2.85
C TYR A 312 -15.25 18.44 2.18
N GLN A 313 -14.91 18.92 0.99
CA GLN A 313 -15.77 19.86 0.28
C GLN A 313 -17.18 19.33 0.14
N ARG A 314 -17.31 18.01 0.06
CA ARG A 314 -18.63 17.40 -0.03
C ARG A 314 -19.24 17.26 1.35
N ALA A 315 -18.48 16.69 2.27
CA ALA A 315 -18.93 16.48 3.64
C ALA A 315 -19.40 17.77 4.31
N ALA A 316 -18.77 18.88 3.95
CA ALA A 316 -19.12 20.19 4.49
C ALA A 316 -20.39 20.67 3.84
N TRP A 317 -20.58 20.29 2.59
CA TRP A 317 -21.76 20.68 1.85
C TRP A 317 -22.96 19.94 2.39
N GLU A 318 -22.83 18.63 2.48
CA GLU A 318 -23.90 17.77 2.97
C GLU A 318 -24.48 18.37 4.24
N VAL A 319 -23.63 18.59 5.23
CA VAL A 319 -24.04 19.16 6.52
C VAL A 319 -24.66 20.54 6.35
N ASP A 320 -24.08 21.37 5.48
CA ASP A 320 -24.60 22.71 5.24
C ASP A 320 -25.91 22.65 4.50
N SER A 321 -26.17 21.50 3.89
CA SER A 321 -27.39 21.29 3.15
C SER A 321 -28.48 20.68 4.03
N GLY A 322 -28.23 20.61 5.33
CA GLY A 322 -29.23 20.09 6.24
C GLY A 322 -29.27 18.60 6.42
N ARG A 323 -28.66 17.84 5.51
CA ARG A 323 -28.69 16.38 5.66
C ARG A 323 -27.41 15.83 6.30
N ARG A 324 -27.56 14.96 7.30
CA ARG A 324 -26.44 14.33 8.01
C ARG A 324 -25.24 14.07 7.10
N ASN A 325 -24.05 14.43 7.58
CA ASN A 325 -22.84 14.22 6.82
C ASN A 325 -21.94 13.16 7.45
N THR A 326 -22.37 12.62 8.59
CA THR A 326 -21.63 11.60 9.34
C THR A 326 -20.76 10.66 8.49
N TYR A 327 -21.39 9.91 7.60
CA TYR A 327 -20.71 8.97 6.72
C TYR A 327 -19.61 9.67 5.90
N TYR A 328 -19.91 10.87 5.40
CA TYR A 328 -18.95 11.63 4.60
C TYR A 328 -17.90 12.34 5.42
N ALA A 329 -18.22 12.72 6.65
CA ALA A 329 -17.26 13.39 7.50
C ALA A 329 -16.16 12.39 7.85
N SER A 330 -16.57 11.21 8.30
CA SER A 330 -15.63 10.15 8.67
C SER A 330 -14.79 9.68 7.49
N ILE A 331 -15.35 9.77 6.28
CA ILE A 331 -14.61 9.40 5.07
C ILE A 331 -13.53 10.46 4.84
N ALA A 332 -13.95 11.72 4.80
CA ALA A 332 -13.07 12.85 4.58
C ALA A 332 -11.97 12.90 5.62
N LYS A 333 -12.34 12.75 6.88
CA LYS A 333 -11.35 12.79 7.94
C LYS A 333 -10.35 11.64 7.82
N ALA A 334 -10.83 10.42 7.65
CA ALA A 334 -9.95 9.26 7.53
C ALA A 334 -8.98 9.35 6.35
N PHE A 335 -9.53 9.61 5.16
CA PHE A 335 -8.70 9.71 3.96
C PHE A 335 -7.72 10.86 4.02
N ALA A 336 -8.18 11.98 4.54
CA ALA A 336 -7.37 13.20 4.67
C ALA A 336 -6.20 12.95 5.60
N GLY A 337 -6.49 12.55 6.83
CA GLY A 337 -5.45 12.28 7.81
C GLY A 337 -4.45 11.27 7.27
N ASP A 338 -4.94 10.32 6.48
CA ASP A 338 -4.07 9.30 5.91
C ASP A 338 -3.11 9.84 4.88
N ILE A 339 -3.64 10.51 3.86
CA ILE A 339 -2.78 11.04 2.82
C ILE A 339 -1.92 12.22 3.28
N ALA A 340 -2.35 12.92 4.32
CA ALA A 340 -1.59 14.05 4.84
C ALA A 340 -0.23 13.54 5.30
N ASN A 341 -0.26 12.34 5.87
CA ASN A 341 0.94 11.68 6.37
C ASN A 341 1.82 11.13 5.28
N GLN A 342 1.20 10.63 4.22
CA GLN A 342 1.92 10.08 3.08
C GLN A 342 2.68 11.19 2.36
N LEU A 343 2.01 12.32 2.17
CA LEU A 343 2.64 13.44 1.50
C LEU A 343 3.78 14.02 2.32
N ALA A 344 3.57 14.24 3.61
CA ALA A 344 4.61 14.80 4.46
C ALA A 344 5.91 14.01 4.31
N THR A 345 5.80 12.69 4.45
CA THR A 345 6.97 11.83 4.31
C THR A 345 7.64 11.95 2.96
N ASP A 346 6.88 11.83 1.88
CA ASP A 346 7.44 11.93 0.53
C ASP A 346 8.03 13.32 0.33
N ALA A 347 7.41 14.32 0.96
CA ALA A 347 7.89 15.69 0.88
C ALA A 347 9.32 15.66 1.40
N VAL A 348 9.52 14.97 2.51
CA VAL A 348 10.85 14.84 3.10
C VAL A 348 11.73 14.11 2.08
N GLN A 349 11.28 12.94 1.66
CA GLN A 349 12.01 12.09 0.72
C GLN A 349 12.61 12.79 -0.51
N ILE A 350 11.85 13.69 -1.14
CA ILE A 350 12.34 14.40 -2.31
C ILE A 350 13.49 15.33 -1.92
N LEU A 351 13.43 15.90 -0.72
CA LEU A 351 14.50 16.78 -0.27
C LEU A 351 15.74 16.01 0.16
N GLY A 352 15.58 14.69 0.35
CA GLY A 352 16.70 13.85 0.76
C GLY A 352 17.25 14.24 2.11
N GLY A 353 18.57 14.14 2.27
CA GLY A 353 19.20 14.48 3.52
C GLY A 353 18.73 15.82 4.04
N ASN A 354 18.55 16.78 3.12
CA ASN A 354 18.10 18.12 3.45
C ASN A 354 16.76 18.12 4.18
N GLY A 355 15.81 17.35 3.69
CA GLY A 355 14.50 17.31 4.30
C GLY A 355 14.53 16.90 5.76
N PHE A 356 15.48 16.05 6.09
CA PHE A 356 15.63 15.57 7.45
C PHE A 356 16.25 16.64 8.38
N ASN A 357 16.77 17.71 7.78
CA ASN A 357 17.39 18.81 8.52
C ASN A 357 16.37 19.90 8.84
N THR A 358 16.53 20.53 10.00
CA THR A 358 15.62 21.58 10.46
C THR A 358 15.64 22.93 9.72
N GLU A 359 16.58 23.11 8.81
CA GLU A 359 16.64 24.37 8.08
C GLU A 359 15.62 24.30 6.95
N TYR A 360 14.82 23.25 6.95
CA TYR A 360 13.81 23.03 5.93
C TYR A 360 12.41 22.80 6.49
N PRO A 361 11.39 23.21 5.73
CA PRO A 361 9.98 23.10 6.07
C PRO A 361 9.42 21.68 6.17
N VAL A 362 9.69 20.87 5.15
CA VAL A 362 9.19 19.49 5.10
C VAL A 362 9.32 18.69 6.38
N GLU A 363 10.42 18.85 7.09
CA GLU A 363 10.63 18.10 8.33
C GLU A 363 9.56 18.40 9.38
N LYS A 364 9.30 19.69 9.62
CA LYS A 364 8.27 20.11 10.57
C LYS A 364 6.89 19.63 10.11
N LEU A 365 6.70 19.54 8.81
CA LEU A 365 5.43 19.08 8.25
C LEU A 365 5.15 17.64 8.64
N MET A 366 6.19 16.82 8.69
CA MET A 366 6.07 15.41 9.04
C MET A 366 5.70 15.23 10.50
N ARG A 367 6.26 16.07 11.36
CA ARG A 367 5.96 16.01 12.78
C ARG A 367 4.52 16.45 13.07
N ASP A 368 4.01 17.37 12.26
CA ASP A 368 2.65 17.88 12.40
C ASP A 368 1.57 16.92 11.88
N ALA A 369 1.87 16.19 10.81
CA ALA A 369 0.90 15.26 10.19
C ALA A 369 0.42 14.06 11.02
N LYS A 370 1.32 13.46 11.81
CA LYS A 370 0.98 12.27 12.63
C LYS A 370 -0.27 12.48 13.46
N ILE A 371 -0.43 13.65 14.06
CA ILE A 371 -1.59 13.91 14.90
C ILE A 371 -2.92 13.83 14.12
N TYR A 372 -2.88 14.08 12.81
CA TYR A 372 -4.09 14.03 11.99
C TYR A 372 -4.74 12.67 11.84
N GLN A 373 -4.12 11.65 12.41
CA GLN A 373 -4.67 10.29 12.35
C GLN A 373 -5.06 9.92 13.77
N ILE A 374 -4.93 10.87 14.68
CA ILE A 374 -5.24 10.60 16.06
C ILE A 374 -6.29 11.55 16.62
N TYR A 375 -6.10 12.86 16.45
CA TYR A 375 -7.09 13.78 17.01
C TYR A 375 -8.29 14.09 16.10
N GLY A 376 -9.47 14.08 16.71
CA GLY A 376 -10.71 14.35 15.98
C GLY A 376 -11.34 13.03 15.54
N GLY A 377 -10.72 11.93 15.95
CA GLY A 377 -11.20 10.61 15.61
C GLY A 377 -10.10 9.90 14.84
N THR A 378 -9.39 9.01 15.50
CA THR A 378 -8.30 8.27 14.87
C THR A 378 -8.71 7.56 13.56
N SER A 379 -7.72 7.20 12.75
CA SER A 379 -7.98 6.52 11.48
C SER A 379 -8.83 5.27 11.59
N GLN A 380 -8.60 4.47 12.62
CA GLN A 380 -9.36 3.24 12.79
C GLN A 380 -10.77 3.38 13.33
N ILE A 381 -11.02 4.39 14.15
CA ILE A 381 -12.37 4.57 14.64
C ILE A 381 -13.17 5.27 13.54
N GLN A 382 -12.47 6.04 12.71
CA GLN A 382 -13.07 6.74 11.59
C GLN A 382 -13.59 5.70 10.59
N ARG A 383 -12.84 4.61 10.47
CA ARG A 383 -13.21 3.50 9.61
C ARG A 383 -14.45 2.84 10.18
N LEU A 384 -14.42 2.56 11.49
CA LEU A 384 -15.56 1.95 12.18
C LEU A 384 -16.85 2.63 11.77
N ILE A 385 -16.88 3.96 11.88
CA ILE A 385 -18.05 4.75 11.53
C ILE A 385 -18.50 4.55 10.10
N VAL A 386 -17.56 4.58 9.17
CA VAL A 386 -17.89 4.38 7.77
C VAL A 386 -18.55 3.01 7.59
N ALA A 387 -17.96 1.98 8.19
CA ALA A 387 -18.50 0.63 8.09
C ALA A 387 -19.89 0.56 8.73
N ARG A 388 -20.05 1.25 9.86
CA ARG A 388 -21.32 1.29 10.58
C ARG A 388 -22.42 1.79 9.66
N GLU A 389 -22.25 3.02 9.19
CA GLU A 389 -23.21 3.63 8.30
C GLU A 389 -23.35 2.89 6.97
N HIS A 390 -22.26 2.31 6.51
CA HIS A 390 -22.29 1.57 5.25
C HIS A 390 -23.18 0.34 5.32
N ILE A 391 -22.83 -0.60 6.19
CA ILE A 391 -23.61 -1.82 6.28
C ILE A 391 -25.05 -1.52 6.69
N ASP A 392 -25.27 -0.35 7.29
CA ASP A 392 -26.60 0.03 7.72
C ASP A 392 -27.56 0.21 6.58
N LYS A 393 -27.12 0.88 5.51
CA LYS A 393 -28.00 1.10 4.39
C LYS A 393 -28.23 -0.19 3.60
N TYR A 394 -27.62 -1.28 4.07
CA TYR A 394 -27.79 -2.60 3.46
C TYR A 394 -28.77 -3.43 4.29
N LYS A 395 -28.45 -3.62 5.57
CA LYS A 395 -29.30 -4.41 6.46
C LYS A 395 -30.53 -3.67 6.98
N ASN A 396 -31.57 -3.62 6.14
CA ASN A 396 -32.83 -2.97 6.50
C ASN A 396 -33.96 -3.53 5.64
N LEU B 10 26.55 -26.80 3.93
CA LEU B 10 25.44 -27.34 3.08
C LEU B 10 24.20 -27.54 3.95
N GLY B 11 23.04 -27.28 3.36
CA GLY B 11 21.79 -27.39 4.09
C GLY B 11 21.60 -26.05 4.75
N PHE B 12 20.41 -25.48 4.62
CA PHE B 12 20.16 -24.18 5.22
C PHE B 12 20.26 -24.28 6.74
N SER B 13 20.56 -23.16 7.39
CA SER B 13 20.65 -23.17 8.84
C SER B 13 20.42 -21.77 9.35
N PHE B 14 19.49 -21.65 10.28
CA PHE B 14 19.15 -20.37 10.88
C PHE B 14 19.55 -20.42 12.36
N GLU B 15 20.67 -21.10 12.60
CA GLU B 15 21.22 -21.28 13.94
C GLU B 15 22.50 -20.52 14.17
N PHE B 16 22.53 -19.73 15.25
CA PHE B 16 23.70 -18.94 15.61
C PHE B 16 24.72 -19.85 16.30
N THR B 17 25.99 -19.48 16.20
CA THR B 17 27.04 -20.23 16.85
C THR B 17 27.24 -19.62 18.23
N GLU B 18 27.50 -20.46 19.22
CA GLU B 18 27.68 -20.01 20.59
C GLU B 18 28.35 -18.64 20.78
N GLN B 19 29.42 -18.39 20.01
CA GLN B 19 30.12 -17.12 20.10
C GLN B 19 29.21 -15.99 19.69
N GLN B 20 28.51 -16.17 18.57
CA GLN B 20 27.57 -15.17 18.07
C GLN B 20 26.49 -14.95 19.11
N LYS B 21 26.06 -16.04 19.73
CA LYS B 21 25.03 -15.97 20.73
C LYS B 21 25.50 -15.10 21.90
N GLU B 22 26.75 -15.27 22.32
CA GLU B 22 27.27 -14.49 23.42
C GLU B 22 27.43 -13.00 23.08
N PHE B 23 27.83 -12.68 21.86
CA PHE B 23 27.95 -11.27 21.46
C PHE B 23 26.56 -10.65 21.59
N GLN B 24 25.57 -11.35 21.04
CA GLN B 24 24.18 -10.91 21.08
C GLN B 24 23.74 -10.65 22.51
N ALA B 25 24.16 -11.49 23.43
CA ALA B 25 23.81 -11.37 24.84
C ALA B 25 24.40 -10.10 25.48
N THR B 26 25.63 -9.79 25.10
CA THR B 26 26.37 -8.62 25.57
C THR B 26 25.71 -7.32 25.08
N ALA B 27 25.44 -7.27 23.78
CA ALA B 27 24.84 -6.12 23.15
C ALA B 27 23.46 -5.87 23.70
N ARG B 28 22.64 -6.90 23.73
CA ARG B 28 21.28 -6.81 24.22
C ARG B 28 21.20 -6.27 25.62
N LYS B 29 22.02 -6.82 26.53
CA LYS B 29 22.03 -6.36 27.91
C LYS B 29 22.48 -4.92 27.96
N PHE B 30 23.54 -4.60 27.21
CA PHE B 30 24.05 -3.23 27.19
C PHE B 30 22.99 -2.25 26.71
N ALA B 31 22.18 -2.67 25.74
CA ALA B 31 21.14 -1.81 25.22
C ALA B 31 20.00 -1.59 26.23
N ARG B 32 19.53 -2.67 26.83
CA ARG B 32 18.42 -2.60 27.77
C ARG B 32 18.73 -1.99 29.13
N GLU B 33 19.91 -2.27 29.67
CA GLU B 33 20.25 -1.79 30.99
C GLU B 33 21.14 -0.56 31.03
N GLU B 34 21.72 -0.19 29.90
CA GLU B 34 22.61 0.97 29.87
C GLU B 34 22.24 2.05 28.87
N ILE B 35 21.64 1.66 27.74
CA ILE B 35 21.29 2.65 26.72
C ILE B 35 19.91 3.28 26.89
N ILE B 36 18.85 2.47 26.85
CA ILE B 36 17.47 2.98 26.95
C ILE B 36 17.15 4.04 28.01
N PRO B 37 17.80 4.01 29.19
CA PRO B 37 17.47 5.04 30.18
C PRO B 37 17.92 6.42 29.75
N VAL B 38 19.14 6.51 29.21
CA VAL B 38 19.67 7.80 28.80
C VAL B 38 19.46 8.12 27.34
N ALA B 39 18.78 7.23 26.62
CA ALA B 39 18.52 7.47 25.20
C ALA B 39 17.72 8.75 25.00
N ALA B 40 16.70 8.94 25.84
CA ALA B 40 15.84 10.13 25.76
C ALA B 40 16.54 11.38 26.27
N GLU B 41 17.42 11.19 27.25
CA GLU B 41 18.20 12.28 27.83
C GLU B 41 19.02 12.90 26.70
N TYR B 42 19.81 12.04 26.05
CA TYR B 42 20.66 12.41 24.93
C TYR B 42 19.87 12.90 23.72
N ASP B 43 18.61 12.47 23.59
CA ASP B 43 17.75 12.88 22.47
C ASP B 43 17.44 14.36 22.63
N LYS B 44 17.04 14.74 23.83
CA LYS B 44 16.69 16.12 24.12
C LYS B 44 17.90 17.03 24.03
N THR B 45 18.94 16.74 24.80
CA THR B 45 20.13 17.58 24.78
C THR B 45 20.90 17.50 23.50
N GLY B 46 20.84 16.36 22.82
CA GLY B 46 21.59 16.20 21.60
C GLY B 46 23.08 16.09 21.90
N GLU B 47 23.40 15.83 23.17
CA GLU B 47 24.79 15.72 23.60
C GLU B 47 25.37 14.41 23.08
N TYR B 48 26.64 14.43 22.71
CA TYR B 48 27.34 13.26 22.18
C TYR B 48 27.47 12.19 23.27
N PRO B 49 27.10 10.95 22.95
CA PRO B 49 27.14 9.79 23.84
C PRO B 49 28.52 9.27 24.27
N VAL B 50 29.44 10.18 24.55
CA VAL B 50 30.79 9.82 24.98
C VAL B 50 30.85 8.71 26.05
N PRO B 51 30.01 8.79 27.10
CA PRO B 51 30.05 7.74 28.12
C PRO B 51 29.76 6.38 27.49
N LEU B 52 28.67 6.33 26.74
CA LEU B 52 28.20 5.12 26.08
C LEU B 52 29.18 4.50 25.09
N ILE B 53 29.80 5.32 24.25
CA ILE B 53 30.76 4.83 23.27
C ILE B 53 32.03 4.31 23.95
N ARG B 54 32.36 4.84 25.11
CA ARG B 54 33.53 4.38 25.85
C ARG B 54 33.21 2.97 26.34
N ARG B 55 31.98 2.80 26.83
CA ARG B 55 31.50 1.52 27.33
C ARG B 55 31.47 0.52 26.19
N ALA B 56 30.74 0.87 25.12
CA ALA B 56 30.60 0.02 23.94
C ALA B 56 31.98 -0.45 23.50
N TRP B 57 32.95 0.46 23.61
CA TRP B 57 34.33 0.18 23.25
C TRP B 57 34.88 -0.91 24.17
N GLU B 58 34.68 -0.74 25.47
CA GLU B 58 35.17 -1.70 26.45
C GLU B 58 34.54 -3.06 26.27
N LEU B 59 33.22 -3.10 26.17
CA LEU B 59 32.50 -4.35 26.00
C LEU B 59 32.89 -5.03 24.70
N GLY B 60 33.68 -4.34 23.89
CA GLY B 60 34.14 -4.91 22.64
C GLY B 60 33.04 -5.07 21.62
N LEU B 61 32.21 -4.15 21.56
CA LEU B 61 31.15 -4.07 20.54
C LEU B 61 31.33 -2.83 19.67
N MET B 62 32.58 -2.49 19.31
CA MET B 62 32.74 -1.27 18.52
C MET B 62 33.61 -1.33 17.22
N ASN B 63 34.83 -1.71 17.21
CA ASN B 63 35.48 -1.70 15.88
C ASN B 63 35.69 -3.14 15.50
N THR B 64 34.56 -3.82 15.68
CA THR B 64 34.40 -5.26 15.47
C THR B 64 34.95 -5.73 14.14
N HIS B 65 35.21 -5.07 13.07
CA HIS B 65 35.83 -5.59 11.85
C HIS B 65 37.34 -5.55 11.83
N ILE B 66 37.93 -4.62 12.58
CA ILE B 66 39.39 -4.46 12.61
C ILE B 66 40.05 -5.81 12.80
N PRO B 67 40.82 -6.25 11.81
CA PRO B 67 41.54 -7.54 11.84
C PRO B 67 42.24 -7.84 13.15
N GLU B 68 42.32 -9.13 13.48
CA GLU B 68 42.95 -9.58 14.72
C GLU B 68 44.38 -9.10 14.87
N ASN B 69 45.11 -9.05 13.76
CA ASN B 69 46.51 -8.60 13.77
C ASN B 69 46.71 -7.09 13.95
N CYS B 70 45.63 -6.40 14.25
CA CYS B 70 45.68 -4.98 14.50
C CYS B 70 45.13 -4.81 15.93
N GLY B 71 44.98 -5.94 16.62
CA GLY B 71 44.47 -5.93 17.98
C GLY B 71 42.96 -5.96 17.99
N GLY B 72 42.37 -6.28 16.84
CA GLY B 72 40.93 -6.32 16.74
C GLY B 72 40.33 -7.70 16.98
N LEU B 73 39.01 -7.76 16.97
CA LEU B 73 38.31 -9.00 17.16
C LEU B 73 38.22 -9.75 15.83
N GLY B 74 38.50 -9.05 14.73
CA GLY B 74 38.44 -9.66 13.42
C GLY B 74 37.09 -10.27 13.05
N LEU B 75 36.02 -9.83 13.71
CA LEU B 75 34.66 -10.33 13.48
C LEU B 75 34.17 -10.11 12.04
N GLY B 76 33.20 -10.91 11.63
CA GLY B 76 32.66 -10.77 10.29
C GLY B 76 31.52 -9.75 10.23
N THR B 77 30.80 -9.74 9.12
CA THR B 77 29.69 -8.84 8.90
C THR B 77 28.41 -9.38 9.51
N PHE B 78 28.20 -10.68 9.38
CA PHE B 78 26.99 -11.27 9.94
C PHE B 78 26.95 -10.97 11.43
N ASP B 79 28.13 -10.82 12.03
CA ASP B 79 28.28 -10.52 13.45
C ASP B 79 27.93 -9.05 13.73
N ALA B 80 28.46 -8.15 12.89
CA ALA B 80 28.20 -6.73 13.06
C ALA B 80 26.69 -6.45 13.04
N CYS B 81 26.00 -6.98 12.04
CA CYS B 81 24.55 -6.80 11.90
C CYS B 81 23.86 -7.34 13.16
N LEU B 82 24.25 -8.53 13.56
CA LEU B 82 23.72 -9.23 14.72
C LEU B 82 23.75 -8.31 15.96
N ILE B 83 24.82 -7.54 16.09
CA ILE B 83 25.02 -6.63 17.21
C ILE B 83 24.25 -5.32 17.01
N SER B 84 24.48 -4.68 15.87
CA SER B 84 23.87 -3.40 15.53
C SER B 84 22.37 -3.41 15.71
N GLU B 85 21.75 -4.55 15.47
CA GLU B 85 20.31 -4.65 15.62
C GLU B 85 19.94 -4.55 17.10
N GLU B 86 20.87 -4.95 17.98
CA GLU B 86 20.64 -4.91 19.43
C GLU B 86 20.88 -3.50 19.97
N LEU B 87 21.91 -2.85 19.44
CA LEU B 87 22.23 -1.50 19.86
C LEU B 87 21.14 -0.56 19.37
N ALA B 88 20.68 -0.79 18.14
CA ALA B 88 19.63 0.02 17.53
C ALA B 88 18.34 -0.03 18.32
N TYR B 89 18.06 -1.19 18.92
CA TYR B 89 16.87 -1.38 19.74
C TYR B 89 16.92 -0.43 20.94
N GLY B 90 18.12 0.00 21.30
CA GLY B 90 18.28 0.92 22.41
C GLY B 90 18.12 2.32 21.89
N CYS B 91 18.99 2.69 20.94
CA CYS B 91 18.96 4.02 20.34
C CYS B 91 19.79 4.02 19.06
N THR B 92 19.14 4.41 17.96
CA THR B 92 19.80 4.46 16.67
C THR B 92 20.82 5.58 16.66
N GLY B 93 20.51 6.68 17.35
CA GLY B 93 21.42 7.80 17.43
C GLY B 93 22.75 7.38 18.02
N VAL B 94 22.72 6.44 18.93
CA VAL B 94 23.94 5.96 19.54
C VAL B 94 24.60 4.97 18.57
N GLN B 95 23.84 3.96 18.15
CA GLN B 95 24.33 2.93 17.23
C GLN B 95 24.97 3.50 15.97
N THR B 96 24.42 4.60 15.46
CA THR B 96 24.96 5.26 14.27
C THR B 96 26.38 5.73 14.56
N ALA B 97 26.55 6.38 15.73
CA ALA B 97 27.84 6.89 16.18
C ALA B 97 28.90 5.80 16.18
N ILE B 98 28.56 4.67 16.79
CA ILE B 98 29.49 3.54 16.85
C ILE B 98 29.72 2.95 15.46
N GLU B 99 28.65 2.91 14.67
CA GLU B 99 28.70 2.36 13.34
C GLU B 99 29.51 3.21 12.39
N GLY B 100 29.62 4.49 12.72
CA GLY B 100 30.40 5.43 11.91
C GLY B 100 31.79 4.87 11.75
N ASN B 101 32.42 4.54 12.87
CA ASN B 101 33.76 3.96 12.86
C ASN B 101 33.90 2.79 11.86
N SER B 102 32.96 1.85 11.86
CA SER B 102 33.04 0.72 10.93
C SER B 102 32.94 1.19 9.48
N LEU B 103 32.00 2.08 9.19
CA LEU B 103 31.86 2.59 7.84
C LEU B 103 33.15 3.28 7.38
N GLY B 104 33.76 4.06 8.28
CA GLY B 104 34.99 4.76 7.96
C GLY B 104 36.17 3.82 7.85
N GLN B 105 36.16 2.76 8.64
CA GLN B 105 37.23 1.78 8.65
C GLN B 105 37.13 0.79 7.51
N MET B 106 35.94 0.67 6.92
CA MET B 106 35.73 -0.25 5.81
C MET B 106 36.75 -0.09 4.66
N PRO B 107 36.93 1.15 4.14
CA PRO B 107 37.88 1.35 3.04
C PRO B 107 39.31 0.87 3.37
N ILE B 108 39.77 1.14 4.59
CA ILE B 108 41.11 0.73 5.01
C ILE B 108 41.19 -0.79 5.25
N ILE B 109 40.08 -1.40 5.67
CA ILE B 109 40.04 -2.84 5.93
C ILE B 109 40.09 -3.70 4.67
N ILE B 110 39.29 -3.38 3.67
CA ILE B 110 39.28 -4.18 2.45
C ILE B 110 40.44 -3.83 1.54
N ALA B 111 40.71 -2.53 1.39
CA ALA B 111 41.72 -2.02 0.47
C ALA B 111 43.04 -1.43 0.97
N GLY B 112 43.24 -1.35 2.28
CA GLY B 112 44.48 -0.77 2.78
C GLY B 112 45.60 -1.80 2.80
N ASN B 113 46.85 -1.34 2.83
CA ASN B 113 47.96 -2.28 2.87
C ASN B 113 48.34 -2.51 4.32
N ASP B 114 49.31 -3.39 4.53
CA ASP B 114 49.73 -3.74 5.87
C ASP B 114 50.13 -2.57 6.75
N GLN B 115 50.91 -1.64 6.22
CA GLN B 115 51.37 -0.47 6.99
C GLN B 115 50.21 0.46 7.32
N GLN B 116 49.23 0.55 6.43
CA GLN B 116 48.06 1.40 6.64
C GLN B 116 47.14 0.77 7.68
N LYS B 117 46.93 -0.52 7.57
CA LYS B 117 46.07 -1.23 8.51
C LYS B 117 46.56 -1.08 9.95
N LYS B 118 47.85 -1.27 10.15
CA LYS B 118 48.43 -1.18 11.47
C LYS B 118 48.48 0.22 12.04
N LYS B 119 48.70 1.22 11.19
CA LYS B 119 48.76 2.62 11.65
C LYS B 119 47.43 3.27 11.98
N TYR B 120 46.38 2.94 11.24
CA TYR B 120 45.09 3.56 11.50
C TYR B 120 44.05 2.69 12.16
N LEU B 121 44.12 1.38 11.93
CA LEU B 121 43.18 0.46 12.57
C LEU B 121 43.76 0.07 13.93
N GLY B 122 45.08 0.15 14.04
CA GLY B 122 45.74 -0.17 15.30
C GLY B 122 45.43 0.86 16.38
N ARG B 123 45.36 2.14 15.99
CA ARG B 123 45.08 3.19 16.96
C ARG B 123 43.68 3.03 17.56
N MET B 124 42.73 2.70 16.69
CA MET B 124 41.33 2.53 17.08
C MET B 124 41.16 1.39 18.08
N THR B 125 42.12 0.47 18.10
CA THR B 125 42.08 -0.69 18.99
C THR B 125 42.66 -0.42 20.36
N GLU B 126 43.65 0.44 20.43
CA GLU B 126 44.24 0.73 21.73
C GLU B 126 43.77 2.05 22.32
N GLU B 127 42.85 2.71 21.63
CA GLU B 127 42.30 3.97 22.08
C GLU B 127 40.90 4.12 21.51
N PRO B 128 39.93 4.52 22.33
CA PRO B 128 38.55 4.67 21.83
C PRO B 128 38.40 5.90 20.93
N LEU B 129 39.07 5.88 19.77
CA LEU B 129 39.04 7.00 18.81
C LEU B 129 37.90 6.81 17.81
N MET B 130 37.47 7.89 17.20
CA MET B 130 36.38 7.83 16.24
C MET B 130 36.91 8.23 14.87
N CYS B 131 36.20 7.83 13.82
CA CYS B 131 36.57 8.19 12.46
C CYS B 131 35.28 8.43 11.67
N ALA B 132 35.41 9.02 10.48
CA ALA B 132 34.23 9.32 9.68
C ALA B 132 34.47 8.94 8.21
N TYR B 133 33.38 8.74 7.46
CA TYR B 133 33.43 8.37 6.04
C TYR B 133 32.97 9.57 5.21
N CYS B 134 33.91 10.33 4.68
CA CYS B 134 33.56 11.53 3.91
C CYS B 134 33.47 11.32 2.40
N VAL B 135 32.23 11.28 1.89
CA VAL B 135 31.94 11.13 0.46
C VAL B 135 30.91 12.17 0.00
N THR B 136 29.80 12.27 0.72
CA THR B 136 28.74 13.20 0.39
C THR B 136 29.16 14.67 0.37
N GLU B 137 28.70 15.37 -0.66
CA GLU B 137 28.97 16.79 -0.79
C GLU B 137 27.61 17.47 -0.88
N PRO B 138 27.53 18.75 -0.50
CA PRO B 138 26.24 19.44 -0.58
C PRO B 138 25.72 19.39 -2.01
N GLY B 139 26.65 19.31 -2.96
CA GLY B 139 26.29 19.26 -4.36
C GLY B 139 25.64 17.97 -4.81
N ALA B 140 25.93 16.87 -4.12
CA ALA B 140 25.36 15.57 -4.48
C ALA B 140 25.78 14.45 -3.55
N GLY B 141 24.81 13.64 -3.16
CA GLY B 141 25.08 12.53 -2.28
C GLY B 141 24.78 11.18 -2.92
N SER B 142 23.59 11.04 -3.48
CA SER B 142 23.18 9.80 -4.11
C SER B 142 24.02 9.49 -5.33
N ASP B 143 24.25 10.48 -6.16
CA ASP B 143 25.06 10.29 -7.35
C ASP B 143 26.53 10.54 -6.99
N VAL B 144 27.14 9.56 -6.32
CA VAL B 144 28.54 9.64 -5.88
C VAL B 144 29.48 10.17 -6.97
N ALA B 145 29.27 9.72 -8.20
CA ALA B 145 30.11 10.12 -9.33
C ALA B 145 30.01 11.59 -9.71
N GLY B 146 29.52 12.43 -8.81
CA GLY B 146 29.42 13.84 -9.11
C GLY B 146 30.34 14.72 -8.30
N ILE B 147 30.73 14.26 -7.11
CA ILE B 147 31.58 15.02 -6.20
C ILE B 147 32.67 15.89 -6.80
N LYS B 148 32.75 17.14 -6.34
CA LYS B 148 33.73 18.08 -6.84
C LYS B 148 34.99 18.31 -6.00
N THR B 149 35.13 17.63 -4.86
CA THR B 149 36.32 17.85 -4.02
C THR B 149 37.61 17.48 -4.77
N LYS B 150 38.31 18.52 -5.21
CA LYS B 150 39.55 18.40 -5.95
C LYS B 150 40.71 17.90 -5.10
N ALA B 151 41.51 17.02 -5.69
CA ALA B 151 42.67 16.46 -5.03
C ALA B 151 43.80 16.63 -6.05
N GLU B 152 44.54 17.73 -5.91
CA GLU B 152 45.63 18.02 -6.84
C GLU B 152 46.96 17.35 -6.46
N LYS B 153 47.46 16.50 -7.35
CA LYS B 153 48.71 15.80 -7.11
C LYS B 153 49.88 16.78 -7.17
N LYS B 154 50.60 16.91 -6.06
CA LYS B 154 51.76 17.80 -6.00
C LYS B 154 52.95 17.15 -5.30
N GLY B 155 53.88 16.65 -6.12
CA GLY B 155 55.07 15.99 -5.58
C GLY B 155 54.74 14.65 -4.94
N ASP B 156 55.11 14.52 -3.67
CA ASP B 156 54.85 13.29 -2.94
C ASP B 156 53.70 13.49 -1.98
N GLU B 157 52.73 14.26 -2.43
CA GLU B 157 51.55 14.55 -1.64
C GLU B 157 50.45 15.02 -2.56
N TYR B 158 49.27 15.20 -1.99
CA TYR B 158 48.10 15.66 -2.72
C TYR B 158 47.54 16.88 -2.00
N ILE B 159 46.99 17.77 -2.75
CA ILE B 159 46.30 18.93 -2.16
C ILE B 159 44.79 18.79 -2.34
N ILE B 160 44.14 18.43 -1.25
CA ILE B 160 42.68 18.27 -1.25
C ILE B 160 42.07 19.66 -1.22
N ASN B 161 40.91 19.75 -1.84
CA ASN B 161 40.17 21.02 -1.94
C ASN B 161 38.68 20.79 -2.10
N GLY B 162 37.91 21.18 -1.11
CA GLY B 162 36.45 21.00 -1.20
C GLY B 162 35.77 21.22 0.14
N GLN B 163 34.58 20.61 0.11
CA GLN B 163 33.69 20.67 1.26
C GLN B 163 32.83 19.43 1.23
N LYS B 164 32.59 18.86 2.41
CA LYS B 164 31.76 17.68 2.55
C LYS B 164 30.54 18.07 3.37
N MET B 165 29.49 17.27 3.28
CA MET B 165 28.28 17.53 4.03
C MET B 165 27.65 16.26 4.62
N TRP B 166 27.03 16.40 5.82
CA TRP B 166 26.28 15.33 6.49
C TRP B 166 27.17 14.16 6.85
N ILE B 167 28.34 14.47 7.36
CA ILE B 167 29.31 13.44 7.74
C ILE B 167 29.13 12.99 9.18
N THR B 168 28.96 11.70 9.33
CA THR B 168 28.79 11.07 10.64
C THR B 168 30.13 11.13 11.37
N ASN B 169 30.02 11.51 12.64
CA ASN B 169 31.18 11.66 13.55
C ASN B 169 32.11 12.77 13.05
N GLY B 170 31.61 13.43 12.02
CA GLY B 170 32.28 14.54 11.30
C GLY B 170 33.23 15.36 12.21
N GLY B 171 32.67 15.89 13.28
CA GLY B 171 33.42 16.73 14.24
C GLY B 171 33.85 15.92 15.46
N LYS B 172 34.13 14.67 15.35
CA LYS B 172 34.61 13.86 16.45
C LYS B 172 35.62 12.83 15.95
N ALA B 173 35.93 12.87 14.66
CA ALA B 173 36.88 11.93 14.04
C ALA B 173 38.34 12.30 14.29
N ASN B 174 39.17 11.26 14.33
CA ASN B 174 40.60 11.40 14.55
C ASN B 174 41.22 11.49 13.15
N TRP B 175 40.61 10.79 12.22
CA TRP B 175 41.03 10.77 10.82
C TRP B 175 39.80 10.44 9.97
N TYR B 176 39.85 10.74 8.68
CA TYR B 176 38.73 10.51 7.80
C TYR B 176 39.12 9.71 6.59
N PHE B 177 38.12 9.13 5.94
CA PHE B 177 38.32 8.44 4.69
C PHE B 177 37.89 9.59 3.77
N LEU B 178 38.57 9.78 2.66
CA LEU B 178 38.23 10.91 1.80
C LEU B 178 38.15 10.45 0.37
N LEU B 179 37.09 10.87 -0.32
CA LEU B 179 36.95 10.49 -1.71
C LEU B 179 37.05 11.82 -2.42
N ALA B 180 37.91 11.90 -3.43
CA ALA B 180 38.09 13.13 -4.18
C ALA B 180 38.31 12.87 -5.65
N ARG B 181 38.10 13.89 -6.48
CA ARG B 181 38.29 13.76 -7.91
C ARG B 181 39.77 14.06 -8.17
N SER B 182 40.48 13.08 -8.69
CA SER B 182 41.89 13.27 -8.98
C SER B 182 42.09 13.65 -10.44
N ASP B 183 41.23 13.11 -11.32
CA ASP B 183 41.33 13.40 -12.74
C ASP B 183 40.54 14.62 -13.14
N PRO B 184 41.23 15.72 -13.45
CA PRO B 184 40.66 17.01 -13.86
C PRO B 184 39.80 16.98 -15.12
N ASP B 185 39.85 15.91 -15.89
CA ASP B 185 39.03 15.85 -17.10
C ASP B 185 37.62 15.33 -16.84
N PRO B 186 36.61 16.19 -17.05
CA PRO B 186 35.19 15.85 -16.87
C PRO B 186 34.82 14.55 -17.57
N LYS B 187 35.32 14.37 -18.78
CA LYS B 187 35.02 13.17 -19.55
C LYS B 187 35.43 11.85 -18.86
N ALA B 188 36.37 11.94 -17.90
CA ALA B 188 36.87 10.75 -17.20
C ALA B 188 35.79 9.81 -16.61
N PRO B 189 35.87 8.51 -16.95
CA PRO B 189 34.91 7.53 -16.44
C PRO B 189 35.03 7.36 -14.91
N ALA B 190 33.88 7.21 -14.25
CA ALA B 190 33.80 7.07 -12.80
C ALA B 190 34.70 6.00 -12.23
N ASN B 191 35.00 4.98 -13.04
CA ASN B 191 35.85 3.90 -12.59
C ASN B 191 37.34 4.19 -12.56
N LYS B 192 37.73 5.39 -12.98
CA LYS B 192 39.14 5.79 -12.95
C LYS B 192 39.26 7.31 -12.84
N ALA B 193 38.33 7.93 -12.12
CA ALA B 193 38.34 9.38 -11.99
C ALA B 193 38.59 9.89 -10.60
N PHE B 194 38.25 9.10 -9.59
CA PHE B 194 38.41 9.51 -8.18
C PHE B 194 39.46 8.70 -7.43
N THR B 195 39.86 9.19 -6.28
CA THR B 195 40.84 8.51 -5.48
C THR B 195 40.44 8.58 -4.02
N GLY B 196 40.65 7.49 -3.31
CA GLY B 196 40.31 7.44 -1.91
C GLY B 196 41.56 7.66 -1.08
N PHE B 197 41.50 8.57 -0.11
CA PHE B 197 42.64 8.86 0.73
C PHE B 197 42.21 8.60 2.16
N ILE B 198 43.17 8.72 3.06
CA ILE B 198 42.92 8.56 4.47
C ILE B 198 43.60 9.79 5.06
N VAL B 199 42.79 10.77 5.41
CA VAL B 199 43.29 12.04 5.93
C VAL B 199 43.05 12.29 7.42
N GLU B 200 44.11 12.57 8.17
CA GLU B 200 43.99 12.81 9.60
C GLU B 200 43.24 14.11 9.90
N ALA B 201 42.31 14.05 10.84
CA ALA B 201 41.51 15.19 11.22
C ALA B 201 42.31 16.42 11.65
N ASP B 202 43.34 16.22 12.45
CA ASP B 202 44.15 17.35 12.91
C ASP B 202 45.12 17.90 11.88
N THR B 203 44.63 18.12 10.66
CA THR B 203 45.46 18.64 9.57
C THR B 203 45.14 20.11 9.26
N PRO B 204 46.19 20.94 9.12
CA PRO B 204 46.00 22.36 8.81
C PRO B 204 45.21 22.49 7.52
N GLY B 205 44.04 23.12 7.61
CA GLY B 205 43.20 23.30 6.43
C GLY B 205 41.84 22.64 6.47
N ILE B 206 41.60 21.83 7.49
CA ILE B 206 40.32 21.14 7.65
C ILE B 206 39.50 21.96 8.62
N GLN B 207 38.55 22.71 8.10
CA GLN B 207 37.69 23.53 8.94
C GLN B 207 36.44 22.71 9.25
N ILE B 208 36.23 22.36 10.51
CA ILE B 208 35.05 21.57 10.85
C ILE B 208 33.86 22.43 11.22
N GLY B 209 32.75 22.17 10.51
CA GLY B 209 31.50 22.90 10.72
C GLY B 209 30.66 22.51 11.91
N ARG B 210 29.65 23.34 12.19
CA ARG B 210 28.73 23.14 13.30
C ARG B 210 27.93 21.85 13.18
N LYS B 211 27.23 21.52 14.27
CA LYS B 211 26.39 20.33 14.35
C LYS B 211 25.08 20.73 13.74
N GLU B 212 24.54 19.88 12.88
CA GLU B 212 23.26 20.17 12.25
C GLU B 212 22.15 19.64 13.15
N LEU B 213 21.04 20.38 13.24
CA LEU B 213 19.93 19.92 14.04
C LEU B 213 18.98 19.21 13.13
N ASN B 214 18.83 17.91 13.34
CA ASN B 214 17.96 17.13 12.50
C ASN B 214 16.82 16.49 13.29
N MET B 215 16.01 16.03 12.63
CA MET B 215 14.75 15.54 13.18
C MET B 215 14.91 14.25 13.97
N GLY B 216 15.81 13.33 13.55
CA GLY B 216 15.77 12.01 14.22
C GLY B 216 17.03 11.29 14.81
N GLN B 217 18.18 11.79 14.90
CA GLN B 217 19.24 10.98 15.59
C GLN B 217 20.12 11.99 16.20
N ARG B 218 19.38 12.81 16.90
CA ARG B 218 19.85 13.98 17.61
C ARG B 218 21.14 13.75 18.33
N CYS B 219 21.49 12.67 18.94
CA CYS B 219 22.78 12.58 19.65
C CYS B 219 24.00 12.26 18.77
N SER B 220 23.77 12.02 17.48
CA SER B 220 24.85 11.72 16.57
C SER B 220 25.51 13.01 16.15
N ASP B 221 26.79 12.90 15.80
CA ASP B 221 27.56 14.05 15.37
C ASP B 221 27.52 14.13 13.84
N THR B 222 26.58 14.87 13.30
CA THR B 222 26.49 15.05 11.85
C THR B 222 26.96 16.48 11.59
N ARG B 223 27.94 16.64 10.71
CA ARG B 223 28.46 17.97 10.44
C ARG B 223 28.95 18.13 9.00
N GLY B 224 29.07 19.37 8.57
CA GLY B 224 29.61 19.64 7.25
C GLY B 224 31.09 19.81 7.56
N ILE B 225 31.97 19.66 6.57
CA ILE B 225 33.41 19.82 6.83
C ILE B 225 34.14 20.40 5.62
N VAL B 226 34.93 21.44 5.87
CA VAL B 226 35.67 22.13 4.83
C VAL B 226 37.14 21.76 4.72
N PHE B 227 37.59 21.37 3.64
CA PHE B 227 38.98 21.13 3.24
C PHE B 227 39.42 22.19 2.26
N GLU B 228 40.11 23.19 2.70
CA GLU B 228 40.47 24.17 1.72
C GLU B 228 41.87 23.81 1.15
N ASP B 229 43.00 24.05 1.72
CA ASP B 229 44.21 23.58 0.96
C ASP B 229 44.95 22.50 1.77
N VAL B 230 44.30 21.35 1.88
CA VAL B 230 44.82 20.21 2.66
C VAL B 230 45.82 19.35 1.84
N LYS B 231 46.95 19.08 2.62
CA LYS B 231 48.02 18.24 2.08
C LYS B 231 47.87 16.84 2.61
N VAL B 232 47.91 15.87 1.72
CA VAL B 232 47.79 14.47 2.08
C VAL B 232 48.94 13.69 1.44
N PRO B 233 49.72 12.98 2.26
CA PRO B 233 50.87 12.19 1.79
C PRO B 233 50.39 11.13 0.81
N LYS B 234 51.15 10.90 -0.26
CA LYS B 234 50.72 9.91 -1.24
C LYS B 234 50.67 8.51 -0.62
N GLU B 235 51.40 8.34 0.48
CA GLU B 235 51.41 7.06 1.17
C GLU B 235 50.00 6.79 1.71
N ASN B 236 49.25 7.86 1.93
CA ASN B 236 47.91 7.73 2.46
C ASN B 236 46.85 7.55 1.40
N VAL B 237 47.29 7.10 0.23
CA VAL B 237 46.40 6.82 -0.89
C VAL B 237 46.14 5.31 -0.80
N LEU B 238 44.88 4.97 -0.61
CA LEU B 238 44.44 3.57 -0.44
C LEU B 238 44.89 2.46 -1.39
N ILE B 239 44.42 2.47 -2.64
CA ILE B 239 44.80 1.43 -3.61
C ILE B 239 45.83 1.93 -4.60
N GLY B 240 45.44 3.00 -5.30
CA GLY B 240 46.27 3.65 -6.29
C GLY B 240 45.55 4.93 -6.67
N ASP B 241 46.07 5.67 -7.63
CA ASP B 241 45.42 6.90 -8.02
C ASP B 241 44.31 6.56 -9.00
N GLY B 242 43.06 6.75 -8.60
CA GLY B 242 41.96 6.46 -9.51
C GLY B 242 41.02 5.35 -9.09
N ALA B 243 41.42 4.52 -8.14
CA ALA B 243 40.58 3.41 -7.69
C ALA B 243 39.73 3.77 -6.47
N GLY B 244 39.43 5.06 -6.32
CA GLY B 244 38.64 5.49 -5.19
C GLY B 244 37.19 5.06 -5.25
N PHE B 245 36.53 5.33 -6.39
CA PHE B 245 35.13 4.97 -6.56
C PHE B 245 34.91 3.53 -6.14
N LYS B 246 35.61 2.61 -6.80
CA LYS B 246 35.52 1.17 -6.51
C LYS B 246 35.71 0.84 -5.04
N VAL B 247 36.70 1.49 -4.41
CA VAL B 247 36.95 1.27 -2.99
C VAL B 247 35.73 1.72 -2.19
N ALA B 248 35.14 2.84 -2.57
CA ALA B 248 33.96 3.39 -1.88
C ALA B 248 32.79 2.42 -2.02
N MET B 249 32.57 1.92 -3.24
CA MET B 249 31.51 0.98 -3.58
C MET B 249 31.56 -0.25 -2.69
N GLY B 250 32.75 -0.83 -2.60
CA GLY B 250 32.95 -2.01 -1.78
C GLY B 250 32.57 -1.75 -0.34
N ALA B 251 32.91 -0.57 0.16
CA ALA B 251 32.58 -0.19 1.53
C ALA B 251 31.08 -0.23 1.78
N PHE B 252 30.30 0.35 0.86
CA PHE B 252 28.86 0.35 1.01
C PHE B 252 28.35 -1.08 0.97
N ASP B 253 28.74 -1.83 -0.06
CA ASP B 253 28.31 -3.23 -0.24
C ASP B 253 28.44 -4.01 1.07
N LYS B 254 29.55 -3.82 1.76
CA LYS B 254 29.84 -4.52 3.03
C LYS B 254 28.98 -3.97 4.23
N GLU B 255 28.98 -2.71 4.44
CA GLU B 255 28.27 -2.02 5.47
C GLU B 255 26.69 -1.87 5.26
N ARG B 256 26.12 -1.91 4.09
CA ARG B 256 24.66 -1.73 4.01
C ARG B 256 23.89 -2.74 4.88
N PRO B 257 24.29 -4.01 5.00
CA PRO B 257 23.56 -4.95 5.87
C PRO B 257 23.44 -4.48 7.32
N VAL B 258 24.52 -3.95 7.90
CA VAL B 258 24.46 -3.49 9.28
C VAL B 258 23.52 -2.29 9.41
N VAL B 259 23.40 -1.52 8.33
CA VAL B 259 22.50 -0.35 8.33
C VAL B 259 21.06 -0.85 8.30
N ALA B 260 20.83 -1.95 7.61
CA ALA B 260 19.51 -2.56 7.55
C ALA B 260 19.23 -3.05 8.95
N ALA B 261 20.26 -3.62 9.58
CA ALA B 261 20.15 -4.14 10.94
C ALA B 261 19.79 -3.03 11.93
N GLY B 262 20.15 -1.80 11.59
CA GLY B 262 19.81 -0.68 12.44
C GLY B 262 18.32 -0.42 12.33
N ALA B 263 17.79 -0.61 11.13
CA ALA B 263 16.36 -0.42 10.87
C ALA B 263 15.56 -1.45 11.67
N VAL B 264 15.92 -2.73 11.57
CA VAL B 264 15.20 -3.78 12.28
C VAL B 264 15.26 -3.57 13.80
N GLY B 265 16.32 -2.90 14.27
CA GLY B 265 16.46 -2.61 15.68
C GLY B 265 15.36 -1.65 16.07
N LEU B 266 15.26 -0.53 15.37
CA LEU B 266 14.24 0.47 15.62
C LEU B 266 12.87 -0.17 15.45
N ALA B 267 12.74 -1.02 14.44
CA ALA B 267 11.48 -1.71 14.14
C ALA B 267 11.05 -2.58 15.32
N GLN B 268 11.99 -3.35 15.85
CA GLN B 268 11.74 -4.21 16.99
C GLN B 268 11.22 -3.41 18.17
N ARG B 269 11.91 -2.32 18.48
CA ARG B 269 11.53 -1.47 19.59
C ARG B 269 10.10 -0.97 19.47
N ALA B 270 9.69 -0.60 18.27
CA ALA B 270 8.34 -0.13 18.06
C ALA B 270 7.36 -1.28 18.20
N LEU B 271 7.79 -2.47 17.80
CA LEU B 271 6.94 -3.65 17.89
C LEU B 271 6.74 -4.01 19.36
N ASP B 272 7.79 -3.88 20.16
CA ASP B 272 7.72 -4.18 21.58
C ASP B 272 6.90 -3.13 22.28
N GLU B 273 7.20 -1.86 22.03
CA GLU B 273 6.49 -0.78 22.68
C GLU B 273 4.99 -0.83 22.42
N ALA B 274 4.63 -0.92 21.15
CA ALA B 274 3.23 -0.96 20.76
C ALA B 274 2.46 -2.10 21.42
N THR B 275 3.04 -3.31 21.40
CA THR B 275 2.43 -4.50 21.99
C THR B 275 2.19 -4.38 23.49
N LYS B 276 3.25 -4.09 24.26
CA LYS B 276 3.11 -3.95 25.71
C LYS B 276 1.94 -3.02 26.06
N TYR B 277 1.81 -1.94 25.29
CA TYR B 277 0.73 -1.00 25.51
C TYR B 277 -0.63 -1.61 25.14
N ALA B 278 -0.73 -2.21 23.95
CA ALA B 278 -1.98 -2.82 23.49
C ALA B 278 -2.47 -3.83 24.51
N LEU B 279 -1.52 -4.44 25.21
CA LEU B 279 -1.79 -5.42 26.22
C LEU B 279 -2.18 -4.81 27.57
N GLU B 280 -2.01 -3.52 27.74
CA GLU B 280 -2.36 -2.83 28.99
C GLU B 280 -3.59 -1.93 28.85
N ARG B 281 -3.71 -1.28 27.70
CA ARG B 281 -4.82 -0.36 27.44
C ARG B 281 -6.11 -1.06 27.05
N LYS B 282 -7.16 -0.92 27.70
CA LYS B 282 -8.55 -1.33 27.39
C LYS B 282 -9.29 -0.16 26.76
N THR B 283 -10.08 -0.41 25.75
CA THR B 283 -10.78 0.73 25.13
C THR B 283 -12.31 0.54 25.12
N PHE B 284 -12.90 -0.29 24.30
CA PHE B 284 -14.39 -0.36 24.38
C PHE B 284 -14.80 -1.54 25.26
N GLY B 285 -14.10 -1.62 26.38
CA GLY B 285 -14.32 -2.67 27.39
C GLY B 285 -13.42 -3.87 27.09
N LYS B 286 -13.17 -4.12 25.75
CA LYS B 286 -12.21 -5.10 25.28
C LYS B 286 -10.81 -4.49 25.39
N LEU B 287 -9.80 -5.32 25.59
CA LEU B 287 -8.44 -4.81 25.64
C LEU B 287 -8.16 -4.31 24.23
N LEU B 288 -7.15 -3.44 24.10
CA LEU B 288 -6.78 -2.91 22.79
C LEU B 288 -6.43 -4.09 21.86
N VAL B 289 -5.61 -5.00 22.37
CA VAL B 289 -5.16 -6.16 21.60
C VAL B 289 -6.26 -7.14 21.17
N GLU B 290 -7.46 -6.98 21.73
CA GLU B 290 -8.59 -7.84 21.39
C GLU B 290 -9.35 -7.37 20.16
N HIS B 291 -9.19 -6.10 19.82
CA HIS B 291 -9.86 -5.52 18.66
C HIS B 291 -9.14 -5.97 17.40
N GLN B 292 -9.79 -6.85 16.64
CA GLN B 292 -9.24 -7.41 15.43
C GLN B 292 -8.35 -6.48 14.64
N ALA B 293 -8.78 -5.23 14.50
CA ALA B 293 -8.02 -4.23 13.77
C ALA B 293 -6.61 -4.09 14.34
N ILE B 294 -6.55 -3.88 15.65
CA ILE B 294 -5.30 -3.73 16.39
C ILE B 294 -4.45 -4.98 16.30
N SER B 295 -5.06 -6.14 16.55
CA SER B 295 -4.36 -7.42 16.52
C SER B 295 -3.75 -7.67 15.13
N PHE B 296 -4.46 -7.24 14.08
CA PHE B 296 -3.99 -7.42 12.73
C PHE B 296 -2.82 -6.49 12.48
N MET B 297 -2.83 -5.32 13.12
CA MET B 297 -1.73 -4.36 12.96
C MET B 297 -0.44 -4.97 13.53
N LEU B 298 -0.53 -5.52 14.74
CA LEU B 298 0.60 -6.15 15.41
C LEU B 298 1.07 -7.38 14.64
N ALA B 299 0.12 -8.02 13.96
CA ALA B 299 0.43 -9.19 13.18
C ALA B 299 1.35 -8.75 12.06
N GLU B 300 0.91 -7.76 11.29
CA GLU B 300 1.70 -7.25 10.18
C GLU B 300 2.98 -6.56 10.64
N MET B 301 2.92 -5.94 11.81
CA MET B 301 4.11 -5.30 12.34
C MET B 301 5.13 -6.41 12.64
N ALA B 302 4.64 -7.58 13.08
CA ALA B 302 5.50 -8.71 13.38
C ALA B 302 6.02 -9.30 12.07
N MET B 303 5.12 -9.46 11.11
CA MET B 303 5.46 -10.00 9.80
C MET B 303 6.59 -9.21 9.16
N LYS B 304 6.48 -7.87 9.14
CA LYS B 304 7.50 -7.01 8.55
C LYS B 304 8.88 -7.08 9.23
N VAL B 305 8.91 -6.83 10.54
CA VAL B 305 10.18 -6.85 11.27
C VAL B 305 10.92 -8.19 11.11
N GLU B 306 10.16 -9.28 11.03
CA GLU B 306 10.72 -10.62 10.83
C GLU B 306 11.45 -10.75 9.49
N LEU B 307 10.73 -10.47 8.42
CA LEU B 307 11.26 -10.55 7.09
C LEU B 307 12.48 -9.64 6.93
N ALA B 308 12.44 -8.49 7.59
CA ALA B 308 13.54 -7.55 7.54
C ALA B 308 14.79 -8.12 8.26
N ARG B 309 14.56 -8.89 9.32
CA ARG B 309 15.62 -9.51 10.09
C ARG B 309 16.37 -10.49 9.20
N MET B 310 15.59 -11.30 8.49
CA MET B 310 16.09 -12.34 7.60
C MET B 310 16.70 -11.78 6.33
N SER B 311 16.33 -10.57 5.93
CA SER B 311 16.89 -9.99 4.72
C SER B 311 18.33 -9.55 4.98
N TYR B 312 18.57 -8.83 6.08
CA TYR B 312 19.93 -8.40 6.37
C TYR B 312 20.84 -9.58 6.67
N GLN B 313 20.29 -10.60 7.34
CA GLN B 313 21.08 -11.78 7.65
C GLN B 313 21.59 -12.40 6.36
N ARG B 314 20.69 -12.64 5.42
CA ARG B 314 21.03 -13.22 4.11
C ARG B 314 22.09 -12.39 3.40
N ALA B 315 21.95 -11.07 3.49
CA ALA B 315 22.86 -10.14 2.86
C ALA B 315 24.25 -10.24 3.43
N ALA B 316 24.36 -10.25 4.76
CA ALA B 316 25.66 -10.34 5.41
C ALA B 316 26.30 -11.69 5.11
N TRP B 317 25.53 -12.75 5.29
CA TRP B 317 26.00 -14.09 5.03
C TRP B 317 26.52 -14.21 3.60
N GLU B 318 25.86 -13.52 2.66
CA GLU B 318 26.25 -13.53 1.27
C GLU B 318 27.65 -12.95 1.10
N VAL B 319 27.94 -11.86 1.81
CA VAL B 319 29.24 -11.19 1.74
C VAL B 319 30.32 -12.03 2.39
N ASP B 320 30.05 -12.51 3.60
CA ASP B 320 31.02 -13.33 4.32
C ASP B 320 31.31 -14.63 3.60
N SER B 321 30.32 -15.19 2.92
CA SER B 321 30.50 -16.42 2.15
C SER B 321 31.48 -16.06 1.03
N GLY B 322 31.71 -14.77 0.85
CA GLY B 322 32.64 -14.30 -0.15
C GLY B 322 31.99 -14.15 -1.50
N ARG B 323 30.76 -13.66 -1.52
CA ARG B 323 30.03 -13.48 -2.76
C ARG B 323 29.67 -11.99 -2.85
N ARG B 324 29.73 -11.40 -4.04
CA ARG B 324 29.36 -10.00 -4.15
C ARG B 324 27.89 -9.98 -3.74
N ASN B 325 27.59 -9.15 -2.77
CA ASN B 325 26.24 -9.07 -2.21
C ASN B 325 25.43 -7.87 -2.58
N THR B 326 25.86 -7.09 -3.56
CA THR B 326 25.13 -5.88 -3.93
C THR B 326 23.63 -6.09 -4.04
N TYR B 327 23.23 -7.16 -4.72
CA TYR B 327 21.83 -7.52 -4.90
C TYR B 327 21.07 -7.68 -3.58
N TYR B 328 21.56 -8.56 -2.71
CA TYR B 328 20.91 -8.82 -1.43
C TYR B 328 21.04 -7.70 -0.40
N ALA B 329 22.05 -6.85 -0.56
CA ALA B 329 22.28 -5.74 0.36
C ALA B 329 21.30 -4.62 0.07
N SER B 330 21.15 -4.28 -1.20
CA SER B 330 20.22 -3.24 -1.59
C SER B 330 18.79 -3.69 -1.28
N ILE B 331 18.50 -4.97 -1.49
CA ILE B 331 17.16 -5.48 -1.17
C ILE B 331 16.91 -5.29 0.33
N ALA B 332 17.87 -5.72 1.14
CA ALA B 332 17.80 -5.61 2.59
C ALA B 332 17.56 -4.17 3.05
N LYS B 333 18.43 -3.25 2.62
CA LYS B 333 18.34 -1.84 2.98
C LYS B 333 16.97 -1.27 2.56
N ALA B 334 16.62 -1.50 1.30
CA ALA B 334 15.37 -1.04 0.75
C ALA B 334 14.20 -1.40 1.65
N PHE B 335 13.99 -2.71 1.84
CA PHE B 335 12.90 -3.23 2.65
C PHE B 335 12.95 -2.81 4.13
N ALA B 336 14.06 -3.09 4.79
CA ALA B 336 14.22 -2.77 6.21
C ALA B 336 14.06 -1.29 6.55
N GLY B 337 14.66 -0.40 5.76
CA GLY B 337 14.54 1.02 6.02
C GLY B 337 13.10 1.46 5.83
N ASP B 338 12.44 0.85 4.84
CA ASP B 338 11.05 1.14 4.53
C ASP B 338 10.13 0.73 5.66
N ILE B 339 10.18 -0.55 6.02
CA ILE B 339 9.33 -1.08 7.08
C ILE B 339 9.68 -0.49 8.43
N ALA B 340 10.93 -0.09 8.64
CA ALA B 340 11.32 0.51 9.91
C ALA B 340 10.51 1.77 10.09
N ASN B 341 10.17 2.42 8.99
CA ASN B 341 9.37 3.63 9.05
C ASN B 341 7.88 3.30 9.14
N GLN B 342 7.47 2.14 8.65
CA GLN B 342 6.06 1.75 8.75
C GLN B 342 5.71 1.33 10.16
N LEU B 343 6.61 0.59 10.81
CA LEU B 343 6.36 0.12 12.16
C LEU B 343 6.40 1.25 13.17
N ALA B 344 7.33 2.18 12.99
CA ALA B 344 7.46 3.30 13.91
C ALA B 344 6.16 4.10 14.01
N THR B 345 5.57 4.43 12.87
CA THR B 345 4.34 5.20 12.86
C THR B 345 3.17 4.42 13.45
N ASP B 346 3.06 3.13 13.12
CA ASP B 346 1.97 2.31 13.65
C ASP B 346 2.03 2.21 15.18
N ALA B 347 3.24 2.28 15.72
CA ALA B 347 3.45 2.21 17.17
C ALA B 347 2.83 3.46 17.82
N VAL B 348 3.24 4.63 17.35
CA VAL B 348 2.72 5.88 17.90
C VAL B 348 1.21 5.95 17.65
N GLN B 349 0.72 5.17 16.68
CA GLN B 349 -0.69 5.15 16.33
C GLN B 349 -1.49 4.33 17.35
N ILE B 350 -0.94 3.19 17.74
CA ILE B 350 -1.59 2.35 18.71
C ILE B 350 -1.58 3.04 20.07
N LEU B 351 -0.48 3.72 20.38
CA LEU B 351 -0.31 4.44 21.63
C LEU B 351 -1.20 5.70 21.69
N GLY B 352 -2.01 5.91 20.66
CA GLY B 352 -2.92 7.06 20.60
C GLY B 352 -2.36 8.42 20.97
N GLY B 353 -3.13 9.16 21.75
CA GLY B 353 -2.71 10.49 22.17
C GLY B 353 -1.37 10.48 22.88
N ASN B 354 -1.10 9.41 23.63
CA ASN B 354 0.16 9.27 24.36
C ASN B 354 1.34 9.12 23.41
N GLY B 355 1.12 8.41 22.31
CA GLY B 355 2.17 8.20 21.34
C GLY B 355 2.72 9.44 20.67
N PHE B 356 1.93 10.51 20.65
CA PHE B 356 2.32 11.77 20.05
C PHE B 356 3.11 12.64 21.04
N ASN B 357 3.03 12.25 22.31
CA ASN B 357 3.67 12.96 23.42
C ASN B 357 5.15 12.59 23.62
N THR B 358 5.94 13.55 24.09
CA THR B 358 7.38 13.35 24.32
C THR B 358 7.81 12.43 25.46
N GLU B 359 6.92 12.14 26.38
CA GLU B 359 7.26 11.26 27.51
C GLU B 359 7.31 9.79 27.08
N TYR B 360 6.48 9.44 26.10
CA TYR B 360 6.45 8.08 25.62
C TYR B 360 7.56 7.88 24.62
N PRO B 361 8.15 6.67 24.59
CA PRO B 361 9.25 6.31 23.70
C PRO B 361 8.95 6.41 22.22
N VAL B 362 7.77 5.95 21.81
CA VAL B 362 7.33 5.92 20.43
C VAL B 362 7.61 7.12 19.52
N GLU B 363 7.29 8.32 19.98
CA GLU B 363 7.53 9.52 19.18
C GLU B 363 8.97 9.56 18.63
N LYS B 364 9.94 9.37 19.52
CA LYS B 364 11.36 9.39 19.15
C LYS B 364 11.63 8.35 18.07
N LEU B 365 11.07 7.16 18.24
CA LEU B 365 11.24 6.07 17.27
C LEU B 365 10.75 6.48 15.88
N MET B 366 9.74 7.36 15.82
CA MET B 366 9.23 7.80 14.53
C MET B 366 10.24 8.75 13.92
N ARG B 367 10.71 9.72 14.71
CA ARG B 367 11.68 10.69 14.23
C ARG B 367 12.99 10.06 13.74
N ASP B 368 13.43 9.01 14.45
CA ASP B 368 14.66 8.31 14.12
C ASP B 368 14.56 7.51 12.83
N ALA B 369 13.41 6.87 12.65
CA ALA B 369 13.16 6.01 11.52
C ALA B 369 13.45 6.55 10.13
N LYS B 370 13.02 7.77 9.88
CA LYS B 370 13.18 8.38 8.57
C LYS B 370 14.53 8.33 7.86
N ILE B 371 15.64 8.51 8.57
CA ILE B 371 16.95 8.48 7.90
C ILE B 371 17.36 7.14 7.30
N TYR B 372 16.63 6.08 7.65
CA TYR B 372 16.93 4.77 7.11
C TYR B 372 16.46 4.67 5.66
N GLN B 373 15.85 5.75 5.17
CA GLN B 373 15.41 5.83 3.80
C GLN B 373 16.17 6.96 3.13
N ILE B 374 17.18 7.46 3.82
CA ILE B 374 17.94 8.57 3.27
C ILE B 374 19.44 8.35 3.27
N TYR B 375 20.03 7.99 4.41
CA TYR B 375 21.46 7.76 4.41
C TYR B 375 21.82 6.30 4.12
N GLY B 376 23.03 6.08 3.62
CA GLY B 376 23.44 4.74 3.28
C GLY B 376 22.75 4.33 2.00
N GLY B 377 22.51 5.31 1.13
CA GLY B 377 21.82 5.09 -0.12
C GLY B 377 20.32 5.18 0.09
N THR B 378 19.66 6.16 -0.54
CA THR B 378 18.21 6.35 -0.41
C THR B 378 17.45 5.20 -1.03
N SER B 379 16.24 4.98 -0.53
CA SER B 379 15.39 3.90 -1.00
C SER B 379 15.27 3.83 -2.53
N GLN B 380 15.27 4.99 -3.18
CA GLN B 380 15.18 5.01 -4.64
C GLN B 380 16.45 4.47 -5.28
N ILE B 381 17.59 4.80 -4.68
CA ILE B 381 18.88 4.32 -5.19
C ILE B 381 18.94 2.81 -5.01
N GLN B 382 18.38 2.31 -3.91
CA GLN B 382 18.36 0.88 -3.64
C GLN B 382 17.56 0.13 -4.71
N ARG B 383 16.45 0.71 -5.14
CA ARG B 383 15.61 0.12 -6.19
C ARG B 383 16.40 0.11 -7.47
N LEU B 384 17.01 1.25 -7.77
CA LEU B 384 17.80 1.42 -8.97
C LEU B 384 18.89 0.35 -9.08
N ILE B 385 19.53 0.02 -7.97
CA ILE B 385 20.59 -0.97 -7.94
C ILE B 385 20.02 -2.38 -8.16
N VAL B 386 18.94 -2.68 -7.46
CA VAL B 386 18.29 -3.98 -7.55
C VAL B 386 17.76 -4.27 -8.97
N ALA B 387 17.29 -3.23 -9.65
CA ALA B 387 16.81 -3.41 -11.00
C ALA B 387 18.03 -3.54 -11.92
N ARG B 388 19.13 -2.91 -11.51
CA ARG B 388 20.36 -2.96 -12.29
C ARG B 388 20.94 -4.38 -12.21
N GLU B 389 20.77 -5.01 -11.05
CA GLU B 389 21.28 -6.37 -10.84
C GLU B 389 20.35 -7.44 -11.36
N HIS B 390 19.06 -7.21 -11.23
CA HIS B 390 18.05 -8.14 -11.70
C HIS B 390 18.09 -8.31 -13.21
N ILE B 391 17.91 -7.22 -13.94
CA ILE B 391 17.92 -7.25 -15.40
C ILE B 391 19.19 -7.86 -16.00
N ASP B 392 20.34 -7.50 -15.46
CA ASP B 392 21.60 -8.02 -15.96
C ASP B 392 21.69 -9.53 -15.95
N LYS B 393 20.72 -10.18 -15.31
CA LYS B 393 20.67 -11.63 -15.28
C LYS B 393 19.98 -12.10 -16.55
N TYR B 394 18.93 -11.37 -16.95
CA TYR B 394 18.15 -11.72 -18.14
C TYR B 394 18.75 -11.15 -19.42
N LYS B 395 19.42 -10.01 -19.28
CA LYS B 395 20.06 -9.33 -20.41
C LYS B 395 21.01 -10.31 -21.11
N ASN B 396 20.71 -10.62 -22.38
CA ASN B 396 21.52 -11.52 -23.21
C ASN B 396 21.47 -12.96 -22.68
N LEU C 10 25.87 -25.25 12.84
CA LEU C 10 26.91 -24.26 13.28
C LEU C 10 26.36 -22.84 13.06
N GLY C 11 26.85 -22.13 12.05
CA GLY C 11 26.36 -20.78 11.81
C GLY C 11 25.19 -20.78 10.84
N PHE C 12 24.92 -19.62 10.26
CA PHE C 12 23.85 -19.51 9.29
C PHE C 12 24.35 -20.06 7.97
N SER C 13 23.44 -20.59 7.17
CA SER C 13 23.77 -21.14 5.86
C SER C 13 22.56 -20.94 4.96
N PHE C 14 22.84 -20.58 3.72
CA PHE C 14 21.80 -20.38 2.73
C PHE C 14 22.22 -21.21 1.54
N GLU C 15 22.93 -22.30 1.81
CA GLU C 15 23.40 -23.17 0.76
C GLU C 15 22.67 -24.50 0.76
N PHE C 16 22.10 -24.86 -0.40
CA PHE C 16 21.40 -26.14 -0.55
C PHE C 16 22.48 -27.22 -0.48
N THR C 17 22.07 -28.44 -0.19
CA THR C 17 23.01 -29.57 -0.15
C THR C 17 23.20 -30.00 -1.62
N GLU C 18 24.00 -31.04 -1.85
CA GLU C 18 24.18 -31.53 -3.22
C GLU C 18 22.90 -32.24 -3.65
N GLN C 19 22.34 -33.04 -2.72
CA GLN C 19 21.10 -33.77 -2.97
C GLN C 19 19.97 -32.80 -3.31
N GLN C 20 19.89 -31.71 -2.56
CA GLN C 20 18.86 -30.72 -2.81
C GLN C 20 19.06 -30.10 -4.19
N LYS C 21 20.30 -29.78 -4.55
CA LYS C 21 20.55 -29.20 -5.86
C LYS C 21 20.14 -30.15 -6.98
N GLU C 22 20.41 -31.44 -6.81
CA GLU C 22 20.05 -32.45 -7.79
C GLU C 22 18.52 -32.51 -7.93
N PHE C 23 17.84 -32.56 -6.79
CA PHE C 23 16.38 -32.58 -6.77
C PHE C 23 15.84 -31.33 -7.44
N GLN C 24 16.35 -30.17 -7.03
CA GLN C 24 15.90 -28.91 -7.60
C GLN C 24 16.01 -28.98 -9.12
N ALA C 25 17.18 -29.40 -9.62
CA ALA C 25 17.41 -29.51 -11.06
C ALA C 25 16.35 -30.36 -11.70
N THR C 26 16.29 -31.64 -11.31
CA THR C 26 15.30 -32.59 -11.82
C THR C 26 13.91 -31.94 -11.90
N ALA C 27 13.54 -31.27 -10.82
CA ALA C 27 12.26 -30.59 -10.72
C ALA C 27 12.15 -29.48 -11.74
N ARG C 28 13.20 -28.66 -11.84
CA ARG C 28 13.22 -27.53 -12.74
C ARG C 28 13.11 -27.92 -14.20
N LYS C 29 13.99 -28.82 -14.64
CA LYS C 29 13.99 -29.26 -16.03
C LYS C 29 12.62 -29.77 -16.41
N PHE C 30 11.98 -30.46 -15.47
CA PHE C 30 10.64 -31.04 -15.66
C PHE C 30 9.58 -29.97 -15.92
N ALA C 31 9.44 -28.99 -15.02
CA ALA C 31 8.45 -27.94 -15.21
C ALA C 31 8.78 -27.10 -16.45
N ARG C 32 10.06 -26.76 -16.57
CA ARG C 32 10.57 -25.97 -17.66
C ARG C 32 10.27 -26.56 -19.04
N GLU C 33 10.54 -27.85 -19.18
CA GLU C 33 10.34 -28.52 -20.45
C GLU C 33 9.09 -29.38 -20.58
N GLU C 34 8.66 -30.01 -19.49
CA GLU C 34 7.47 -30.87 -19.57
C GLU C 34 6.15 -30.23 -19.19
N ILE C 35 6.15 -29.32 -18.24
CA ILE C 35 4.91 -28.70 -17.83
C ILE C 35 4.54 -27.43 -18.61
N ILE C 36 5.37 -26.40 -18.51
CA ILE C 36 5.15 -25.11 -19.18
C ILE C 36 4.45 -25.19 -20.54
N PRO C 37 4.90 -26.06 -21.46
CA PRO C 37 4.24 -26.15 -22.77
C PRO C 37 2.76 -26.52 -22.70
N VAL C 38 2.48 -27.74 -22.27
CA VAL C 38 1.12 -28.28 -22.16
C VAL C 38 0.17 -27.60 -21.17
N ALA C 39 0.72 -26.89 -20.18
CA ALA C 39 -0.09 -26.22 -19.18
C ALA C 39 -1.17 -25.30 -19.76
N ALA C 40 -0.86 -24.66 -20.89
CA ALA C 40 -1.79 -23.75 -21.56
C ALA C 40 -3.07 -24.47 -21.97
N GLU C 41 -2.92 -25.62 -22.63
CA GLU C 41 -4.05 -26.42 -23.08
C GLU C 41 -4.85 -26.97 -21.89
N TYR C 42 -4.14 -27.62 -20.96
CA TYR C 42 -4.76 -28.18 -19.78
C TYR C 42 -5.58 -27.14 -19.01
N ASP C 43 -5.10 -25.89 -19.03
CA ASP C 43 -5.82 -24.82 -18.35
C ASP C 43 -7.14 -24.50 -19.04
N LYS C 44 -7.11 -24.46 -20.35
CA LYS C 44 -8.31 -24.16 -21.12
C LYS C 44 -9.32 -25.31 -21.15
N THR C 45 -8.81 -26.53 -21.27
CA THR C 45 -9.66 -27.69 -21.33
C THR C 45 -10.15 -28.15 -19.96
N GLY C 46 -9.52 -27.68 -18.90
CA GLY C 46 -9.94 -28.08 -17.56
C GLY C 46 -9.77 -29.57 -17.32
N GLU C 47 -9.04 -30.20 -18.23
CA GLU C 47 -8.77 -31.62 -18.17
C GLU C 47 -7.68 -31.94 -17.17
N TYR C 48 -7.90 -32.99 -16.39
CA TYR C 48 -6.94 -33.45 -15.39
C TYR C 48 -5.63 -33.82 -16.11
N PRO C 49 -4.49 -33.32 -15.60
CA PRO C 49 -3.16 -33.56 -16.14
C PRO C 49 -2.55 -34.93 -15.81
N VAL C 50 -3.32 -35.99 -16.00
CA VAL C 50 -2.85 -37.35 -15.71
C VAL C 50 -1.40 -37.64 -16.14
N PRO C 51 -1.04 -37.31 -17.39
CA PRO C 51 0.30 -37.56 -17.89
C PRO C 51 1.43 -36.85 -17.11
N LEU C 52 1.28 -35.54 -16.94
CA LEU C 52 2.27 -34.75 -16.21
C LEU C 52 2.40 -35.33 -14.81
N ILE C 53 1.27 -35.71 -14.21
CA ILE C 53 1.29 -36.30 -12.88
C ILE C 53 2.08 -37.61 -12.89
N ARG C 54 1.75 -38.52 -13.80
CA ARG C 54 2.46 -39.78 -13.86
C ARG C 54 3.96 -39.65 -14.05
N ARG C 55 4.38 -38.70 -14.89
CA ARG C 55 5.81 -38.49 -15.12
C ARG C 55 6.45 -38.00 -13.84
N ALA C 56 5.72 -37.13 -13.13
CA ALA C 56 6.18 -36.58 -11.87
C ALA C 56 6.37 -37.73 -10.90
N TRP C 57 5.41 -38.65 -10.87
CA TRP C 57 5.47 -39.80 -10.00
C TRP C 57 6.66 -40.71 -10.31
N GLU C 58 6.95 -40.94 -11.59
CA GLU C 58 8.09 -41.79 -11.88
C GLU C 58 9.42 -41.06 -11.67
N LEU C 59 9.41 -39.74 -11.80
CA LEU C 59 10.63 -38.96 -11.60
C LEU C 59 10.93 -38.87 -10.10
N GLY C 60 9.91 -39.04 -9.27
CA GLY C 60 10.08 -38.97 -7.84
C GLY C 60 9.86 -37.60 -7.24
N LEU C 61 9.23 -36.78 -7.95
CA LEU C 61 8.87 -35.46 -7.43
C LEU C 61 7.51 -35.46 -6.75
N MET C 62 6.98 -36.62 -6.41
CA MET C 62 5.62 -36.63 -5.84
C MET C 62 5.45 -36.95 -4.34
N ASN C 63 5.56 -38.18 -3.94
CA ASN C 63 5.34 -38.51 -2.51
C ASN C 63 6.65 -38.53 -1.74
N THR C 64 7.28 -37.37 -1.79
CA THR C 64 8.60 -37.12 -1.16
C THR C 64 8.54 -36.98 0.38
N HIS C 65 7.55 -37.60 0.99
CA HIS C 65 7.40 -37.56 2.46
C HIS C 65 7.18 -38.97 3.00
N ILE C 66 6.80 -39.87 2.10
CA ILE C 66 6.57 -41.26 2.48
C ILE C 66 7.92 -41.81 2.94
N PRO C 67 7.95 -42.36 4.16
CA PRO C 67 9.13 -42.94 4.79
C PRO C 67 9.95 -43.89 3.93
N GLU C 68 11.27 -43.76 4.07
CA GLU C 68 12.24 -44.58 3.36
C GLU C 68 11.92 -46.07 3.58
N ASN C 69 11.48 -46.44 4.78
CA ASN C 69 11.14 -47.84 5.04
C ASN C 69 9.69 -48.16 4.66
N CYS C 70 9.16 -47.40 3.71
CA CYS C 70 7.79 -47.59 3.21
C CYS C 70 7.85 -47.44 1.70
N GLY C 71 9.05 -47.58 1.14
CA GLY C 71 9.22 -47.43 -0.29
C GLY C 71 9.29 -45.97 -0.68
N GLY C 72 9.24 -45.10 0.32
CA GLY C 72 9.30 -43.69 0.06
C GLY C 72 10.71 -43.18 0.07
N LEU C 73 10.87 -41.88 -0.18
CA LEU C 73 12.17 -41.25 -0.20
C LEU C 73 12.57 -40.78 1.21
N GLY C 74 11.58 -40.36 1.98
CA GLY C 74 11.84 -39.87 3.32
C GLY C 74 12.46 -38.48 3.31
N LEU C 75 11.95 -37.62 2.42
CA LEU C 75 12.42 -36.25 2.28
C LEU C 75 11.72 -35.34 3.30
N GLY C 76 12.36 -34.23 3.64
CA GLY C 76 11.76 -33.33 4.61
C GLY C 76 10.89 -32.26 4.00
N THR C 77 10.33 -31.41 4.85
CA THR C 77 9.48 -30.32 4.40
C THR C 77 10.28 -29.34 3.55
N PHE C 78 11.55 -29.13 3.90
CA PHE C 78 12.43 -28.23 3.15
C PHE C 78 12.59 -28.75 1.73
N ASP C 79 12.75 -30.06 1.61
CA ASP C 79 12.93 -30.70 0.31
C ASP C 79 11.66 -30.57 -0.53
N ALA C 80 10.51 -30.90 0.04
CA ALA C 80 9.27 -30.80 -0.70
C ALA C 80 9.11 -29.39 -1.23
N CYS C 81 9.38 -28.41 -0.37
CA CYS C 81 9.29 -27.00 -0.71
C CYS C 81 10.01 -26.62 -2.00
N LEU C 82 11.32 -26.86 -2.06
CA LEU C 82 12.12 -26.51 -3.24
C LEU C 82 11.63 -27.16 -4.51
N ILE C 83 11.19 -28.42 -4.40
CA ILE C 83 10.66 -29.12 -5.57
C ILE C 83 9.41 -28.39 -6.02
N SER C 84 8.52 -28.14 -5.08
CA SER C 84 7.24 -27.48 -5.34
C SER C 84 7.32 -26.09 -5.96
N GLU C 85 8.33 -25.31 -5.58
CA GLU C 85 8.48 -23.98 -6.17
C GLU C 85 8.67 -24.13 -7.67
N GLU C 86 9.37 -25.19 -8.07
CA GLU C 86 9.65 -25.45 -9.48
C GLU C 86 8.42 -25.90 -10.24
N LEU C 87 7.77 -26.96 -9.74
CA LEU C 87 6.56 -27.49 -10.35
C LEU C 87 5.56 -26.37 -10.54
N ALA C 88 5.39 -25.57 -9.48
CA ALA C 88 4.48 -24.44 -9.50
C ALA C 88 4.88 -23.47 -10.59
N TYR C 89 6.16 -23.12 -10.65
CA TYR C 89 6.68 -22.19 -11.65
C TYR C 89 6.15 -22.58 -13.04
N GLY C 90 6.08 -23.88 -13.29
CA GLY C 90 5.58 -24.35 -14.56
C GLY C 90 4.08 -24.17 -14.61
N CYS C 91 3.40 -24.60 -13.55
CA CYS C 91 1.94 -24.49 -13.46
C CYS C 91 1.42 -24.91 -12.10
N THR C 92 0.72 -24.00 -11.44
CA THR C 92 0.14 -24.27 -10.13
C THR C 92 -1.02 -25.26 -10.18
N GLY C 93 -1.76 -25.30 -11.29
CA GLY C 93 -2.88 -26.22 -11.39
C GLY C 93 -2.39 -27.66 -11.24
N VAL C 94 -1.28 -27.96 -11.90
CA VAL C 94 -0.67 -29.28 -11.84
C VAL C 94 0.03 -29.47 -10.50
N GLN C 95 0.73 -28.44 -10.03
CA GLN C 95 1.44 -28.54 -8.75
C GLN C 95 0.44 -28.87 -7.66
N THR C 96 -0.60 -28.04 -7.53
CA THR C 96 -1.63 -28.23 -6.53
C THR C 96 -2.26 -29.61 -6.62
N ALA C 97 -2.34 -30.15 -7.82
CA ALA C 97 -2.90 -31.48 -8.04
C ALA C 97 -1.95 -32.50 -7.40
N ILE C 98 -0.66 -32.26 -7.56
CA ILE C 98 0.38 -33.13 -7.00
C ILE C 98 0.63 -32.88 -5.51
N GLU C 99 0.51 -31.62 -5.08
CA GLU C 99 0.74 -31.30 -3.68
C GLU C 99 -0.37 -31.81 -2.81
N GLY C 100 -1.58 -31.87 -3.36
CA GLY C 100 -2.71 -32.37 -2.60
C GLY C 100 -2.38 -33.73 -2.02
N ASN C 101 -1.69 -34.54 -2.80
CA ASN C 101 -1.30 -35.88 -2.38
C ASN C 101 -0.58 -35.91 -1.05
N SER C 102 0.42 -35.05 -0.89
CA SER C 102 1.18 -35.01 0.35
C SER C 102 0.36 -34.48 1.49
N LEU C 103 -0.55 -33.55 1.20
CA LEU C 103 -1.38 -33.01 2.26
C LEU C 103 -2.25 -34.15 2.82
N GLY C 104 -2.82 -34.94 1.93
CA GLY C 104 -3.66 -36.05 2.37
C GLY C 104 -2.87 -37.07 3.19
N GLN C 105 -1.65 -37.33 2.77
CA GLN C 105 -0.78 -38.29 3.45
C GLN C 105 -0.17 -37.80 4.75
N MET C 106 -0.20 -36.48 4.95
CA MET C 106 0.41 -35.90 6.15
C MET C 106 -0.09 -36.43 7.51
N PRO C 107 -1.42 -36.49 7.73
CA PRO C 107 -1.91 -37.00 9.02
C PRO C 107 -1.43 -38.43 9.30
N ILE C 108 -1.26 -39.22 8.26
CA ILE C 108 -0.79 -40.59 8.44
C ILE C 108 0.69 -40.54 8.80
N ILE C 109 1.46 -39.69 8.10
CA ILE C 109 2.90 -39.57 8.37
C ILE C 109 3.15 -39.07 9.77
N ILE C 110 2.45 -38.02 10.18
CA ILE C 110 2.63 -37.47 11.51
C ILE C 110 1.87 -38.17 12.64
N ALA C 111 0.89 -39.02 12.30
CA ALA C 111 0.11 -39.68 13.35
C ALA C 111 -0.44 -41.08 13.11
N GLY C 112 -0.02 -41.74 12.05
CA GLY C 112 -0.53 -43.07 11.77
C GLY C 112 0.44 -44.13 12.25
N ASN C 113 -0.08 -45.23 12.78
CA ASN C 113 0.77 -46.31 13.26
C ASN C 113 1.32 -47.10 12.09
N ASP C 114 2.34 -47.91 12.37
CA ASP C 114 3.03 -48.71 11.38
C ASP C 114 2.17 -49.45 10.38
N GLN C 115 1.05 -49.98 10.84
CA GLN C 115 0.16 -50.72 9.95
C GLN C 115 -0.57 -49.80 8.98
N GLN C 116 -1.06 -48.68 9.48
CA GLN C 116 -1.77 -47.73 8.63
C GLN C 116 -0.79 -47.18 7.60
N LYS C 117 0.48 -47.10 7.98
CA LYS C 117 1.50 -46.58 7.09
C LYS C 117 1.84 -47.57 5.96
N LYS C 118 2.18 -48.81 6.31
CA LYS C 118 2.49 -49.79 5.28
C LYS C 118 1.37 -49.80 4.26
N LYS C 119 0.15 -49.91 4.77
CA LYS C 119 -1.07 -49.99 3.97
C LYS C 119 -1.34 -48.79 3.06
N TYR C 120 -1.79 -47.68 3.65
CA TYR C 120 -2.14 -46.49 2.87
C TYR C 120 -0.99 -45.65 2.28
N LEU C 121 0.19 -45.73 2.87
CA LEU C 121 1.34 -44.99 2.38
C LEU C 121 2.04 -45.83 1.35
N GLY C 122 2.47 -47.02 1.77
CA GLY C 122 3.19 -47.93 0.89
C GLY C 122 2.50 -48.17 -0.43
N ARG C 123 1.17 -48.07 -0.41
CA ARG C 123 0.35 -48.25 -1.59
C ARG C 123 0.71 -47.23 -2.67
N MET C 124 0.90 -45.97 -2.27
CA MET C 124 1.23 -44.91 -3.21
C MET C 124 2.64 -45.10 -3.82
N THR C 125 3.41 -46.03 -3.27
CA THR C 125 4.76 -46.34 -3.75
C THR C 125 4.64 -47.19 -5.01
N GLU C 126 3.70 -48.11 -5.00
CA GLU C 126 3.50 -49.05 -6.10
C GLU C 126 2.84 -48.50 -7.38
N GLU C 127 1.91 -47.57 -7.27
CA GLU C 127 1.23 -47.06 -8.46
C GLU C 127 0.87 -45.58 -8.26
N PRO C 128 0.89 -44.77 -9.34
CA PRO C 128 0.58 -43.35 -9.23
C PRO C 128 -0.85 -43.06 -8.78
N LEU C 129 -1.13 -43.35 -7.52
CA LEU C 129 -2.45 -43.13 -6.95
C LEU C 129 -2.47 -41.74 -6.36
N MET C 130 -3.67 -41.18 -6.27
CA MET C 130 -3.87 -39.86 -5.69
C MET C 130 -4.69 -40.06 -4.42
N CYS C 131 -4.85 -39.00 -3.65
CA CYS C 131 -5.66 -39.03 -2.42
C CYS C 131 -6.03 -37.60 -2.09
N ALA C 132 -6.89 -37.41 -1.09
CA ALA C 132 -7.29 -36.06 -0.75
C ALA C 132 -7.47 -35.83 0.73
N TYR C 133 -7.42 -34.55 1.08
CA TYR C 133 -7.58 -34.06 2.43
C TYR C 133 -9.01 -33.51 2.49
N CYS C 134 -9.87 -34.18 3.24
CA CYS C 134 -11.28 -33.79 3.39
C CYS C 134 -11.59 -33.16 4.74
N VAL C 135 -11.79 -31.84 4.74
CA VAL C 135 -12.13 -31.12 5.97
C VAL C 135 -13.15 -30.01 5.73
N THR C 136 -12.84 -29.08 4.83
CA THR C 136 -13.72 -27.95 4.51
C THR C 136 -15.13 -28.41 4.15
N GLU C 137 -16.11 -27.60 4.52
CA GLU C 137 -17.51 -27.89 4.27
C GLU C 137 -18.23 -26.68 3.70
N PRO C 138 -19.41 -26.90 3.08
CA PRO C 138 -20.19 -25.82 2.47
C PRO C 138 -20.43 -24.64 3.41
N GLY C 139 -20.44 -24.89 4.72
CA GLY C 139 -20.65 -23.82 5.65
C GLY C 139 -19.63 -23.85 6.77
N ALA C 140 -18.39 -24.15 6.43
CA ALA C 140 -17.31 -24.22 7.42
C ALA C 140 -15.96 -24.42 6.76
N GLY C 141 -15.15 -23.37 6.73
CA GLY C 141 -13.83 -23.47 6.12
C GLY C 141 -12.71 -23.03 7.05
N SER C 142 -12.64 -21.72 7.31
CA SER C 142 -11.60 -21.16 8.17
C SER C 142 -11.84 -21.61 9.61
N ASP C 143 -13.10 -21.67 10.01
CA ASP C 143 -13.45 -22.11 11.35
C ASP C 143 -13.52 -23.63 11.36
N VAL C 144 -12.38 -24.27 11.58
CA VAL C 144 -12.32 -25.74 11.58
C VAL C 144 -13.30 -26.44 12.50
N ALA C 145 -13.34 -25.99 13.75
CA ALA C 145 -14.22 -26.59 14.74
C ALA C 145 -15.71 -26.37 14.49
N GLY C 146 -16.05 -26.00 13.27
CA GLY C 146 -17.45 -25.78 12.96
C GLY C 146 -17.99 -26.83 12.01
N ILE C 147 -17.19 -27.83 11.68
CA ILE C 147 -17.67 -28.85 10.78
C ILE C 147 -18.79 -29.64 11.44
N LYS C 148 -19.73 -30.10 10.63
CA LYS C 148 -20.88 -30.81 11.13
C LYS C 148 -20.90 -32.28 10.72
N THR C 149 -20.08 -32.65 9.75
CA THR C 149 -20.03 -34.05 9.30
C THR C 149 -19.69 -34.84 10.55
N LYS C 150 -20.55 -35.80 10.89
CA LYS C 150 -20.39 -36.61 12.07
C LYS C 150 -19.94 -38.02 11.80
N ALA C 151 -19.54 -38.71 12.87
CA ALA C 151 -19.11 -40.09 12.76
C ALA C 151 -19.40 -40.78 14.09
N GLU C 152 -20.60 -41.33 14.19
CA GLU C 152 -21.02 -42.03 15.40
C GLU C 152 -20.52 -43.48 15.40
N LYS C 153 -19.98 -43.91 16.55
CA LYS C 153 -19.51 -45.28 16.69
C LYS C 153 -20.69 -46.22 16.57
N LYS C 154 -20.42 -47.43 16.16
CA LYS C 154 -21.46 -48.44 15.98
C LYS C 154 -20.67 -49.72 15.95
N GLY C 155 -20.40 -50.24 17.14
CA GLY C 155 -19.65 -51.46 17.28
C GLY C 155 -18.18 -51.21 16.98
N ASP C 156 -17.68 -51.88 15.95
CA ASP C 156 -16.29 -51.72 15.59
C ASP C 156 -16.18 -50.90 14.31
N GLU C 157 -17.10 -49.95 14.16
CA GLU C 157 -17.16 -49.07 13.02
C GLU C 157 -17.73 -47.72 13.46
N TYR C 158 -17.45 -46.70 12.65
CA TYR C 158 -17.96 -45.37 12.90
C TYR C 158 -18.79 -45.14 11.65
N ILE C 159 -20.07 -44.85 11.80
CA ILE C 159 -20.91 -44.58 10.64
C ILE C 159 -20.90 -43.06 10.40
N ILE C 160 -20.41 -42.67 9.17
CA ILE C 160 -20.21 -41.23 8.94
C ILE C 160 -21.26 -40.67 7.97
N ASN C 161 -21.84 -39.56 8.42
CA ASN C 161 -22.85 -38.76 7.70
C ASN C 161 -22.35 -37.32 7.56
N GLY C 162 -22.55 -36.73 6.40
CA GLY C 162 -22.10 -35.34 6.18
C GLY C 162 -21.52 -35.14 4.77
N GLN C 163 -21.38 -33.86 4.40
CA GLN C 163 -20.77 -33.58 3.11
C GLN C 163 -19.61 -32.61 3.23
N LYS C 164 -18.61 -32.78 2.36
CA LYS C 164 -17.43 -31.93 2.35
C LYS C 164 -17.41 -31.12 1.08
N MET C 165 -16.74 -29.97 1.11
CA MET C 165 -16.68 -29.09 -0.04
C MET C 165 -15.29 -28.62 -0.47
N TRP C 166 -15.15 -28.40 -1.78
CA TRP C 166 -13.91 -27.91 -2.37
C TRP C 166 -12.71 -28.83 -2.26
N ILE C 167 -12.94 -30.10 -1.95
CA ILE C 167 -11.89 -31.11 -1.83
C ILE C 167 -11.03 -31.28 -3.10
N THR C 168 -9.74 -30.98 -3.00
CA THR C 168 -8.81 -31.14 -4.12
C THR C 168 -8.57 -32.64 -4.33
N ASN C 169 -8.57 -33.08 -5.59
CA ASN C 169 -8.39 -34.48 -5.99
C ASN C 169 -9.57 -35.33 -5.51
N GLY C 170 -10.61 -34.66 -5.06
CA GLY C 170 -11.81 -35.31 -4.55
C GLY C 170 -12.41 -36.42 -5.37
N GLY C 171 -12.48 -36.24 -6.68
CA GLY C 171 -13.07 -37.29 -7.50
C GLY C 171 -12.07 -38.19 -8.16
N LYS C 172 -10.78 -37.99 -7.89
CA LYS C 172 -9.73 -38.81 -8.52
C LYS C 172 -8.79 -39.45 -7.48
N ALA C 173 -9.31 -39.70 -6.28
CA ALA C 173 -8.50 -40.27 -5.21
C ALA C 173 -8.84 -41.72 -4.85
N ASN C 174 -7.80 -42.45 -4.43
CA ASN C 174 -7.93 -43.85 -4.05
C ASN C 174 -8.37 -44.01 -2.59
N TRP C 175 -7.94 -43.09 -1.75
CA TRP C 175 -8.31 -43.07 -0.33
C TRP C 175 -8.31 -41.61 0.12
N TYR C 176 -8.97 -41.34 1.24
CA TYR C 176 -9.10 -39.99 1.78
C TYR C 176 -8.74 -39.83 3.25
N PHE C 177 -8.45 -38.57 3.62
CA PHE C 177 -8.21 -38.24 5.01
C PHE C 177 -9.52 -37.51 5.26
N LEU C 178 -10.25 -37.89 6.29
CA LEU C 178 -11.53 -37.25 6.59
C LEU C 178 -11.61 -36.84 8.06
N LEU C 179 -11.93 -35.56 8.30
CA LEU C 179 -12.04 -35.03 9.66
C LEU C 179 -13.53 -34.82 9.92
N ALA C 180 -14.05 -35.47 10.95
CA ALA C 180 -15.47 -35.37 11.28
C ALA C 180 -15.68 -35.26 12.78
N ARG C 181 -16.81 -34.68 13.18
CA ARG C 181 -17.12 -34.52 14.59
C ARG C 181 -17.48 -35.87 15.18
N SER C 182 -16.92 -36.17 16.35
CA SER C 182 -17.16 -37.44 17.02
C SER C 182 -17.84 -37.27 18.38
N ASP C 183 -18.04 -36.03 18.79
CA ASP C 183 -18.69 -35.80 20.07
C ASP C 183 -19.97 -35.06 19.83
N PRO C 184 -21.09 -35.64 20.30
CA PRO C 184 -22.44 -35.07 20.17
C PRO C 184 -22.56 -33.73 20.90
N ASP C 185 -22.26 -33.73 22.20
CA ASP C 185 -22.35 -32.51 23.00
C ASP C 185 -21.60 -31.39 22.30
N PRO C 186 -22.33 -30.35 21.87
CA PRO C 186 -21.74 -29.20 21.18
C PRO C 186 -20.63 -28.56 21.99
N LYS C 187 -20.88 -28.38 23.28
CA LYS C 187 -19.92 -27.77 24.20
C LYS C 187 -18.58 -28.51 24.32
N ALA C 188 -18.51 -29.72 23.75
CA ALA C 188 -17.28 -30.50 23.81
C ALA C 188 -16.18 -29.71 23.08
N PRO C 189 -15.08 -29.42 23.78
CA PRO C 189 -13.95 -28.69 23.22
C PRO C 189 -13.30 -29.32 21.99
N ALA C 190 -12.91 -28.46 21.05
CA ALA C 190 -12.29 -28.89 19.80
C ALA C 190 -11.18 -29.94 19.97
N ASN C 191 -10.41 -29.81 21.06
CA ASN C 191 -9.31 -30.73 21.32
C ASN C 191 -9.69 -32.12 21.82
N LYS C 192 -10.95 -32.51 21.59
CA LYS C 192 -11.43 -33.84 21.97
C LYS C 192 -12.78 -34.17 21.30
N ALA C 193 -13.32 -33.20 20.56
CA ALA C 193 -14.59 -33.36 19.87
C ALA C 193 -14.50 -33.95 18.47
N PHE C 194 -13.35 -33.78 17.81
CA PHE C 194 -13.16 -34.22 16.44
C PHE C 194 -12.30 -35.46 16.29
N THR C 195 -12.54 -36.23 15.22
CA THR C 195 -11.77 -37.44 14.98
C THR C 195 -11.40 -37.66 13.51
N GLY C 196 -10.11 -37.87 13.27
CA GLY C 196 -9.63 -38.06 11.91
C GLY C 196 -9.66 -39.52 11.51
N PHE C 197 -10.45 -39.84 10.49
CA PHE C 197 -10.57 -41.21 10.02
C PHE C 197 -9.94 -41.32 8.64
N ILE C 198 -9.49 -42.53 8.28
CA ILE C 198 -8.89 -42.78 6.96
C ILE C 198 -9.94 -43.51 6.11
N VAL C 199 -10.62 -42.79 5.23
CA VAL C 199 -11.66 -43.41 4.41
C VAL C 199 -11.16 -43.89 3.06
N GLU C 200 -11.56 -45.09 2.65
CA GLU C 200 -11.18 -45.60 1.33
C GLU C 200 -12.22 -45.04 0.35
N ALA C 201 -11.78 -44.55 -0.80
CA ALA C 201 -12.71 -43.99 -1.78
C ALA C 201 -13.65 -45.05 -2.34
N ASP C 202 -13.17 -46.28 -2.34
CA ASP C 202 -13.91 -47.43 -2.86
C ASP C 202 -15.06 -47.86 -1.95
N THR C 203 -15.24 -47.14 -0.83
CA THR C 203 -16.28 -47.46 0.14
C THR C 203 -17.66 -47.00 -0.27
N PRO C 204 -18.66 -47.84 -0.06
CA PRO C 204 -20.04 -47.53 -0.41
C PRO C 204 -20.61 -46.55 0.62
N GLY C 205 -21.44 -45.64 0.13
CA GLY C 205 -22.05 -44.63 0.99
C GLY C 205 -21.63 -43.25 0.52
N ILE C 206 -20.47 -43.20 -0.14
CA ILE C 206 -19.89 -41.98 -0.65
C ILE C 206 -20.52 -41.54 -1.97
N GLN C 207 -21.00 -40.30 -2.01
CA GLN C 207 -21.58 -39.74 -3.21
C GLN C 207 -20.60 -38.67 -3.64
N ILE C 208 -20.10 -38.77 -4.87
CA ILE C 208 -19.13 -37.79 -5.37
C ILE C 208 -19.79 -36.76 -6.29
N GLY C 209 -19.55 -35.49 -5.95
CA GLY C 209 -20.11 -34.41 -6.73
C GLY C 209 -19.37 -34.14 -8.01
N ARG C 210 -19.90 -33.22 -8.81
CA ARG C 210 -19.31 -32.85 -10.08
C ARG C 210 -18.13 -31.89 -9.94
N LYS C 211 -17.30 -31.85 -10.97
CA LYS C 211 -16.12 -30.99 -10.99
C LYS C 211 -16.54 -29.53 -10.93
N GLU C 212 -16.11 -28.82 -9.88
CA GLU C 212 -16.43 -27.41 -9.75
C GLU C 212 -15.58 -26.64 -10.72
N LEU C 213 -16.13 -25.56 -11.27
CA LEU C 213 -15.41 -24.72 -12.21
C LEU C 213 -14.99 -23.43 -11.53
N ASN C 214 -13.70 -23.34 -11.23
CA ASN C 214 -13.11 -22.16 -10.59
C ASN C 214 -12.30 -21.43 -11.64
N MET C 215 -11.98 -20.22 -11.43
CA MET C 215 -11.34 -19.42 -12.49
C MET C 215 -9.82 -19.70 -12.58
N GLY C 216 -9.31 -20.03 -11.38
CA GLY C 216 -7.85 -20.25 -11.05
C GLY C 216 -7.09 -21.50 -11.59
N GLN C 217 -6.92 -22.50 -10.79
CA GLN C 217 -6.12 -23.65 -11.22
C GLN C 217 -7.04 -24.69 -11.86
N ARG C 218 -7.64 -24.22 -12.93
CA ARG C 218 -8.62 -24.94 -13.76
C ARG C 218 -8.14 -26.34 -14.12
N CYS C 219 -6.99 -26.91 -14.23
CA CYS C 219 -6.78 -28.33 -14.52
C CYS C 219 -6.75 -29.19 -13.23
N SER C 220 -6.86 -28.55 -12.07
CA SER C 220 -6.86 -29.27 -10.82
C SER C 220 -8.29 -29.75 -10.53
N ASP C 221 -8.42 -30.92 -9.92
CA ASP C 221 -9.73 -31.48 -9.62
C ASP C 221 -10.33 -31.00 -8.30
N THR C 222 -11.27 -30.08 -8.38
CA THR C 222 -11.91 -29.56 -7.19
C THR C 222 -13.40 -29.92 -7.22
N ARG C 223 -13.89 -30.56 -6.16
CA ARG C 223 -15.28 -30.95 -6.11
C ARG C 223 -15.75 -31.31 -4.71
N GLY C 224 -17.07 -31.42 -4.56
CA GLY C 224 -17.65 -31.76 -3.28
C GLY C 224 -17.94 -33.26 -3.20
N ILE C 225 -17.95 -33.78 -1.97
CA ILE C 225 -18.19 -35.20 -1.74
C ILE C 225 -19.19 -35.37 -0.60
N VAL C 226 -20.32 -35.99 -0.89
CA VAL C 226 -21.31 -36.22 0.15
C VAL C 226 -21.02 -37.61 0.73
N PHE C 227 -21.12 -37.88 1.91
CA PHE C 227 -20.99 -39.09 2.74
C PHE C 227 -22.34 -39.44 3.37
N GLU C 228 -23.04 -40.42 2.81
CA GLU C 228 -24.36 -40.78 3.38
C GLU C 228 -24.22 -41.74 4.58
N ASP C 229 -24.15 -43.03 4.36
CA ASP C 229 -24.01 -43.92 5.53
C ASP C 229 -22.74 -44.76 5.40
N VAL C 230 -21.64 -44.00 5.37
CA VAL C 230 -20.28 -44.56 5.24
C VAL C 230 -19.77 -45.00 6.61
N LYS C 231 -19.60 -46.38 6.62
CA LYS C 231 -18.96 -46.97 7.79
C LYS C 231 -17.46 -47.02 7.64
N VAL C 232 -16.75 -46.80 8.74
CA VAL C 232 -15.30 -46.81 8.73
C VAL C 232 -14.84 -47.76 9.81
N PRO C 233 -14.15 -48.85 9.43
CA PRO C 233 -13.66 -49.80 10.42
C PRO C 233 -12.82 -49.06 11.46
N LYS C 234 -13.16 -49.25 12.74
CA LYS C 234 -12.46 -48.57 13.83
C LYS C 234 -10.97 -48.40 13.59
N GLU C 235 -10.31 -49.45 13.12
CA GLU C 235 -8.89 -49.41 12.86
C GLU C 235 -8.36 -48.27 11.99
N ASN C 236 -9.26 -47.53 11.34
CA ASN C 236 -8.85 -46.42 10.49
C ASN C 236 -8.86 -45.07 11.16
N VAL C 237 -9.10 -45.05 12.47
CA VAL C 237 -9.07 -43.80 13.19
C VAL C 237 -7.57 -43.57 13.33
N LEU C 238 -7.12 -42.32 13.36
CA LEU C 238 -5.70 -42.04 13.49
C LEU C 238 -5.13 -42.32 14.88
N ILE C 239 -5.42 -41.45 15.85
CA ILE C 239 -4.92 -41.70 17.21
C ILE C 239 -6.07 -42.28 18.03
N GLY C 240 -7.26 -41.74 17.80
CA GLY C 240 -8.45 -42.19 18.50
C GLY C 240 -9.44 -41.05 18.58
N ASP C 241 -10.55 -41.26 19.29
CA ASP C 241 -11.56 -40.20 19.44
C ASP C 241 -10.92 -38.91 19.98
N GLY C 242 -11.31 -37.79 19.42
CA GLY C 242 -10.79 -36.51 19.89
C GLY C 242 -9.49 -36.04 19.29
N ALA C 243 -8.64 -36.99 18.87
CA ALA C 243 -7.35 -36.66 18.27
C ALA C 243 -7.45 -35.85 16.98
N GLY C 244 -8.65 -35.81 16.42
CA GLY C 244 -8.91 -35.10 15.18
C GLY C 244 -8.39 -33.68 15.00
N PHE C 245 -8.85 -32.74 15.83
CA PHE C 245 -8.43 -31.36 15.68
C PHE C 245 -6.91 -31.27 15.77
N LYS C 246 -6.35 -31.86 16.81
CA LYS C 246 -4.92 -31.85 17.05
C LYS C 246 -4.09 -32.46 15.89
N VAL C 247 -4.62 -33.47 15.22
CA VAL C 247 -3.92 -34.09 14.11
C VAL C 247 -4.07 -33.32 12.79
N ALA C 248 -5.24 -32.71 12.58
CA ALA C 248 -5.47 -31.93 11.35
C ALA C 248 -4.63 -30.68 11.43
N MET C 249 -4.65 -30.05 12.61
CA MET C 249 -3.91 -28.83 12.94
C MET C 249 -2.42 -29.01 12.64
N GLY C 250 -1.86 -30.13 13.07
CA GLY C 250 -0.46 -30.42 12.81
C GLY C 250 -0.16 -30.49 11.32
N ALA C 251 -0.97 -31.25 10.59
CA ALA C 251 -0.79 -31.39 9.15
C ALA C 251 -0.76 -30.00 8.51
N PHE C 252 -1.78 -29.19 8.82
CA PHE C 252 -1.88 -27.83 8.30
C PHE C 252 -0.55 -27.09 8.46
N ASP C 253 0.02 -27.13 9.66
CA ASP C 253 1.28 -26.45 9.94
C ASP C 253 2.45 -26.90 9.12
N LYS C 254 2.69 -28.21 9.11
CA LYS C 254 3.81 -28.79 8.38
C LYS C 254 3.64 -28.70 6.88
N GLU C 255 2.40 -28.46 6.46
CA GLU C 255 2.10 -28.40 5.04
C GLU C 255 1.96 -26.98 4.44
N ARG C 256 1.67 -25.98 5.25
CA ARG C 256 1.52 -24.62 4.74
C ARG C 256 2.74 -24.07 4.01
N PRO C 257 3.96 -24.30 4.56
CA PRO C 257 5.18 -23.81 3.92
C PRO C 257 5.34 -24.28 2.48
N VAL C 258 4.85 -25.47 2.18
CA VAL C 258 4.94 -26.01 0.83
C VAL C 258 4.01 -25.28 -0.14
N VAL C 259 2.88 -24.77 0.36
CA VAL C 259 1.95 -24.04 -0.50
C VAL C 259 2.51 -22.65 -0.74
N ALA C 260 3.07 -22.03 0.29
CA ALA C 260 3.68 -20.71 0.15
C ALA C 260 4.83 -20.82 -0.85
N ALA C 261 5.41 -22.02 -0.92
CA ALA C 261 6.50 -22.30 -1.84
C ALA C 261 5.96 -22.12 -3.25
N GLY C 262 4.81 -22.74 -3.51
CA GLY C 262 4.19 -22.62 -4.82
C GLY C 262 3.69 -21.23 -5.17
N ALA C 263 3.55 -20.36 -4.17
CA ALA C 263 3.10 -18.99 -4.41
C ALA C 263 4.31 -18.25 -4.92
N VAL C 264 5.47 -18.53 -4.32
CA VAL C 264 6.72 -17.91 -4.72
C VAL C 264 7.08 -18.45 -6.09
N GLY C 265 6.59 -19.64 -6.38
CA GLY C 265 6.85 -20.25 -7.67
C GLY C 265 6.10 -19.50 -8.74
N LEU C 266 4.82 -19.23 -8.48
CA LEU C 266 3.95 -18.48 -9.40
C LEU C 266 4.47 -17.05 -9.51
N ALA C 267 5.05 -16.56 -8.42
CA ALA C 267 5.61 -15.21 -8.39
C ALA C 267 6.82 -15.15 -9.32
N GLN C 268 7.76 -16.07 -9.13
CA GLN C 268 9.00 -16.13 -9.91
C GLN C 268 8.72 -16.20 -11.41
N ARG C 269 7.65 -16.90 -11.78
CA ARG C 269 7.26 -17.05 -13.17
C ARG C 269 6.80 -15.71 -13.73
N ALA C 270 5.90 -15.06 -13.00
CA ALA C 270 5.38 -13.76 -13.42
C ALA C 270 6.56 -12.81 -13.60
N LEU C 271 7.48 -12.84 -12.63
CA LEU C 271 8.64 -11.98 -12.70
C LEU C 271 9.43 -12.25 -13.98
N ASP C 272 9.70 -13.52 -14.26
CA ASP C 272 10.47 -13.89 -15.45
C ASP C 272 9.85 -13.39 -16.73
N GLU C 273 8.61 -13.80 -16.95
CA GLU C 273 7.89 -13.41 -18.15
C GLU C 273 7.91 -11.90 -18.34
N ALA C 274 7.63 -11.17 -17.26
CA ALA C 274 7.58 -9.71 -17.27
C ALA C 274 8.90 -9.04 -17.63
N THR C 275 10.00 -9.54 -17.06
CA THR C 275 11.33 -9.00 -17.32
C THR C 275 11.78 -9.31 -18.76
N LYS C 276 11.36 -10.46 -19.27
CA LYS C 276 11.71 -10.87 -20.63
C LYS C 276 10.97 -9.95 -21.61
N TYR C 277 9.69 -9.73 -21.36
CA TYR C 277 8.89 -8.86 -22.21
C TYR C 277 9.31 -7.39 -22.06
N ALA C 278 9.81 -7.04 -20.88
CA ALA C 278 10.28 -5.67 -20.61
C ALA C 278 11.55 -5.36 -21.40
N LEU C 279 12.34 -6.39 -21.69
CA LEU C 279 13.56 -6.22 -22.46
C LEU C 279 13.23 -6.43 -23.95
N GLU C 280 11.94 -6.41 -24.28
CA GLU C 280 11.51 -6.62 -25.66
C GLU C 280 10.77 -5.45 -26.26
N ARG C 281 9.69 -5.04 -25.60
CA ARG C 281 8.87 -3.94 -26.08
C ARG C 281 9.58 -2.62 -25.86
N LYS C 282 9.82 -1.78 -26.89
CA LYS C 282 10.36 -0.42 -26.74
C LYS C 282 9.23 0.58 -27.04
N THR C 283 9.04 1.59 -26.19
CA THR C 283 7.90 2.50 -26.44
C THR C 283 8.28 3.94 -26.83
N PHE C 284 8.84 4.76 -26.01
CA PHE C 284 9.10 6.11 -26.53
C PHE C 284 10.54 6.18 -26.99
N GLY C 285 10.80 5.26 -27.90
CA GLY C 285 12.11 5.09 -28.52
C GLY C 285 12.99 4.27 -27.58
N LYS C 286 12.60 4.27 -26.22
CA LYS C 286 13.32 3.46 -25.25
C LYS C 286 12.61 2.18 -24.86
N LEU C 287 13.39 1.11 -24.68
CA LEU C 287 12.86 -0.18 -24.24
C LEU C 287 12.16 0.03 -22.90
N LEU C 288 11.24 -0.85 -22.54
CA LEU C 288 10.51 -0.70 -21.27
C LEU C 288 11.43 -0.68 -20.05
N VAL C 289 12.49 -1.50 -20.09
CA VAL C 289 13.46 -1.58 -18.99
C VAL C 289 14.22 -0.27 -18.76
N GLU C 290 14.08 0.66 -19.69
CA GLU C 290 14.73 1.96 -19.63
C GLU C 290 13.83 3.06 -19.08
N HIS C 291 12.56 2.74 -18.83
CA HIS C 291 11.63 3.72 -18.26
C HIS C 291 11.59 3.46 -16.75
N GLN C 292 12.07 4.42 -15.95
CA GLN C 292 12.11 4.26 -14.50
C GLN C 292 10.87 3.69 -13.80
N ALA C 293 9.67 4.03 -14.28
CA ALA C 293 8.47 3.49 -13.64
C ALA C 293 8.58 1.96 -13.67
N ILE C 294 8.84 1.43 -14.86
CA ILE C 294 8.97 0.00 -15.08
C ILE C 294 10.18 -0.57 -14.34
N SER C 295 11.29 0.16 -14.37
CA SER C 295 12.50 -0.28 -13.71
C SER C 295 12.26 -0.51 -12.21
N PHE C 296 11.66 0.48 -11.54
CA PHE C 296 11.37 0.37 -10.12
C PHE C 296 10.35 -0.73 -9.88
N MET C 297 9.46 -0.89 -10.85
CA MET C 297 8.43 -1.92 -10.78
C MET C 297 9.12 -3.28 -10.68
N LEU C 298 9.93 -3.62 -11.68
CA LEU C 298 10.64 -4.88 -11.70
C LEU C 298 11.52 -5.13 -10.48
N ALA C 299 12.17 -4.08 -9.97
CA ALA C 299 13.02 -4.23 -8.80
C ALA C 299 12.16 -4.66 -7.61
N GLU C 300 11.08 -3.92 -7.38
CA GLU C 300 10.17 -4.19 -6.29
C GLU C 300 9.70 -5.63 -6.43
N MET C 301 9.34 -5.99 -7.67
CA MET C 301 8.86 -7.33 -7.99
C MET C 301 9.81 -8.42 -7.53
N ALA C 302 11.10 -8.24 -7.82
CA ALA C 302 12.11 -9.21 -7.43
C ALA C 302 12.16 -9.29 -5.92
N MET C 303 12.06 -8.14 -5.26
CA MET C 303 12.08 -8.07 -3.81
C MET C 303 11.02 -8.94 -3.16
N LYS C 304 9.75 -8.72 -3.51
CA LYS C 304 8.68 -9.51 -2.94
C LYS C 304 8.91 -11.03 -3.10
N VAL C 305 9.46 -11.45 -4.24
CA VAL C 305 9.75 -12.86 -4.50
C VAL C 305 10.88 -13.34 -3.59
N GLU C 306 11.98 -12.61 -3.65
CA GLU C 306 13.20 -12.88 -2.90
C GLU C 306 12.94 -13.06 -1.42
N LEU C 307 12.01 -12.28 -0.87
CA LEU C 307 11.68 -12.38 0.54
C LEU C 307 10.78 -13.58 0.80
N ALA C 308 9.69 -13.70 0.04
CA ALA C 308 8.76 -14.81 0.22
C ALA C 308 9.49 -16.15 0.20
N ARG C 309 10.45 -16.29 -0.69
CA ARG C 309 11.22 -17.53 -0.78
C ARG C 309 11.95 -17.78 0.54
N MET C 310 12.48 -16.72 1.13
CA MET C 310 13.19 -16.85 2.41
C MET C 310 12.27 -17.15 3.58
N SER C 311 11.01 -16.73 3.47
CA SER C 311 10.05 -16.95 4.53
C SER C 311 9.64 -18.41 4.63
N TYR C 312 9.37 -19.05 3.49
CA TYR C 312 8.99 -20.45 3.54
C TYR C 312 10.19 -21.31 3.88
N GLN C 313 11.37 -20.92 3.39
CA GLN C 313 12.59 -21.66 3.68
C GLN C 313 12.78 -21.72 5.20
N ARG C 314 12.56 -20.60 5.86
CA ARG C 314 12.68 -20.56 7.32
C ARG C 314 11.62 -21.46 7.93
N ALA C 315 10.37 -21.28 7.50
CA ALA C 315 9.27 -22.09 8.01
C ALA C 315 9.52 -23.58 7.85
N ALA C 316 10.18 -23.94 6.76
CA ALA C 316 10.49 -25.32 6.46
C ALA C 316 11.65 -25.79 7.33
N TRP C 317 12.70 -24.97 7.40
CA TRP C 317 13.86 -25.33 8.21
C TRP C 317 13.37 -25.59 9.62
N GLU C 318 12.60 -24.64 10.14
CA GLU C 318 12.04 -24.73 11.47
C GLU C 318 11.44 -26.10 11.76
N VAL C 319 10.40 -26.47 11.03
CA VAL C 319 9.72 -27.75 11.26
C VAL C 319 10.63 -28.95 11.08
N ASP C 320 11.56 -28.89 10.12
CA ASP C 320 12.49 -29.99 9.91
C ASP C 320 13.37 -30.21 11.12
N SER C 321 13.69 -29.14 11.83
CA SER C 321 14.54 -29.20 13.01
C SER C 321 13.80 -29.61 14.27
N GLY C 322 12.55 -30.02 14.11
CA GLY C 322 11.74 -30.45 15.24
C GLY C 322 11.33 -29.28 16.10
N ARG C 323 11.01 -28.16 15.47
CA ARG C 323 10.58 -26.98 16.19
C ARG C 323 9.13 -26.72 15.82
N ARG C 324 8.46 -25.88 16.62
CA ARG C 324 7.09 -25.51 16.32
C ARG C 324 7.18 -24.44 15.24
N ASN C 325 6.62 -24.74 14.06
CA ASN C 325 6.69 -23.80 12.96
C ASN C 325 5.53 -22.84 12.81
N THR C 326 4.38 -23.16 13.40
CA THR C 326 3.15 -22.36 13.30
C THR C 326 3.34 -20.88 12.95
N TYR C 327 3.99 -20.14 13.83
CA TYR C 327 4.25 -18.72 13.63
C TYR C 327 4.83 -18.40 12.25
N TYR C 328 5.97 -19.01 11.92
CA TYR C 328 6.61 -18.80 10.61
C TYR C 328 5.85 -19.38 9.42
N ALA C 329 5.24 -20.55 9.62
CA ALA C 329 4.48 -21.23 8.57
C ALA C 329 3.33 -20.31 8.14
N SER C 330 2.86 -19.54 9.11
CA SER C 330 1.80 -18.60 8.89
C SER C 330 2.33 -17.32 8.27
N ILE C 331 3.44 -16.80 8.78
CA ILE C 331 4.03 -15.58 8.21
C ILE C 331 4.37 -15.80 6.72
N ALA C 332 5.02 -16.93 6.45
CA ALA C 332 5.43 -17.34 5.12
C ALA C 332 4.25 -17.37 4.16
N LYS C 333 3.24 -18.16 4.51
CA LYS C 333 2.03 -18.32 3.70
C LYS C 333 1.28 -16.98 3.46
N ALA C 334 1.19 -16.17 4.52
CA ALA C 334 0.52 -14.88 4.42
C ALA C 334 1.25 -13.94 3.47
N PHE C 335 2.57 -13.86 3.62
CA PHE C 335 3.39 -13.00 2.77
C PHE C 335 3.52 -13.52 1.35
N ALA C 336 3.75 -14.81 1.20
CA ALA C 336 3.88 -15.44 -0.11
C ALA C 336 2.59 -15.29 -0.93
N GLY C 337 1.47 -15.77 -0.39
CA GLY C 337 0.22 -15.68 -1.10
C GLY C 337 -0.13 -14.26 -1.56
N ASP C 338 -0.02 -13.30 -0.67
CA ASP C 338 -0.35 -11.93 -1.02
C ASP C 338 0.54 -11.40 -2.15
N ILE C 339 1.86 -11.47 -1.98
CA ILE C 339 2.79 -10.95 -2.99
C ILE C 339 2.61 -11.58 -4.38
N ALA C 340 2.23 -12.85 -4.41
CA ALA C 340 2.03 -13.54 -5.68
C ALA C 340 0.94 -12.82 -6.44
N ASN C 341 -0.03 -12.29 -5.69
CA ASN C 341 -1.13 -11.57 -6.27
C ASN C 341 -0.72 -10.17 -6.74
N GLN C 342 0.30 -9.59 -6.10
CA GLN C 342 0.78 -8.28 -6.54
C GLN C 342 1.70 -8.43 -7.75
N LEU C 343 2.39 -9.57 -7.83
CA LEU C 343 3.32 -9.84 -8.92
C LEU C 343 2.63 -10.33 -10.17
N ALA C 344 1.49 -10.96 -9.98
CA ALA C 344 0.70 -11.46 -11.09
C ALA C 344 0.17 -10.31 -11.90
N THR C 345 -0.48 -9.37 -11.23
CA THR C 345 -1.07 -8.20 -11.89
C THR C 345 -0.08 -7.17 -12.41
N ASP C 346 1.13 -7.14 -11.85
CA ASP C 346 2.13 -6.20 -12.34
C ASP C 346 2.74 -6.76 -13.62
N ALA C 347 2.76 -8.09 -13.70
CA ALA C 347 3.27 -8.84 -14.85
C ALA C 347 2.29 -8.63 -16.00
N VAL C 348 1.01 -8.73 -15.69
CA VAL C 348 -0.02 -8.50 -16.68
C VAL C 348 0.06 -7.03 -17.10
N GLN C 349 0.34 -6.16 -16.13
CA GLN C 349 0.43 -4.72 -16.36
C GLN C 349 1.55 -4.30 -17.29
N ILE C 350 2.74 -4.86 -17.13
CA ILE C 350 3.82 -4.45 -18.01
C ILE C 350 3.78 -5.13 -19.36
N LEU C 351 2.87 -6.08 -19.52
CA LEU C 351 2.67 -6.72 -20.82
C LEU C 351 1.51 -5.96 -21.48
N GLY C 352 1.01 -4.92 -20.78
CA GLY C 352 -0.07 -4.09 -21.27
C GLY C 352 -1.22 -4.82 -21.92
N GLY C 353 -1.57 -4.40 -23.13
CA GLY C 353 -2.65 -5.01 -23.88
C GLY C 353 -2.47 -6.50 -24.10
N ASN C 354 -1.24 -6.92 -24.43
CA ASN C 354 -0.94 -8.33 -24.67
C ASN C 354 -1.19 -9.19 -23.44
N GLY C 355 -0.98 -8.59 -22.27
CA GLY C 355 -1.19 -9.32 -21.03
C GLY C 355 -2.61 -9.79 -20.80
N PHE C 356 -3.58 -9.02 -21.30
CA PHE C 356 -4.98 -9.35 -21.12
C PHE C 356 -5.44 -10.45 -22.05
N ASN C 357 -4.63 -10.74 -23.07
CA ASN C 357 -4.99 -11.77 -24.03
C ASN C 357 -4.55 -13.18 -23.70
N THR C 358 -5.45 -14.13 -23.95
CA THR C 358 -5.23 -15.56 -23.69
C THR C 358 -4.03 -16.17 -24.38
N GLU C 359 -3.50 -15.50 -25.40
CA GLU C 359 -2.32 -15.99 -26.10
C GLU C 359 -1.07 -15.75 -25.24
N TYR C 360 -1.19 -14.87 -24.26
CA TYR C 360 -0.09 -14.56 -23.35
C TYR C 360 -0.33 -15.14 -21.95
N PRO C 361 0.68 -15.84 -21.39
CA PRO C 361 0.74 -16.52 -20.09
C PRO C 361 0.35 -15.74 -18.84
N VAL C 362 0.72 -14.46 -18.81
CA VAL C 362 0.43 -13.62 -17.66
C VAL C 362 -1.03 -13.60 -17.15
N GLU C 363 -2.01 -13.46 -18.02
CA GLU C 363 -3.38 -13.42 -17.51
C GLU C 363 -3.72 -14.67 -16.67
N LYS C 364 -3.16 -15.81 -17.06
CA LYS C 364 -3.42 -17.04 -16.34
C LYS C 364 -2.82 -16.90 -14.94
N LEU C 365 -1.60 -16.36 -14.88
CA LEU C 365 -0.89 -16.16 -13.62
C LEU C 365 -1.73 -15.38 -12.61
N MET C 366 -2.49 -14.39 -13.09
CA MET C 366 -3.33 -13.57 -12.23
C MET C 366 -4.54 -14.35 -11.71
N ARG C 367 -5.16 -15.11 -12.59
CA ARG C 367 -6.32 -15.91 -12.21
C ARG C 367 -5.91 -17.00 -11.20
N ASP C 368 -4.75 -17.60 -11.41
CA ASP C 368 -4.27 -18.65 -10.52
C ASP C 368 -3.91 -18.10 -9.13
N ALA C 369 -3.01 -17.12 -9.09
CA ALA C 369 -2.55 -16.53 -7.84
C ALA C 369 -3.61 -16.28 -6.78
N LYS C 370 -4.85 -16.08 -7.20
CA LYS C 370 -5.96 -15.80 -6.29
C LYS C 370 -6.21 -16.79 -5.16
N ILE C 371 -6.33 -18.08 -5.46
CA ILE C 371 -6.58 -19.06 -4.39
C ILE C 371 -5.55 -19.03 -3.27
N TYR C 372 -4.37 -18.49 -3.56
CA TYR C 372 -3.30 -18.42 -2.57
C TYR C 372 -3.57 -17.53 -1.35
N GLN C 373 -4.71 -16.87 -1.34
CA GLN C 373 -5.09 -16.04 -0.22
C GLN C 373 -6.41 -16.60 0.31
N ILE C 374 -6.83 -17.72 -0.25
CA ILE C 374 -8.08 -18.32 0.15
C ILE C 374 -7.87 -19.68 0.80
N TYR C 375 -7.33 -20.64 0.06
CA TYR C 375 -7.14 -21.98 0.63
C TYR C 375 -5.87 -22.18 1.45
N GLY C 376 -5.88 -23.20 2.30
CA GLY C 376 -4.74 -23.48 3.15
C GLY C 376 -4.57 -22.38 4.17
N GLY C 377 -5.70 -21.77 4.54
CA GLY C 377 -5.65 -20.69 5.51
C GLY C 377 -5.55 -19.38 4.77
N THR C 378 -6.63 -18.60 4.82
CA THR C 378 -6.68 -17.31 4.16
C THR C 378 -5.63 -16.33 4.71
N SER C 379 -5.40 -15.24 4.00
CA SER C 379 -4.46 -14.23 4.45
C SER C 379 -5.01 -13.77 5.79
N GLN C 380 -6.34 -13.70 5.83
CA GLN C 380 -7.10 -13.30 7.00
C GLN C 380 -6.82 -14.16 8.23
N ILE C 381 -7.06 -15.47 8.17
CA ILE C 381 -6.80 -16.27 9.36
C ILE C 381 -5.31 -16.32 9.67
N GLN C 382 -4.48 -16.15 8.65
CA GLN C 382 -3.04 -16.17 8.87
C GLN C 382 -2.64 -15.01 9.78
N ARG C 383 -3.26 -13.85 9.56
CA ARG C 383 -3.02 -12.65 10.37
C ARG C 383 -3.37 -12.97 11.82
N LEU C 384 -4.49 -13.65 12.01
CA LEU C 384 -4.99 -14.05 13.31
C LEU C 384 -4.01 -14.94 14.05
N ILE C 385 -3.45 -15.91 13.34
CA ILE C 385 -2.51 -16.84 13.93
C ILE C 385 -1.21 -16.12 14.32
N VAL C 386 -0.65 -15.35 13.40
CA VAL C 386 0.58 -14.63 13.69
C VAL C 386 0.37 -13.78 14.93
N ALA C 387 -0.77 -13.09 15.01
CA ALA C 387 -1.09 -12.25 16.16
C ALA C 387 -1.11 -13.05 17.45
N ARG C 388 -1.78 -14.20 17.44
CA ARG C 388 -1.87 -15.07 18.61
C ARG C 388 -0.48 -15.55 19.03
N GLU C 389 0.27 -16.01 18.04
CA GLU C 389 1.62 -16.52 18.26
C GLU C 389 2.55 -15.44 18.78
N HIS C 390 2.34 -14.22 18.31
CA HIS C 390 3.17 -13.10 18.71
C HIS C 390 2.84 -12.61 20.13
N ILE C 391 1.58 -12.26 20.37
CA ILE C 391 1.17 -11.74 21.68
C ILE C 391 1.55 -12.63 22.85
N ASP C 392 1.46 -13.95 22.68
CA ASP C 392 1.80 -14.88 23.75
C ASP C 392 3.19 -14.67 24.30
N LYS C 393 4.09 -14.21 23.45
CA LYS C 393 5.45 -13.91 23.84
C LYS C 393 5.47 -12.80 24.91
N TYR C 394 4.54 -11.86 24.83
CA TYR C 394 4.49 -10.74 25.78
C TYR C 394 3.45 -10.88 26.89
N LYS C 395 2.77 -12.01 26.97
CA LYS C 395 1.77 -12.17 28.02
C LYS C 395 2.41 -12.74 29.26
N ASN C 396 2.09 -12.10 30.37
CA ASN C 396 2.59 -12.48 31.67
C ASN C 396 1.48 -12.01 32.62
N LEU D 10 -21.63 29.02 -8.77
CA LEU D 10 -21.60 30.08 -7.71
C LEU D 10 -21.88 29.37 -6.40
N GLY D 11 -20.87 28.60 -5.97
CA GLY D 11 -20.99 27.82 -4.75
C GLY D 11 -21.12 26.37 -5.21
N PHE D 12 -20.67 25.45 -4.37
CA PHE D 12 -20.73 24.04 -4.70
C PHE D 12 -22.12 23.47 -4.67
N SER D 13 -22.32 22.45 -5.50
CA SER D 13 -23.61 21.77 -5.61
C SER D 13 -23.36 20.31 -5.95
N PHE D 14 -23.60 19.42 -4.99
CA PHE D 14 -23.43 17.98 -5.23
C PHE D 14 -24.82 17.39 -5.38
N GLU D 15 -25.58 17.90 -6.35
CA GLU D 15 -26.93 17.40 -6.58
C GLU D 15 -27.24 17.32 -8.07
N PHE D 16 -27.95 16.26 -8.46
CA PHE D 16 -28.32 16.08 -9.85
C PHE D 16 -29.56 16.92 -10.15
N THR D 17 -29.82 17.13 -11.43
CA THR D 17 -30.99 17.87 -11.86
C THR D 17 -32.10 16.83 -11.88
N GLU D 18 -33.35 17.27 -11.79
CA GLU D 18 -34.46 16.33 -11.81
C GLU D 18 -34.34 15.54 -13.11
N GLN D 19 -33.92 16.25 -14.16
CA GLN D 19 -33.71 15.65 -15.48
C GLN D 19 -32.77 14.47 -15.38
N GLN D 20 -31.58 14.70 -14.82
CA GLN D 20 -30.56 13.65 -14.67
C GLN D 20 -31.02 12.46 -13.83
N LYS D 21 -31.61 12.73 -12.66
CA LYS D 21 -32.08 11.67 -11.76
C LYS D 21 -32.93 10.67 -12.52
N GLU D 22 -33.63 11.16 -13.52
CA GLU D 22 -34.48 10.35 -14.38
C GLU D 22 -33.61 9.31 -15.10
N PHE D 23 -32.63 9.76 -15.88
CA PHE D 23 -31.73 8.85 -16.64
C PHE D 23 -31.15 7.78 -15.72
N GLN D 24 -30.62 8.24 -14.59
CA GLN D 24 -30.02 7.36 -13.62
C GLN D 24 -30.92 6.18 -13.33
N ALA D 25 -32.17 6.47 -12.95
CA ALA D 25 -33.14 5.43 -12.63
C ALA D 25 -33.46 4.53 -13.83
N THR D 26 -33.38 5.09 -15.03
CA THR D 26 -33.64 4.33 -16.24
C THR D 26 -32.55 3.27 -16.44
N ALA D 27 -31.32 3.75 -16.62
CA ALA D 27 -30.14 2.91 -16.84
C ALA D 27 -29.94 1.96 -15.68
N ARG D 28 -30.40 2.37 -14.50
CA ARG D 28 -30.28 1.53 -13.33
C ARG D 28 -31.15 0.31 -13.57
N LYS D 29 -32.42 0.57 -13.91
CA LYS D 29 -33.40 -0.48 -14.17
C LYS D 29 -32.93 -1.46 -15.24
N PHE D 30 -32.58 -0.94 -16.40
CA PHE D 30 -32.13 -1.79 -17.49
C PHE D 30 -30.98 -2.70 -17.05
N ALA D 31 -29.99 -2.13 -16.37
CA ALA D 31 -28.83 -2.89 -15.91
C ALA D 31 -29.25 -3.99 -14.95
N ARG D 32 -29.90 -3.59 -13.86
CA ARG D 32 -30.35 -4.51 -12.84
C ARG D 32 -31.67 -5.22 -13.16
N GLU D 33 -31.98 -5.39 -14.44
CA GLU D 33 -33.23 -6.05 -14.80
C GLU D 33 -33.03 -6.88 -16.05
N GLU D 34 -32.70 -6.20 -17.14
CA GLU D 34 -32.50 -6.87 -18.41
C GLU D 34 -31.07 -7.31 -18.71
N ILE D 35 -30.09 -6.60 -18.14
CA ILE D 35 -28.69 -6.91 -18.40
C ILE D 35 -28.09 -8.00 -17.49
N ILE D 36 -28.08 -7.73 -16.19
CA ILE D 36 -27.51 -8.64 -15.20
C ILE D 36 -27.66 -10.17 -15.39
N PRO D 37 -28.90 -10.68 -15.46
CA PRO D 37 -29.03 -12.13 -15.64
C PRO D 37 -28.29 -12.70 -16.85
N VAL D 38 -28.48 -12.08 -18.01
CA VAL D 38 -27.84 -12.59 -19.20
C VAL D 38 -26.34 -12.31 -19.26
N ALA D 39 -25.88 -11.26 -18.60
CA ALA D 39 -24.46 -10.91 -18.58
C ALA D 39 -23.65 -12.13 -18.18
N ALA D 40 -24.17 -12.88 -17.20
CA ALA D 40 -23.51 -14.09 -16.73
C ALA D 40 -23.23 -15.07 -17.86
N GLU D 41 -24.28 -15.38 -18.62
CA GLU D 41 -24.15 -16.32 -19.72
C GLU D 41 -23.29 -15.81 -20.85
N TYR D 42 -23.46 -14.53 -21.19
CA TYR D 42 -22.68 -13.90 -22.25
C TYR D 42 -21.20 -14.03 -21.96
N ASP D 43 -20.83 -13.97 -20.68
CA ASP D 43 -19.42 -14.09 -20.35
C ASP D 43 -18.91 -15.51 -20.63
N LYS D 44 -19.72 -16.51 -20.30
CA LYS D 44 -19.34 -17.90 -20.50
C LYS D 44 -19.32 -18.29 -21.98
N THR D 45 -20.06 -17.55 -22.79
CA THR D 45 -20.15 -17.79 -24.22
C THR D 45 -19.38 -16.78 -25.08
N GLY D 46 -19.18 -15.58 -24.55
CA GLY D 46 -18.45 -14.53 -25.23
C GLY D 46 -19.07 -13.83 -26.44
N GLU D 47 -20.29 -14.20 -26.82
CA GLU D 47 -20.91 -13.59 -27.99
C GLU D 47 -21.41 -12.17 -27.78
N TYR D 48 -21.31 -11.35 -28.83
CA TYR D 48 -21.71 -9.95 -28.80
C TYR D 48 -23.13 -9.83 -28.26
N PRO D 49 -23.33 -8.98 -27.23
CA PRO D 49 -24.63 -8.76 -26.58
C PRO D 49 -25.58 -7.90 -27.43
N VAL D 50 -25.67 -8.24 -28.71
CA VAL D 50 -26.49 -7.49 -29.66
C VAL D 50 -27.86 -7.09 -29.11
N PRO D 51 -28.64 -8.07 -28.61
CA PRO D 51 -29.98 -7.78 -28.08
C PRO D 51 -29.93 -6.63 -27.09
N LEU D 52 -29.05 -6.75 -26.11
CA LEU D 52 -28.90 -5.73 -25.07
C LEU D 52 -28.56 -4.38 -25.65
N ILE D 53 -27.82 -4.38 -26.76
CA ILE D 53 -27.44 -3.13 -27.42
C ILE D 53 -28.68 -2.56 -28.14
N ARG D 54 -29.47 -3.46 -28.72
CA ARG D 54 -30.69 -3.09 -29.42
C ARG D 54 -31.67 -2.54 -28.39
N ARG D 55 -31.60 -3.06 -27.18
CA ARG D 55 -32.49 -2.62 -26.11
C ARG D 55 -32.08 -1.26 -25.55
N ALA D 56 -30.79 -1.09 -25.33
CA ALA D 56 -30.27 0.17 -24.79
C ALA D 56 -30.56 1.30 -25.76
N TRP D 57 -30.34 1.01 -27.04
CA TRP D 57 -30.54 1.96 -28.14
C TRP D 57 -31.95 2.56 -28.15
N GLU D 58 -32.97 1.70 -28.19
CA GLU D 58 -34.35 2.16 -28.16
C GLU D 58 -34.60 2.88 -26.83
N LEU D 59 -34.14 2.26 -25.73
CA LEU D 59 -34.29 2.82 -24.39
C LEU D 59 -33.52 4.13 -24.18
N GLY D 60 -32.85 4.60 -25.24
CA GLY D 60 -32.11 5.85 -25.18
C GLY D 60 -30.58 5.81 -25.20
N LEU D 61 -30.36 5.45 -23.99
CA LEU D 61 -29.03 5.53 -23.37
C LEU D 61 -27.99 4.79 -24.21
N MET D 62 -27.45 5.48 -25.23
CA MET D 62 -26.40 4.87 -26.05
C MET D 62 -25.63 5.84 -26.97
N ASN D 63 -26.29 6.69 -27.70
CA ASN D 63 -25.55 7.63 -28.55
C ASN D 63 -25.90 9.02 -28.07
N THR D 64 -25.61 9.15 -26.80
CA THR D 64 -25.86 10.35 -26.02
C THR D 64 -24.64 11.28 -26.03
N HIS D 65 -24.44 11.80 -27.28
CA HIS D 65 -23.46 12.87 -27.51
C HIS D 65 -23.81 13.56 -28.80
N ILE D 66 -24.43 12.80 -29.72
CA ILE D 66 -24.85 13.32 -31.01
C ILE D 66 -25.68 14.56 -30.77
N PRO D 67 -25.28 15.69 -31.36
CA PRO D 67 -25.99 16.96 -31.20
C PRO D 67 -27.46 16.84 -31.57
N GLU D 68 -28.27 17.61 -30.86
CA GLU D 68 -29.69 17.66 -31.09
C GLU D 68 -29.99 17.85 -32.57
N ASN D 69 -29.36 18.86 -33.16
CA ASN D 69 -29.54 19.19 -34.58
C ASN D 69 -29.14 18.06 -35.51
N CYS D 70 -28.40 17.08 -34.99
CA CYS D 70 -27.96 15.95 -35.79
C CYS D 70 -28.76 14.69 -35.47
N GLY D 71 -29.87 14.86 -34.73
CA GLY D 71 -30.72 13.74 -34.36
C GLY D 71 -30.59 13.25 -32.93
N GLY D 72 -29.38 13.39 -32.36
CA GLY D 72 -29.15 12.93 -30.99
C GLY D 72 -29.73 13.79 -29.88
N LEU D 73 -29.62 13.31 -28.65
CA LEU D 73 -30.16 14.04 -27.49
C LEU D 73 -29.28 15.23 -27.11
N GLY D 74 -28.07 15.26 -27.65
CA GLY D 74 -27.18 16.37 -27.33
C GLY D 74 -26.72 16.41 -25.88
N LEU D 75 -26.89 15.29 -25.17
CA LEU D 75 -26.49 15.15 -23.76
C LEU D 75 -24.98 15.39 -23.63
N GLY D 76 -24.43 15.25 -22.43
CA GLY D 76 -23.00 15.50 -22.29
C GLY D 76 -22.25 14.86 -21.13
N THR D 77 -20.96 14.62 -21.37
CA THR D 77 -20.15 13.71 -20.58
C THR D 77 -20.54 13.31 -19.17
N PHE D 78 -21.14 14.22 -18.40
CA PHE D 78 -21.54 14.17 -17.00
C PHE D 78 -22.63 13.11 -17.16
N ASP D 79 -23.69 13.46 -17.90
CA ASP D 79 -24.81 12.56 -18.15
C ASP D 79 -24.26 11.22 -18.62
N ALA D 80 -23.32 11.29 -19.54
CA ALA D 80 -22.69 10.10 -20.10
C ALA D 80 -22.08 9.24 -18.99
N CYS D 81 -21.49 9.90 -18.00
CA CYS D 81 -20.88 9.20 -16.90
C CYS D 81 -21.88 8.50 -15.98
N LEU D 82 -22.85 9.25 -15.48
CA LEU D 82 -23.84 8.70 -14.57
C LEU D 82 -24.60 7.57 -15.23
N ILE D 83 -24.81 7.69 -16.53
CA ILE D 83 -25.52 6.67 -17.29
C ILE D 83 -24.65 5.40 -17.40
N SER D 84 -23.42 5.57 -17.88
CA SER D 84 -22.52 4.44 -18.03
C SER D 84 -22.13 3.80 -16.69
N GLU D 85 -22.01 4.60 -15.64
CA GLU D 85 -21.63 4.08 -14.33
C GLU D 85 -22.66 3.03 -13.93
N GLU D 86 -23.93 3.34 -14.16
CA GLU D 86 -25.00 2.41 -13.82
C GLU D 86 -24.93 1.21 -14.75
N LEU D 87 -24.68 1.46 -16.02
CA LEU D 87 -24.59 0.37 -16.99
C LEU D 87 -23.50 -0.62 -16.61
N ALA D 88 -22.27 -0.12 -16.44
CA ALA D 88 -21.11 -0.92 -16.07
C ALA D 88 -21.37 -1.76 -14.83
N TYR D 89 -22.27 -1.29 -13.97
CA TYR D 89 -22.62 -2.02 -12.76
C TYR D 89 -23.12 -3.41 -13.18
N GLY D 90 -23.87 -3.43 -14.28
CA GLY D 90 -24.39 -4.67 -14.79
C GLY D 90 -23.31 -5.51 -15.45
N CYS D 91 -22.54 -4.89 -16.33
CA CYS D 91 -21.50 -5.62 -17.04
C CYS D 91 -20.62 -4.65 -17.82
N THR D 92 -19.33 -4.60 -17.48
CA THR D 92 -18.43 -3.71 -18.19
C THR D 92 -18.34 -4.18 -19.62
N GLY D 93 -18.57 -5.48 -19.83
CA GLY D 93 -18.53 -6.04 -21.16
C GLY D 93 -19.51 -5.34 -22.07
N VAL D 94 -20.72 -5.12 -21.57
CA VAL D 94 -21.74 -4.45 -22.35
C VAL D 94 -21.43 -2.96 -22.38
N GLN D 95 -21.00 -2.42 -21.24
CA GLN D 95 -20.66 -0.99 -21.14
C GLN D 95 -19.65 -0.63 -22.22
N THR D 96 -18.58 -1.42 -22.32
CA THR D 96 -17.52 -1.19 -23.28
C THR D 96 -18.05 -1.35 -24.70
N ALA D 97 -19.09 -2.16 -24.85
CA ALA D 97 -19.72 -2.36 -26.15
C ALA D 97 -20.50 -1.10 -26.56
N ILE D 98 -21.30 -0.56 -25.64
CA ILE D 98 -22.09 0.66 -25.92
C ILE D 98 -21.22 1.92 -25.91
N GLU D 99 -20.08 1.87 -25.21
CA GLU D 99 -19.19 3.03 -25.15
C GLU D 99 -18.29 3.11 -26.39
N GLY D 100 -18.09 1.96 -27.04
CA GLY D 100 -17.28 1.93 -28.25
C GLY D 100 -17.83 2.96 -29.22
N ASN D 101 -19.15 3.13 -29.17
CA ASN D 101 -19.83 4.09 -30.03
C ASN D 101 -19.47 5.53 -29.68
N SER D 102 -19.68 5.90 -28.43
CA SER D 102 -19.36 7.27 -28.03
C SER D 102 -17.88 7.60 -28.28
N LEU D 103 -17.01 6.60 -28.20
CA LEU D 103 -15.62 6.86 -28.44
C LEU D 103 -15.47 7.15 -29.93
N GLY D 104 -16.05 6.30 -30.77
CA GLY D 104 -15.96 6.48 -32.20
C GLY D 104 -16.62 7.76 -32.70
N GLN D 105 -17.71 8.16 -32.07
CA GLN D 105 -18.42 9.36 -32.48
C GLN D 105 -17.72 10.67 -32.09
N MET D 106 -17.16 10.70 -30.88
CA MET D 106 -16.51 11.89 -30.35
C MET D 106 -15.70 12.75 -31.33
N PRO D 107 -14.65 12.19 -31.97
CA PRO D 107 -13.87 13.02 -32.90
C PRO D 107 -14.69 13.54 -34.09
N ILE D 108 -15.70 12.79 -34.50
CA ILE D 108 -16.57 13.18 -35.61
C ILE D 108 -17.44 14.32 -35.13
N ILE D 109 -17.72 14.30 -33.84
CA ILE D 109 -18.52 15.33 -33.21
C ILE D 109 -17.63 16.56 -33.07
N ILE D 110 -16.82 16.57 -32.03
CA ILE D 110 -15.95 17.68 -31.70
C ILE D 110 -15.23 18.41 -32.85
N ALA D 111 -14.81 17.68 -33.89
CA ALA D 111 -14.09 18.35 -34.98
C ALA D 111 -14.61 18.08 -36.39
N GLY D 112 -15.87 17.64 -36.49
CA GLY D 112 -16.43 17.34 -37.80
C GLY D 112 -17.29 18.42 -38.46
N ASN D 113 -17.05 18.67 -39.75
CA ASN D 113 -17.84 19.66 -40.47
C ASN D 113 -19.31 19.21 -40.48
N ASP D 114 -20.22 20.19 -40.41
CA ASP D 114 -21.66 19.94 -40.38
C ASP D 114 -22.12 18.81 -41.30
N GLN D 115 -21.54 18.75 -42.49
CA GLN D 115 -21.87 17.73 -43.48
C GLN D 115 -21.60 16.33 -42.92
N GLN D 116 -20.38 16.09 -42.45
CA GLN D 116 -20.04 14.78 -41.90
C GLN D 116 -20.78 14.48 -40.61
N LYS D 117 -21.06 15.53 -39.85
CA LYS D 117 -21.81 15.36 -38.60
C LYS D 117 -23.14 14.69 -38.93
N LYS D 118 -23.96 15.34 -39.74
CA LYS D 118 -25.26 14.77 -40.12
C LYS D 118 -25.06 13.47 -40.91
N LYS D 119 -24.07 13.46 -41.78
CA LYS D 119 -23.76 12.30 -42.62
C LYS D 119 -23.59 11.01 -41.79
N TYR D 120 -22.65 11.03 -40.85
CA TYR D 120 -22.34 9.87 -40.03
C TYR D 120 -23.07 9.70 -38.70
N LEU D 121 -23.04 10.71 -37.83
CA LEU D 121 -23.69 10.63 -36.52
C LEU D 121 -25.19 10.37 -36.63
N GLY D 122 -25.81 11.00 -37.62
CA GLY D 122 -27.24 10.84 -37.83
C GLY D 122 -27.75 9.42 -38.07
N ARG D 123 -27.08 8.66 -38.93
CA ARG D 123 -27.54 7.30 -39.20
C ARG D 123 -27.54 6.48 -37.92
N MET D 124 -26.73 6.91 -36.96
CA MET D 124 -26.65 6.21 -35.68
C MET D 124 -27.99 6.43 -34.98
N THR D 125 -28.60 7.57 -35.30
CA THR D 125 -29.91 7.96 -34.77
C THR D 125 -31.00 7.13 -35.46
N GLU D 126 -30.71 6.72 -36.68
CA GLU D 126 -31.64 5.92 -37.45
C GLU D 126 -31.65 4.42 -37.06
N GLU D 127 -30.46 3.84 -36.94
CA GLU D 127 -30.34 2.43 -36.58
C GLU D 127 -29.25 2.24 -35.52
N PRO D 128 -29.31 1.12 -34.77
CA PRO D 128 -28.32 0.82 -33.73
C PRO D 128 -26.99 0.41 -34.33
N LEU D 129 -26.31 1.33 -35.01
CA LEU D 129 -25.04 1.00 -35.63
C LEU D 129 -23.85 1.18 -34.74
N MET D 130 -22.78 0.45 -35.03
CA MET D 130 -21.56 0.52 -34.25
C MET D 130 -20.42 1.19 -35.01
N CYS D 131 -19.47 1.71 -34.25
CA CYS D 131 -18.31 2.38 -34.78
C CYS D 131 -17.14 2.06 -33.87
N ALA D 132 -15.94 2.16 -34.41
CA ALA D 132 -14.75 1.89 -33.63
C ALA D 132 -13.78 3.07 -33.64
N TYR D 133 -12.81 3.04 -32.73
CA TYR D 133 -11.83 4.10 -32.58
C TYR D 133 -10.48 3.51 -32.89
N CYS D 134 -10.00 3.69 -34.12
CA CYS D 134 -8.74 3.11 -34.53
C CYS D 134 -7.44 3.87 -34.29
N VAL D 135 -6.83 3.66 -33.13
CA VAL D 135 -5.54 4.27 -32.82
C VAL D 135 -4.44 3.22 -32.64
N THR D 136 -4.60 2.34 -31.64
CA THR D 136 -3.59 1.31 -31.35
C THR D 136 -3.31 0.35 -32.49
N GLU D 137 -2.08 -0.15 -32.51
CA GLU D 137 -1.65 -1.09 -33.54
C GLU D 137 -0.55 -1.99 -32.97
N PRO D 138 -0.26 -3.10 -33.67
CA PRO D 138 0.76 -4.05 -33.25
C PRO D 138 1.91 -3.48 -32.40
N GLY D 139 2.70 -2.59 -32.98
CA GLY D 139 3.82 -2.05 -32.23
C GLY D 139 3.59 -0.94 -31.24
N ALA D 140 2.47 -0.21 -31.34
CA ALA D 140 2.25 0.92 -30.43
C ALA D 140 0.84 1.31 -30.06
N GLY D 141 0.69 1.68 -28.79
CA GLY D 141 -0.58 2.11 -28.24
C GLY D 141 -0.32 3.33 -27.36
N SER D 142 0.37 3.12 -26.25
CA SER D 142 0.71 4.21 -25.34
C SER D 142 1.52 5.26 -26.12
N ASP D 143 2.53 4.80 -26.85
CA ASP D 143 3.32 5.74 -27.65
C ASP D 143 2.54 6.12 -28.92
N VAL D 144 1.54 6.99 -28.74
CA VAL D 144 0.68 7.46 -29.82
C VAL D 144 1.44 7.99 -31.00
N ALA D 145 2.41 8.88 -30.74
CA ALA D 145 3.21 9.47 -31.81
C ALA D 145 4.09 8.43 -32.54
N GLY D 146 4.02 7.17 -32.11
CA GLY D 146 4.79 6.12 -32.73
C GLY D 146 3.99 5.39 -33.80
N ILE D 147 2.85 5.97 -34.18
CA ILE D 147 1.97 5.38 -35.19
C ILE D 147 2.71 5.28 -36.51
N LYS D 148 2.68 4.10 -37.13
CA LYS D 148 3.34 3.89 -38.42
C LYS D 148 2.32 3.75 -39.55
N THR D 149 1.03 3.76 -39.22
CA THR D 149 -0.01 3.64 -40.23
C THR D 149 0.08 4.80 -41.21
N LYS D 150 0.14 4.49 -42.51
CA LYS D 150 0.28 5.52 -43.54
C LYS D 150 -1.02 5.97 -44.17
N ALA D 151 -0.97 7.17 -44.74
CA ALA D 151 -2.08 7.83 -45.44
C ALA D 151 -1.47 8.84 -46.39
N GLU D 152 -1.57 8.56 -47.69
CA GLU D 152 -1.04 9.44 -48.74
C GLU D 152 -2.19 10.17 -49.43
N LYS D 153 -1.94 11.39 -49.90
CA LYS D 153 -2.99 12.16 -50.56
C LYS D 153 -2.91 12.11 -52.08
N LYS D 154 -3.95 11.57 -52.70
CA LYS D 154 -4.03 11.52 -54.16
C LYS D 154 -4.90 12.73 -54.59
N GLY D 155 -4.55 13.88 -54.02
CA GLY D 155 -5.24 15.12 -54.28
C GLY D 155 -6.60 15.20 -53.58
N ASP D 156 -7.57 14.47 -54.11
CA ASP D 156 -8.92 14.47 -53.60
C ASP D 156 -9.34 13.12 -53.03
N GLU D 157 -8.36 12.35 -52.55
CA GLU D 157 -8.64 11.02 -52.02
C GLU D 157 -7.40 10.43 -51.35
N TYR D 158 -7.55 10.10 -50.07
CA TYR D 158 -6.46 9.52 -49.33
C TYR D 158 -6.36 8.01 -49.52
N ILE D 159 -5.20 7.56 -49.42
CA ILE D 159 -4.92 6.13 -49.53
C ILE D 159 -4.22 5.67 -48.24
N ILE D 160 -4.98 5.00 -47.39
CA ILE D 160 -4.47 4.51 -46.10
C ILE D 160 -4.08 3.03 -46.18
N ASN D 161 -2.88 2.81 -45.70
CA ASN D 161 -2.22 1.50 -45.60
C ASN D 161 -1.71 1.33 -44.18
N GLY D 162 -2.01 0.22 -43.56
CA GLY D 162 -1.55 -0.01 -42.17
C GLY D 162 -2.24 -1.21 -41.57
N GLN D 163 -2.27 -1.16 -40.23
CA GLN D 163 -2.89 -2.25 -39.50
C GLN D 163 -3.02 -1.85 -38.04
N LYS D 164 -4.27 -1.73 -37.58
CA LYS D 164 -4.53 -1.38 -36.18
C LYS D 164 -4.62 -2.74 -35.47
N MET D 165 -4.66 -2.76 -34.14
CA MET D 165 -4.72 -4.06 -33.48
C MET D 165 -5.78 -4.31 -32.40
N TRP D 166 -5.69 -3.63 -31.26
CA TRP D 166 -6.64 -3.87 -30.18
C TRP D 166 -7.90 -3.02 -30.27
N ILE D 167 -8.71 -3.24 -31.29
CA ILE D 167 -9.91 -2.42 -31.46
C ILE D 167 -11.21 -2.96 -30.93
N THR D 168 -11.78 -2.21 -29.98
CA THR D 168 -13.05 -2.52 -29.37
C THR D 168 -14.10 -2.11 -30.40
N ASN D 169 -15.19 -2.88 -30.49
CA ASN D 169 -16.28 -2.59 -31.43
C ASN D 169 -15.83 -2.53 -32.89
N GLY D 170 -14.60 -2.95 -33.17
CA GLY D 170 -14.07 -2.89 -34.52
C GLY D 170 -14.38 -4.04 -35.44
N GLY D 171 -15.24 -4.93 -34.97
CA GLY D 171 -15.63 -6.08 -35.77
C GLY D 171 -17.07 -5.94 -36.21
N LYS D 172 -17.78 -5.00 -35.58
CA LYS D 172 -19.19 -4.71 -35.87
C LYS D 172 -19.41 -3.25 -36.23
N ALA D 173 -18.35 -2.60 -36.72
CA ALA D 173 -18.43 -1.19 -37.08
C ALA D 173 -18.80 -0.91 -38.53
N ASN D 174 -19.64 0.11 -38.70
CA ASN D 174 -20.05 0.56 -40.03
C ASN D 174 -18.89 1.37 -40.58
N TRP D 175 -18.24 2.11 -39.67
CA TRP D 175 -17.11 2.96 -40.00
C TRP D 175 -16.26 3.21 -38.76
N TYR D 176 -15.00 3.58 -38.98
CA TYR D 176 -14.05 3.85 -37.90
C TYR D 176 -13.32 5.17 -38.06
N PHE D 177 -12.92 5.73 -36.94
CA PHE D 177 -12.13 6.94 -36.95
C PHE D 177 -10.73 6.34 -37.04
N LEU D 178 -9.87 6.98 -37.82
CA LEU D 178 -8.51 6.48 -38.00
C LEU D 178 -7.53 7.63 -37.76
N LEU D 179 -6.38 7.31 -37.17
CA LEU D 179 -5.34 8.30 -36.94
C LEU D 179 -4.11 7.70 -37.58
N ALA D 180 -3.67 8.32 -38.67
CA ALA D 180 -2.53 7.82 -39.40
C ALA D 180 -1.45 8.86 -39.68
N ARG D 181 -0.21 8.40 -39.66
CA ARG D 181 0.96 9.23 -39.92
C ARG D 181 0.89 9.66 -41.39
N SER D 182 0.95 10.97 -41.64
CA SER D 182 0.89 11.49 -43.01
C SER D 182 2.26 11.93 -43.51
N ASP D 183 3.11 12.44 -42.62
CA ASP D 183 4.44 12.90 -43.02
C ASP D 183 5.50 11.83 -42.80
N PRO D 184 5.90 11.13 -43.87
CA PRO D 184 6.93 10.07 -43.81
C PRO D 184 8.16 10.52 -43.03
N ASP D 185 8.47 11.81 -43.14
CA ASP D 185 9.59 12.43 -42.45
C ASP D 185 9.36 12.28 -40.94
N PRO D 186 10.11 11.38 -40.28
CA PRO D 186 10.04 11.08 -38.84
C PRO D 186 10.38 12.23 -37.89
N LYS D 187 10.72 13.38 -38.44
CA LYS D 187 11.04 14.55 -37.62
C LYS D 187 9.74 15.36 -37.46
N ALA D 188 8.68 14.80 -38.03
CA ALA D 188 7.39 15.45 -38.03
C ALA D 188 6.79 15.52 -36.64
N PRO D 189 6.64 16.75 -36.11
CA PRO D 189 6.07 17.02 -34.78
C PRO D 189 4.65 16.46 -34.69
N ALA D 190 4.43 15.61 -33.69
CA ALA D 190 3.15 14.95 -33.43
C ALA D 190 1.95 15.79 -33.82
N ASN D 191 1.80 16.89 -33.11
CA ASN D 191 0.73 17.85 -33.35
C ASN D 191 0.37 17.99 -34.83
N LYS D 192 1.39 17.96 -35.70
CA LYS D 192 1.20 18.13 -37.13
C LYS D 192 1.37 16.88 -38.02
N ALA D 193 2.10 15.89 -37.54
CA ALA D 193 2.37 14.68 -38.34
C ALA D 193 1.23 13.67 -38.54
N PHE D 194 0.12 13.82 -37.80
CA PHE D 194 -0.96 12.84 -37.90
C PHE D 194 -2.29 13.40 -38.41
N THR D 195 -3.01 12.59 -39.18
CA THR D 195 -4.30 12.98 -39.74
C THR D 195 -5.40 12.00 -39.35
N GLY D 196 -6.61 12.54 -39.14
CA GLY D 196 -7.75 11.74 -38.76
C GLY D 196 -8.76 11.55 -39.89
N PHE D 197 -9.09 10.30 -40.17
CA PHE D 197 -10.02 9.99 -41.23
C PHE D 197 -11.24 9.25 -40.71
N ILE D 198 -12.38 9.54 -41.30
CA ILE D 198 -13.61 8.86 -40.97
C ILE D 198 -13.84 7.89 -42.15
N VAL D 199 -13.33 6.66 -41.98
CA VAL D 199 -13.42 5.63 -43.01
C VAL D 199 -14.53 4.62 -42.74
N GLU D 200 -15.11 4.08 -43.80
CA GLU D 200 -16.19 3.11 -43.69
C GLU D 200 -15.74 1.68 -43.93
N ALA D 201 -16.16 0.77 -43.05
CA ALA D 201 -15.81 -0.65 -43.13
C ALA D 201 -16.02 -1.28 -44.51
N ASP D 202 -17.07 -0.84 -45.21
CA ASP D 202 -17.42 -1.35 -46.53
C ASP D 202 -16.33 -1.11 -47.57
N THR D 203 -15.48 -0.11 -47.33
CA THR D 203 -14.40 0.22 -48.26
C THR D 203 -13.54 -1.01 -48.53
N PRO D 204 -13.10 -1.17 -49.78
CA PRO D 204 -12.25 -2.32 -50.16
C PRO D 204 -10.91 -2.26 -49.43
N GLY D 205 -10.22 -3.40 -49.35
CA GLY D 205 -8.93 -3.44 -48.69
C GLY D 205 -9.02 -3.59 -47.17
N ILE D 206 -10.15 -3.18 -46.60
CA ILE D 206 -10.38 -3.29 -45.16
C ILE D 206 -10.62 -4.76 -44.87
N GLN D 207 -9.60 -5.43 -44.33
CA GLN D 207 -9.66 -6.85 -43.99
C GLN D 207 -9.67 -6.96 -42.45
N ILE D 208 -10.84 -7.28 -41.89
CA ILE D 208 -11.02 -7.38 -40.43
C ILE D 208 -10.47 -8.66 -39.80
N GLY D 209 -9.81 -8.50 -38.65
CA GLY D 209 -9.22 -9.64 -37.97
C GLY D 209 -10.21 -10.44 -37.14
N ARG D 210 -9.75 -11.60 -36.71
CA ARG D 210 -10.54 -12.51 -35.89
C ARG D 210 -10.71 -12.01 -34.45
N LYS D 211 -11.75 -12.51 -33.78
CA LYS D 211 -12.01 -12.09 -32.41
C LYS D 211 -10.93 -12.59 -31.45
N GLU D 212 -10.56 -11.74 -30.51
CA GLU D 212 -9.54 -12.07 -29.51
C GLU D 212 -10.17 -12.53 -28.20
N LEU D 213 -9.63 -13.62 -27.66
CA LEU D 213 -10.10 -14.13 -26.39
C LEU D 213 -9.33 -13.40 -25.28
N ASN D 214 -10.07 -12.73 -24.39
CA ASN D 214 -9.45 -11.99 -23.31
C ASN D 214 -9.79 -12.48 -21.91
N MET D 215 -9.13 -11.93 -21.04
CA MET D 215 -9.35 -12.39 -19.67
C MET D 215 -10.69 -11.91 -19.11
N GLY D 216 -11.14 -10.74 -19.61
CA GLY D 216 -12.35 -10.12 -19.02
C GLY D 216 -13.57 -9.79 -19.92
N GLN D 217 -13.62 -8.65 -20.49
CA GLN D 217 -14.83 -8.28 -21.22
C GLN D 217 -14.98 -9.03 -22.54
N ARG D 218 -14.91 -10.35 -22.43
CA ARG D 218 -15.04 -11.24 -23.58
C ARG D 218 -16.27 -10.88 -24.39
N CYS D 219 -17.39 -10.64 -23.73
CA CYS D 219 -18.63 -10.27 -24.39
C CYS D 219 -18.45 -9.15 -25.41
N SER D 220 -17.53 -8.23 -25.12
CA SER D 220 -17.29 -7.13 -26.03
C SER D 220 -16.47 -7.63 -27.22
N ASP D 221 -16.70 -7.04 -28.37
CA ASP D 221 -15.98 -7.44 -29.57
C ASP D 221 -14.67 -6.68 -29.66
N THR D 222 -13.58 -7.42 -29.80
CA THR D 222 -12.26 -6.82 -29.92
C THR D 222 -11.51 -7.51 -31.03
N ARG D 223 -10.83 -6.72 -31.87
CA ARG D 223 -10.04 -7.30 -32.96
C ARG D 223 -9.13 -6.34 -33.71
N GLY D 224 -8.22 -6.94 -34.49
CA GLY D 224 -7.27 -6.18 -35.28
C GLY D 224 -7.84 -5.88 -36.66
N ILE D 225 -7.23 -4.92 -37.35
CA ILE D 225 -7.69 -4.54 -38.69
C ILE D 225 -6.53 -4.20 -39.61
N VAL D 226 -6.36 -5.00 -40.66
CA VAL D 226 -5.32 -4.69 -41.62
C VAL D 226 -5.99 -3.85 -42.70
N PHE D 227 -5.52 -2.68 -43.00
CA PHE D 227 -6.07 -1.74 -43.97
C PHE D 227 -5.27 -1.86 -45.28
N GLU D 228 -5.54 -2.96 -45.99
CA GLU D 228 -4.80 -3.27 -47.25
C GLU D 228 -4.57 -1.98 -48.12
N ASP D 229 -5.50 -1.50 -48.92
CA ASP D 229 -5.17 -0.24 -49.71
C ASP D 229 -6.29 0.75 -49.62
N VAL D 230 -7.04 0.57 -48.58
CA VAL D 230 -8.19 1.39 -48.28
C VAL D 230 -7.89 2.86 -48.58
N LYS D 231 -8.74 3.19 -49.64
CA LYS D 231 -8.84 4.58 -50.08
C LYS D 231 -10.05 5.31 -49.50
N VAL D 232 -9.82 6.53 -49.01
CA VAL D 232 -10.89 7.32 -48.41
C VAL D 232 -11.04 8.71 -49.00
N PRO D 233 -12.24 9.00 -49.52
CA PRO D 233 -12.59 10.29 -50.12
C PRO D 233 -12.11 11.49 -49.32
N LYS D 234 -11.48 12.44 -50.01
CA LYS D 234 -10.92 13.68 -49.47
C LYS D 234 -11.69 14.37 -48.34
N GLU D 235 -13.01 14.40 -48.45
CA GLU D 235 -13.86 15.05 -47.43
C GLU D 235 -13.97 14.33 -46.09
N ASN D 236 -13.24 13.23 -45.96
CA ASN D 236 -13.26 12.43 -44.74
C ASN D 236 -12.25 12.89 -43.67
N VAL D 237 -11.32 13.75 -44.06
CA VAL D 237 -10.37 14.28 -43.10
C VAL D 237 -11.23 15.14 -42.20
N LEU D 238 -11.06 15.00 -40.90
CA LEU D 238 -11.85 15.81 -39.97
C LEU D 238 -11.48 17.29 -40.06
N ILE D 239 -10.40 17.69 -39.38
CA ILE D 239 -10.00 19.10 -39.44
C ILE D 239 -9.14 19.32 -40.67
N GLY D 240 -7.86 18.99 -40.59
CA GLY D 240 -7.00 19.23 -41.73
C GLY D 240 -5.73 18.42 -41.68
N ASP D 241 -5.37 17.86 -42.85
CA ASP D 241 -4.19 17.03 -43.04
C ASP D 241 -3.06 17.35 -42.05
N GLY D 242 -2.96 16.53 -41.01
CA GLY D 242 -1.91 16.73 -40.02
C GLY D 242 -2.35 17.44 -38.75
N ALA D 243 -3.62 17.47 -38.49
CA ALA D 243 -4.16 18.05 -37.27
C ALA D 243 -4.85 16.96 -36.44
N GLY D 244 -4.76 15.77 -36.97
CA GLY D 244 -5.37 14.55 -36.40
C GLY D 244 -4.87 14.19 -34.99
N PHE D 245 -3.58 14.53 -34.71
CA PHE D 245 -3.04 14.16 -33.41
C PHE D 245 -3.87 14.78 -32.28
N LYS D 246 -4.38 16.03 -32.50
CA LYS D 246 -5.12 16.60 -31.38
C LYS D 246 -6.52 16.00 -31.30
N VAL D 247 -7.23 15.95 -32.38
CA VAL D 247 -8.54 15.38 -32.29
C VAL D 247 -8.50 14.10 -31.39
N ALA D 248 -7.72 13.07 -31.70
CA ALA D 248 -7.71 11.85 -30.83
C ALA D 248 -7.55 12.24 -29.34
N MET D 249 -6.56 13.07 -28.99
CA MET D 249 -6.35 13.51 -27.61
C MET D 249 -7.61 14.15 -27.02
N GLY D 250 -8.31 14.93 -27.83
CA GLY D 250 -9.53 15.62 -27.42
C GLY D 250 -10.65 14.61 -27.15
N ALA D 251 -10.73 13.63 -28.04
CA ALA D 251 -11.71 12.56 -27.86
C ALA D 251 -11.47 11.87 -26.51
N PHE D 252 -10.21 11.59 -26.28
CA PHE D 252 -9.72 10.93 -25.05
C PHE D 252 -10.22 11.64 -23.82
N ASP D 253 -9.58 12.75 -23.60
CA ASP D 253 -9.87 13.61 -22.49
C ASP D 253 -11.33 13.65 -22.30
N LYS D 254 -11.97 13.87 -23.37
CA LYS D 254 -13.37 13.92 -23.36
C LYS D 254 -13.94 12.63 -22.83
N GLU D 255 -13.50 11.56 -23.34
CA GLU D 255 -14.11 10.30 -22.97
C GLU D 255 -13.52 9.54 -21.67
N ARG D 256 -12.26 9.80 -21.19
CA ARG D 256 -11.64 9.08 -19.95
C ARG D 256 -12.59 9.07 -18.72
N PRO D 257 -13.33 10.13 -18.41
CA PRO D 257 -14.24 10.13 -17.25
C PRO D 257 -15.22 8.97 -17.32
N VAL D 258 -15.70 8.67 -18.52
CA VAL D 258 -16.65 7.58 -18.70
C VAL D 258 -16.09 6.19 -18.43
N VAL D 259 -14.85 5.94 -18.84
CA VAL D 259 -14.21 4.65 -18.58
C VAL D 259 -13.95 4.56 -17.07
N ALA D 260 -13.69 5.70 -16.44
CA ALA D 260 -13.45 5.73 -15.02
C ALA D 260 -14.75 5.31 -14.35
N ALA D 261 -15.82 6.28 -14.76
CA ALA D 261 -17.15 5.93 -14.27
C ALA D 261 -17.49 4.47 -14.56
N GLY D 262 -17.06 3.96 -15.71
CA GLY D 262 -17.33 2.57 -16.05
C GLY D 262 -16.72 1.69 -14.98
N ALA D 263 -15.52 2.07 -14.55
CA ALA D 263 -14.79 1.36 -13.53
C ALA D 263 -15.56 1.43 -12.22
N VAL D 264 -15.96 2.64 -11.85
CA VAL D 264 -16.72 2.85 -10.61
C VAL D 264 -17.96 1.97 -10.57
N GLY D 265 -18.58 1.74 -11.73
CA GLY D 265 -19.75 0.89 -11.77
C GLY D 265 -19.38 -0.50 -11.29
N LEU D 266 -18.27 -1.02 -11.82
CA LEU D 266 -17.78 -2.35 -11.44
C LEU D 266 -17.42 -2.35 -9.96
N ALA D 267 -16.84 -1.26 -9.47
CA ALA D 267 -16.44 -1.15 -8.06
C ALA D 267 -17.67 -1.21 -7.15
N GLN D 268 -18.76 -0.57 -7.59
CA GLN D 268 -20.01 -0.60 -6.85
C GLN D 268 -20.58 -2.01 -6.84
N ARG D 269 -20.59 -2.67 -8.00
CA ARG D 269 -21.11 -4.03 -8.08
C ARG D 269 -20.31 -4.92 -7.13
N ALA D 270 -19.00 -4.71 -7.07
CA ALA D 270 -18.12 -5.46 -6.17
C ALA D 270 -18.50 -5.23 -4.71
N LEU D 271 -18.76 -3.98 -4.34
CA LEU D 271 -19.12 -3.61 -2.98
C LEU D 271 -20.51 -4.10 -2.58
N ASP D 272 -21.47 -3.99 -3.50
CA ASP D 272 -22.84 -4.45 -3.26
C ASP D 272 -22.80 -5.97 -3.02
N GLU D 273 -22.14 -6.69 -3.93
CA GLU D 273 -22.01 -8.14 -3.85
C GLU D 273 -21.40 -8.64 -2.54
N ALA D 274 -20.21 -8.15 -2.21
CA ALA D 274 -19.52 -8.57 -0.99
C ALA D 274 -20.21 -8.22 0.35
N THR D 275 -20.78 -7.02 0.47
CA THR D 275 -21.44 -6.62 1.71
C THR D 275 -22.59 -7.57 1.99
N LYS D 276 -23.36 -7.88 0.96
CA LYS D 276 -24.50 -8.77 1.08
C LYS D 276 -24.06 -10.10 1.68
N TYR D 277 -22.94 -10.61 1.20
CA TYR D 277 -22.39 -11.88 1.66
C TYR D 277 -21.97 -11.76 3.11
N ALA D 278 -21.32 -10.66 3.44
CA ALA D 278 -20.86 -10.42 4.80
C ALA D 278 -21.99 -10.42 5.83
N LEU D 279 -23.18 -10.00 5.39
CA LEU D 279 -24.34 -9.96 6.28
C LEU D 279 -25.13 -11.28 6.29
N GLU D 280 -24.62 -12.27 5.58
CA GLU D 280 -25.26 -13.58 5.51
C GLU D 280 -24.35 -14.70 6.00
N ARG D 281 -23.09 -14.66 5.61
CA ARG D 281 -22.15 -15.71 6.00
C ARG D 281 -21.67 -15.62 7.44
N LYS D 282 -21.47 -16.68 8.14
CA LYS D 282 -21.07 -16.78 9.56
C LYS D 282 -19.86 -17.68 9.68
N THR D 283 -18.85 -17.27 10.44
CA THR D 283 -17.67 -18.14 10.54
C THR D 283 -17.36 -18.59 11.98
N PHE D 284 -17.32 -17.74 12.96
CA PHE D 284 -17.03 -18.26 14.30
C PHE D 284 -18.19 -17.90 15.22
N GLY D 285 -19.36 -18.16 14.69
CA GLY D 285 -20.61 -17.85 15.37
C GLY D 285 -20.74 -16.34 15.38
N LYS D 286 -20.47 -15.79 14.21
CA LYS D 286 -20.53 -14.33 13.96
C LYS D 286 -20.71 -14.07 12.47
N LEU D 287 -21.63 -13.24 12.07
CA LEU D 287 -21.78 -12.88 10.67
C LEU D 287 -20.43 -12.29 10.33
N LEU D 288 -20.01 -12.43 9.08
CA LEU D 288 -18.72 -11.91 8.63
C LEU D 288 -18.48 -10.46 9.03
N VAL D 289 -19.56 -9.65 9.01
CA VAL D 289 -19.50 -8.24 9.34
C VAL D 289 -19.00 -7.96 10.76
N GLU D 290 -19.27 -8.90 11.67
CA GLU D 290 -18.83 -8.78 13.06
C GLU D 290 -17.33 -8.58 13.17
N HIS D 291 -16.56 -9.49 12.56
CA HIS D 291 -15.11 -9.41 12.57
C HIS D 291 -14.66 -8.03 12.11
N GLN D 292 -14.06 -7.29 13.03
CA GLN D 292 -13.58 -5.93 12.76
C GLN D 292 -12.67 -5.83 11.51
N ALA D 293 -11.95 -6.90 11.23
CA ALA D 293 -11.06 -6.92 10.07
C ALA D 293 -11.87 -6.81 8.77
N ILE D 294 -13.02 -7.47 8.74
CA ILE D 294 -13.88 -7.45 7.58
C ILE D 294 -14.60 -6.10 7.46
N SER D 295 -15.17 -5.64 8.57
CA SER D 295 -15.87 -4.37 8.59
C SER D 295 -14.94 -3.24 8.14
N PHE D 296 -13.70 -3.25 8.63
CA PHE D 296 -12.76 -2.21 8.23
C PHE D 296 -12.45 -2.31 6.75
N MET D 297 -12.54 -3.53 6.22
CA MET D 297 -12.26 -3.80 4.82
C MET D 297 -13.35 -3.15 3.98
N LEU D 298 -14.61 -3.38 4.37
CA LEU D 298 -15.76 -2.83 3.68
C LEU D 298 -15.78 -1.30 3.76
N ALA D 299 -15.37 -0.76 4.91
CA ALA D 299 -15.34 0.67 5.11
C ALA D 299 -14.35 1.32 4.16
N GLU D 300 -13.30 0.58 3.78
CA GLU D 300 -12.31 1.10 2.86
C GLU D 300 -12.76 0.95 1.42
N MET D 301 -13.49 -0.12 1.13
CA MET D 301 -14.01 -0.34 -0.22
C MET D 301 -15.04 0.75 -0.50
N ALA D 302 -15.67 1.23 0.56
CA ALA D 302 -16.66 2.30 0.46
C ALA D 302 -15.91 3.59 0.11
N MET D 303 -14.90 3.91 0.91
CA MET D 303 -14.08 5.11 0.73
C MET D 303 -13.55 5.26 -0.70
N LYS D 304 -13.12 4.16 -1.29
CA LYS D 304 -12.58 4.20 -2.64
C LYS D 304 -13.66 4.57 -3.65
N VAL D 305 -14.79 3.87 -3.63
CA VAL D 305 -15.90 4.14 -4.55
C VAL D 305 -16.34 5.60 -4.44
N GLU D 306 -16.39 6.11 -3.21
CA GLU D 306 -16.79 7.49 -2.94
C GLU D 306 -15.91 8.53 -3.63
N LEU D 307 -14.60 8.40 -3.44
CA LEU D 307 -13.62 9.31 -4.03
C LEU D 307 -13.52 9.20 -5.57
N ALA D 308 -13.62 7.98 -6.11
CA ALA D 308 -13.55 7.78 -7.55
C ALA D 308 -14.81 8.36 -8.17
N ARG D 309 -15.92 8.23 -7.45
CA ARG D 309 -17.17 8.78 -7.94
C ARG D 309 -16.98 10.29 -8.00
N MET D 310 -16.54 10.89 -6.90
CA MET D 310 -16.33 12.34 -6.86
C MET D 310 -15.23 12.82 -7.79
N SER D 311 -14.33 11.91 -8.15
CA SER D 311 -13.23 12.27 -9.03
C SER D 311 -13.71 12.33 -10.47
N TYR D 312 -14.51 11.36 -10.89
CA TYR D 312 -15.00 11.36 -12.27
C TYR D 312 -16.07 12.44 -12.43
N GLN D 313 -16.85 12.69 -11.39
CA GLN D 313 -17.89 13.72 -11.42
C GLN D 313 -17.25 15.10 -11.61
N ARG D 314 -15.98 15.18 -11.22
CA ARG D 314 -15.21 16.39 -11.34
C ARG D 314 -14.68 16.58 -12.76
N ALA D 315 -14.12 15.53 -13.33
CA ALA D 315 -13.58 15.59 -14.68
C ALA D 315 -14.69 15.82 -15.69
N ALA D 316 -15.78 15.08 -15.53
CA ALA D 316 -16.93 15.19 -16.42
C ALA D 316 -17.42 16.64 -16.46
N TRP D 317 -17.45 17.27 -15.29
CA TRP D 317 -17.90 18.66 -15.13
C TRP D 317 -16.93 19.65 -15.78
N GLU D 318 -15.63 19.43 -15.61
CA GLU D 318 -14.62 20.30 -16.18
C GLU D 318 -14.83 20.56 -17.65
N VAL D 319 -14.91 19.49 -18.44
CA VAL D 319 -15.11 19.60 -19.88
C VAL D 319 -16.52 20.11 -20.22
N ASP D 320 -17.48 19.87 -19.35
CA ASP D 320 -18.84 20.35 -19.61
C ASP D 320 -18.94 21.84 -19.30
N SER D 321 -17.99 22.36 -18.54
CA SER D 321 -17.96 23.78 -18.24
C SER D 321 -17.05 24.43 -19.29
N GLY D 322 -16.69 23.67 -20.33
CA GLY D 322 -15.83 24.17 -21.39
C GLY D 322 -14.35 24.16 -21.05
N ARG D 323 -14.05 24.07 -19.76
CA ARG D 323 -12.67 24.08 -19.29
C ARG D 323 -11.97 22.77 -19.66
N ARG D 324 -10.69 22.85 -20.07
CA ARG D 324 -9.94 21.65 -20.42
C ARG D 324 -9.76 20.79 -19.15
N ASN D 325 -10.10 19.51 -19.26
CA ASN D 325 -10.07 18.59 -18.13
C ASN D 325 -8.85 17.71 -17.93
N THR D 326 -8.05 17.52 -18.98
CA THR D 326 -6.86 16.66 -18.93
C THR D 326 -6.35 16.28 -17.55
N TYR D 327 -5.97 17.28 -16.76
CA TYR D 327 -5.44 17.07 -15.42
C TYR D 327 -6.40 16.26 -14.54
N TYR D 328 -7.60 16.79 -14.31
CA TYR D 328 -8.61 16.13 -13.47
C TYR D 328 -9.11 14.80 -14.04
N ALA D 329 -9.12 14.72 -15.36
CA ALA D 329 -9.57 13.53 -16.06
C ALA D 329 -8.63 12.38 -15.80
N SER D 330 -7.36 12.54 -16.13
CA SER D 330 -6.38 11.48 -15.92
C SER D 330 -6.23 11.14 -14.44
N ILE D 331 -6.47 12.13 -13.57
CA ILE D 331 -6.41 11.90 -12.13
C ILE D 331 -7.50 10.87 -11.87
N ALA D 332 -8.69 11.13 -12.43
CA ALA D 332 -9.86 10.28 -12.27
C ALA D 332 -9.70 8.89 -12.85
N LYS D 333 -9.24 8.81 -14.10
CA LYS D 333 -9.03 7.52 -14.74
C LYS D 333 -8.03 6.70 -13.94
N ALA D 334 -6.94 7.34 -13.50
CA ALA D 334 -5.91 6.66 -12.72
C ALA D 334 -6.49 6.08 -11.43
N PHE D 335 -6.98 6.96 -10.56
CA PHE D 335 -7.56 6.55 -9.28
C PHE D 335 -8.66 5.50 -9.40
N ALA D 336 -9.69 5.79 -10.19
CA ALA D 336 -10.82 4.87 -10.39
C ALA D 336 -10.34 3.52 -10.85
N GLY D 337 -9.53 3.49 -11.90
CA GLY D 337 -9.00 2.24 -12.42
C GLY D 337 -8.32 1.45 -11.31
N ASP D 338 -7.37 2.09 -10.62
CA ASP D 338 -6.62 1.45 -9.53
C ASP D 338 -7.50 0.78 -8.46
N ILE D 339 -8.42 1.56 -7.91
CA ILE D 339 -9.30 1.07 -6.88
C ILE D 339 -10.28 0.00 -7.38
N ALA D 340 -10.54 -0.02 -8.70
CA ALA D 340 -11.46 -1.02 -9.26
C ALA D 340 -10.96 -2.42 -8.93
N ASN D 341 -9.70 -2.68 -9.27
CA ASN D 341 -9.09 -3.98 -9.01
C ASN D 341 -9.06 -4.29 -7.52
N GLN D 342 -8.58 -3.35 -6.73
CA GLN D 342 -8.51 -3.56 -5.29
C GLN D 342 -9.88 -4.00 -4.78
N LEU D 343 -10.92 -3.32 -5.23
CA LEU D 343 -12.27 -3.67 -4.79
C LEU D 343 -12.70 -5.04 -5.28
N ALA D 344 -12.39 -5.37 -6.53
CA ALA D 344 -12.77 -6.66 -7.10
C ALA D 344 -12.13 -7.82 -6.34
N THR D 345 -10.81 -7.76 -6.17
CA THR D 345 -10.07 -8.80 -5.45
C THR D 345 -10.50 -8.87 -3.98
N ASP D 346 -10.85 -7.73 -3.40
CA ASP D 346 -11.30 -7.68 -2.01
C ASP D 346 -12.68 -8.31 -1.84
N ALA D 347 -13.55 -8.14 -2.85
CA ALA D 347 -14.89 -8.71 -2.81
C ALA D 347 -14.79 -10.23 -2.89
N VAL D 348 -13.95 -10.70 -3.81
CA VAL D 348 -13.73 -12.13 -3.97
C VAL D 348 -13.34 -12.70 -2.61
N GLN D 349 -12.28 -12.13 -2.04
CA GLN D 349 -11.77 -12.53 -0.73
C GLN D 349 -12.84 -12.83 0.31
N ILE D 350 -13.75 -11.88 0.50
CA ILE D 350 -14.83 -12.00 1.47
C ILE D 350 -15.77 -13.20 1.17
N LEU D 351 -15.90 -13.58 -0.09
CA LEU D 351 -16.75 -14.72 -0.43
C LEU D 351 -16.04 -16.07 -0.26
N GLY D 352 -14.76 -16.04 0.10
CA GLY D 352 -13.99 -17.26 0.31
C GLY D 352 -13.92 -18.14 -0.92
N GLY D 353 -14.06 -19.45 -0.74
CA GLY D 353 -14.02 -20.36 -1.87
C GLY D 353 -14.96 -19.87 -2.96
N ASN D 354 -16.19 -19.55 -2.56
CA ASN D 354 -17.22 -19.05 -3.46
C ASN D 354 -16.72 -17.90 -4.32
N GLY D 355 -15.92 -17.02 -3.72
CA GLY D 355 -15.39 -15.88 -4.47
C GLY D 355 -14.61 -16.35 -5.67
N PHE D 356 -13.78 -17.37 -5.45
CA PHE D 356 -12.94 -17.96 -6.48
C PHE D 356 -13.74 -18.91 -7.39
N ASN D 357 -15.06 -18.93 -7.22
CA ASN D 357 -15.92 -19.82 -8.00
C ASN D 357 -16.78 -19.13 -9.06
N THR D 358 -16.98 -19.84 -10.17
CA THR D 358 -17.74 -19.39 -11.32
C THR D 358 -19.26 -19.31 -11.10
N GLU D 359 -19.81 -20.10 -10.18
CA GLU D 359 -21.25 -20.02 -9.96
C GLU D 359 -21.54 -18.67 -9.32
N TYR D 360 -20.47 -17.94 -8.95
CA TYR D 360 -20.59 -16.63 -8.33
C TYR D 360 -20.15 -15.49 -9.24
N PRO D 361 -20.76 -14.30 -9.08
CA PRO D 361 -20.52 -13.06 -9.82
C PRO D 361 -19.13 -12.43 -9.68
N VAL D 362 -18.65 -12.35 -8.44
CA VAL D 362 -17.35 -11.76 -8.12
C VAL D 362 -16.19 -12.05 -9.10
N GLU D 363 -15.87 -13.33 -9.30
CA GLU D 363 -14.80 -13.74 -10.20
C GLU D 363 -14.81 -12.99 -11.54
N LYS D 364 -15.98 -12.86 -12.16
CA LYS D 364 -16.10 -12.16 -13.43
C LYS D 364 -15.65 -10.73 -13.27
N LEU D 365 -16.14 -10.10 -12.22
CA LEU D 365 -15.80 -8.72 -11.91
C LEU D 365 -14.28 -8.57 -11.75
N MET D 366 -13.61 -9.58 -11.19
CA MET D 366 -12.18 -9.49 -11.03
C MET D 366 -11.49 -9.52 -12.38
N ARG D 367 -11.90 -10.43 -13.25
CA ARG D 367 -11.30 -10.52 -14.59
C ARG D 367 -11.65 -9.31 -15.47
N ASP D 368 -12.75 -8.64 -15.15
CA ASP D 368 -13.16 -7.48 -15.93
C ASP D 368 -12.41 -6.23 -15.58
N ALA D 369 -12.17 -6.03 -14.29
CA ALA D 369 -11.49 -4.83 -13.81
C ALA D 369 -10.05 -4.65 -14.29
N LYS D 370 -9.40 -5.73 -14.70
CA LYS D 370 -8.03 -5.62 -15.16
C LYS D 370 -7.79 -4.65 -16.33
N ILE D 371 -8.70 -4.58 -17.30
CA ILE D 371 -8.50 -3.65 -18.45
C ILE D 371 -8.53 -2.18 -18.08
N TYR D 372 -9.15 -1.87 -16.96
CA TYR D 372 -9.26 -0.49 -16.50
C TYR D 372 -7.95 0.15 -16.09
N GLN D 373 -6.87 -0.62 -16.16
CA GLN D 373 -5.57 -0.12 -15.81
C GLN D 373 -4.70 0.01 -17.05
N ILE D 374 -5.16 -0.57 -18.14
CA ILE D 374 -4.38 -0.51 -19.36
C ILE D 374 -4.97 0.27 -20.52
N TYR D 375 -6.15 -0.13 -21.00
CA TYR D 375 -6.78 0.55 -22.13
C TYR D 375 -7.31 1.95 -21.83
N GLY D 376 -7.28 2.82 -22.86
CA GLY D 376 -7.76 4.17 -22.68
C GLY D 376 -6.83 4.89 -21.72
N GLY D 377 -5.53 4.68 -21.92
CA GLY D 377 -4.53 5.28 -21.08
C GLY D 377 -4.24 4.49 -19.82
N THR D 378 -3.21 3.66 -19.88
CA THR D 378 -2.83 2.84 -18.72
C THR D 378 -2.64 3.74 -17.49
N SER D 379 -2.70 3.12 -16.30
CA SER D 379 -2.50 3.84 -15.04
C SER D 379 -1.19 4.62 -15.08
N GLN D 380 -0.15 4.04 -15.66
CA GLN D 380 1.13 4.71 -15.76
C GLN D 380 1.08 6.04 -16.53
N ILE D 381 0.64 6.02 -17.79
CA ILE D 381 0.60 7.26 -18.55
C ILE D 381 -0.31 8.30 -17.91
N GLN D 382 -1.23 7.86 -17.06
CA GLN D 382 -2.11 8.78 -16.36
C GLN D 382 -1.23 9.57 -15.40
N ARG D 383 -0.49 8.84 -14.57
CA ARG D 383 0.42 9.45 -13.60
C ARG D 383 1.39 10.36 -14.35
N LEU D 384 1.76 9.90 -15.55
CA LEU D 384 2.67 10.63 -16.41
C LEU D 384 2.15 12.01 -16.81
N ILE D 385 0.89 12.09 -17.24
CA ILE D 385 0.34 13.38 -17.64
C ILE D 385 -0.10 14.25 -16.47
N VAL D 386 -0.41 13.63 -15.34
CA VAL D 386 -0.82 14.39 -14.16
C VAL D 386 0.42 15.13 -13.66
N ALA D 387 1.56 14.45 -13.69
CA ALA D 387 2.82 15.04 -13.25
C ALA D 387 3.14 16.18 -14.19
N ARG D 388 2.83 15.98 -15.47
CA ARG D 388 3.03 16.96 -16.51
C ARG D 388 2.20 18.22 -16.22
N GLU D 389 0.89 18.05 -16.05
CA GLU D 389 -0.01 19.18 -15.79
C GLU D 389 0.34 19.87 -14.48
N HIS D 390 0.56 19.07 -13.46
CA HIS D 390 0.90 19.58 -12.15
C HIS D 390 2.20 20.40 -12.20
N ILE D 391 3.27 19.83 -12.75
CA ILE D 391 4.56 20.50 -12.80
C ILE D 391 4.54 21.86 -13.44
N ASP D 392 3.91 21.97 -14.61
CA ASP D 392 3.86 23.24 -15.33
C ASP D 392 3.22 24.36 -14.54
N LYS D 393 2.49 24.03 -13.48
CA LYS D 393 1.86 25.05 -12.67
C LYS D 393 2.93 25.77 -11.86
N TYR D 394 4.10 25.14 -11.75
CA TYR D 394 5.22 25.74 -11.02
C TYR D 394 6.33 26.07 -12.03
N LYS D 395 6.35 25.31 -13.11
CA LYS D 395 7.34 25.45 -14.16
C LYS D 395 7.30 26.81 -14.84
N ASN D 396 8.45 27.16 -15.42
CA ASN D 396 8.63 28.41 -16.16
C ASN D 396 9.71 28.06 -17.17
N1A CO8 E . -24.82 12.34 15.60
C2A CO8 E . -25.85 12.23 16.45
N3A CO8 E . -26.16 11.18 17.24
C4A CO8 E . -25.29 10.15 17.10
C5A CO8 E . -24.19 10.13 16.26
C6A CO8 E . -23.95 11.29 15.47
N6A CO8 E . -22.92 11.29 14.59
N7A CO8 E . -23.49 8.94 16.33
C8A CO8 E . -24.16 8.27 17.21
N9A CO8 E . -25.27 8.93 17.72
C1B CO8 E . -26.23 8.37 18.69
C2B CO8 E . -26.49 6.87 18.39
O2B CO8 E . -27.49 6.77 17.36
C3B CO8 E . -27.04 6.36 19.74
O3B CO8 E . -28.39 6.90 19.93
P3B CO8 E . -29.71 6.00 20.33
O7A CO8 E . -30.17 6.47 21.70
O8A CO8 E . -30.73 6.32 19.28
O9A CO8 E . -29.16 4.61 20.26
C4B CO8 E . -26.01 7.09 20.66
O4B CO8 E . -25.60 8.30 19.98
C5B CO8 E . -24.79 6.20 20.94
O5B CO8 E . -24.08 5.81 19.78
P1A CO8 E . -22.82 4.77 19.77
O1A CO8 E . -23.38 3.50 20.33
O2A CO8 E . -22.35 4.84 18.36
O3A CO8 E . -21.65 5.39 20.75
P2A CO8 E . -20.27 4.64 21.22
O4A CO8 E . -19.29 5.57 21.90
O5A CO8 E . -20.60 3.47 22.09
O6A CO8 E . -19.56 4.06 19.88
CBP CO8 E . -18.64 6.06 18.46
CCP CO8 E . -19.32 4.66 18.60
CDP CO8 E . -17.91 5.97 17.09
CEP CO8 E . -19.74 7.13 18.36
CAP CO8 E . -17.60 6.34 19.60
OAP CO8 E . -16.42 5.54 19.48
C9P CO8 E . -17.13 7.79 19.65
O9P CO8 E . -17.62 8.58 20.45
N8P CO8 E . -16.07 8.16 18.77
C7P CO8 E . -15.46 9.49 18.66
C6P CO8 E . -14.12 9.81 19.36
C5P CO8 E . -13.55 11.19 18.96
O5P CO8 E . -13.57 11.58 17.78
N4P CO8 E . -12.96 12.02 20.02
C3P CO8 E . -12.39 13.33 19.74
C2P CO8 E . -12.15 14.29 20.91
S1P CO8 E . -12.03 16.07 20.44
C1' CO8 E . -10.50 16.25 19.52
O1' CO8 E . -9.71 15.26 19.50
C2' CO8 E . -10.31 17.61 18.82
C3' CO8 E . -8.93 18.22 19.04
C4' CO8 E . -8.77 19.58 18.35
C5' CO8 E . -8.83 19.47 16.83
C6' CO8 E . -8.58 20.83 16.17
C7' CO8 E . -9.73 21.82 16.40
C8' CO8 E . -10.91 21.51 15.49
PA FAD F . -6.91 5.16 22.93
O1A FAD F . -8.39 5.07 23.09
O2A FAD F . -5.93 5.24 24.05
O5B FAD F . -6.43 3.90 22.05
C5B FAD F . -6.16 4.38 20.76
C4B FAD F . -5.46 3.46 19.77
O4B FAD F . -6.18 2.20 19.68
C3B FAD F . -5.53 4.07 18.37
O3B FAD F . -4.88 3.26 17.40
C2B FAD F . -7.04 3.83 18.29
O2B FAD F . -7.47 4.11 17.04
C1B FAD F . -7.07 2.32 18.54
N9A FAD F . -8.44 1.84 18.87
C8A FAD F . -9.17 2.00 20.04
N7A FAD F . -10.29 1.35 20.08
C5A FAD F . -10.31 0.71 18.84
C6A FAD F . -11.26 -0.15 18.26
N6A FAD F . -12.36 -0.51 18.94
N1A FAD F . -11.00 -0.61 17.01
C2A FAD F . -9.88 -0.27 16.39
N3A FAD F . -8.92 0.52 16.83
C4A FAD F . -9.19 0.98 18.09
N1 FAD F . -9.46 15.59 23.12
C2 FAD F . -10.48 16.45 23.45
O2 FAD F . -11.57 16.14 23.96
N3 FAD F . -10.30 17.77 23.13
C4 FAD F . -9.24 18.35 22.54
O4 FAD F . -9.35 19.57 22.44
C4X FAD F . -8.14 17.42 22.19
N5 FAD F . -7.04 17.99 21.60
C5X FAD F . -6.06 17.11 21.35
C6 FAD F . -4.86 17.70 20.90
C7 FAD F . -3.71 17.01 20.72
C7M FAD F . -2.49 17.79 20.13
C8 FAD F . -3.70 15.59 21.00
C8M FAD F . -2.41 14.77 20.99
C9 FAD F . -4.86 14.98 21.42
C9A FAD F . -6.05 15.73 21.60
N10 FAD F . -7.21 15.17 22.20
C10 FAD F . -8.33 16.06 22.52
C1' FAD F . -7.16 13.76 22.52
C2' FAD F . -7.59 12.82 21.39
O2' FAD F . -9.02 12.89 21.23
C3' FAD F . -7.19 11.37 21.73
O3' FAD F . -5.78 11.20 21.98
C4' FAD F . -7.59 10.40 20.60
O4' FAD F . -9.01 10.15 20.51
C5' FAD F . -6.94 9.05 20.81
O5' FAD F . -7.52 8.75 22.05
P FAD F . -6.70 7.94 23.13
O1P FAD F . -5.36 8.53 23.20
O2P FAD F . -7.55 7.83 24.35
O3P FAD F . -6.74 6.60 22.23
N1A CO8 G . 30.12 -3.18 -6.84
C2A CO8 G . 31.15 -3.11 -7.70
N3A CO8 G . 31.38 -2.24 -8.69
C4A CO8 G . 30.40 -1.30 -8.74
C5A CO8 G . 29.29 -1.21 -7.94
C6A CO8 G . 29.15 -2.22 -6.94
N6A CO8 G . 28.11 -2.25 -6.07
N7A CO8 G . 28.53 -0.08 -8.30
C8A CO8 G . 29.19 0.47 -9.27
N9A CO8 G . 30.34 -0.23 -9.60
C1B CO8 G . 31.36 0.04 -10.63
C2B CO8 G . 30.53 0.18 -11.91
O2B CO8 G . 30.14 -1.14 -12.26
C3B CO8 G . 31.49 0.92 -12.87
O3B CO8 G . 32.67 0.14 -13.23
P3B CO8 G . 32.87 -0.36 -14.78
O7A CO8 G . 32.71 -1.86 -14.65
O8A CO8 G . 31.80 0.33 -15.60
O9A CO8 G . 34.25 0.07 -15.13
C4B CO8 G . 31.96 1.97 -11.84
O4B CO8 G . 32.07 1.31 -10.52
C5B CO8 G . 30.98 3.14 -11.78
O5B CO8 G . 29.66 2.85 -11.33
P1A CO8 G . 28.35 2.95 -12.29
O1A CO8 G . 28.64 3.76 -13.54
O2A CO8 G . 27.71 1.60 -12.42
O3A CO8 G . 27.47 3.88 -11.26
P2A CO8 G . 27.05 5.49 -11.14
O4A CO8 G . 28.17 6.39 -11.54
O5A CO8 G . 25.71 5.64 -11.81
O6A CO8 G . 26.71 5.70 -9.55
CBP CO8 G . 25.28 4.53 -7.70
CCP CO8 G . 26.30 4.51 -8.81
CDP CO8 G . 24.09 5.43 -8.15
CEP CO8 G . 24.83 3.08 -7.52
CAP CO8 G . 26.02 5.10 -6.49
OAP CO8 G . 26.06 6.50 -6.62
C9P CO8 G . 25.39 4.94 -5.11
O9P CO8 G . 25.00 3.83 -4.72
N8P CO8 G . 25.28 6.04 -4.26
C7P CO8 G . 24.67 5.88 -2.94
C6P CO8 G . 24.65 7.17 -2.12
C5P CO8 G . 25.34 7.01 -0.76
O5P CO8 G . 25.29 5.93 -0.16
N4P CO8 G . 25.99 8.12 -0.21
C3P CO8 G . 26.68 8.06 1.11
C2P CO8 G . 25.98 7.26 2.20
S1P CO8 G . 27.00 7.04 3.69
C1' CO8 G . 25.87 7.17 4.93
O1' CO8 G . 24.99 7.93 4.66
C2' CO8 G . 26.02 6.30 6.13
C3' CO8 G . 26.01 6.98 7.50
C4' CO8 G . 26.60 6.09 8.59
C5' CO8 G . 25.65 5.00 9.00
C6' CO8 G . 26.23 4.24 10.18
C7' CO8 G . 27.48 3.50 9.76
C8' CO8 G . 27.16 2.22 9.01
PA FAD H . 19.54 13.72 -3.30
O1A FAD H . 20.68 13.09 -4.03
O2A FAD H . 19.25 15.17 -3.46
O5B FAD H . 18.22 12.96 -3.77
C5B FAD H . 16.92 13.53 -3.59
C4B FAD H . 15.74 12.65 -4.00
O4B FAD H . 15.79 12.25 -5.40
C3B FAD H . 15.73 11.34 -3.18
O3B FAD H . 14.40 10.84 -3.15
C2B FAD H . 16.53 10.46 -4.15
O2B FAD H . 16.18 9.14 -3.99
C1B FAD H . 15.91 10.83 -5.48
N9A FAD H . 16.82 10.47 -6.52
C8A FAD H . 18.12 10.90 -6.70
N7A FAD H . 18.64 10.51 -7.82
C5A FAD H . 17.62 9.76 -8.39
C6A FAD H . 17.53 9.10 -9.59
N6A FAD H . 18.46 9.22 -10.52
N1A FAD H . 16.38 8.47 -9.85
C2A FAD H . 15.39 8.52 -8.97
N3A FAD H . 15.35 9.12 -7.82
C4A FAD H . 16.52 9.73 -7.59
N1 FAD H . 26.97 10.64 3.71
C2 FAD H . 28.22 10.19 3.87
O2 FAD H . 29.02 10.19 2.95
N3 FAD H . 28.62 9.85 5.10
C4 FAD H . 27.89 9.90 6.24
O4 FAD H . 28.44 9.44 7.25
C4X FAD H . 26.56 10.40 6.09
N5 FAD H . 25.82 10.58 7.25
C5X FAD H . 24.62 11.14 7.04
C6 FAD H . 23.92 11.49 8.20
C7 FAD H . 22.75 12.19 8.17
C7M FAD H . 22.06 12.56 9.48
C8 FAD H . 22.20 12.56 6.91
C8M FAD H . 20.94 13.37 6.78
C9 FAD H . 22.86 12.22 5.78
C9A FAD H . 24.07 11.53 5.81
N10 FAD H . 24.86 11.31 4.64
C10 FAD H . 26.17 10.74 4.79
C1' FAD H . 24.32 11.74 3.36
C2' FAD H . 23.49 10.66 2.68
O2' FAD H . 24.42 9.71 2.25
C3' FAD H . 22.70 11.25 1.50
O3' FAD H . 21.62 11.94 2.06
C4' FAD H . 21.92 10.33 0.54
O4' FAD H . 22.75 9.53 -0.25
C5' FAD H . 21.06 11.16 -0.39
O5' FAD H . 21.84 12.15 -1.03
P FAD H . 21.25 13.63 -0.93
O1P FAD H . 21.01 13.96 0.46
O2P FAD H . 22.17 14.52 -1.67
O3P FAD H . 19.83 13.48 -1.72
N1A CO8 I . -0.76 -26.00 16.25
C2A CO8 I . -1.05 -27.08 17.01
N3A CO8 I . -2.13 -27.34 17.76
C4A CO8 I . -3.01 -26.30 17.68
C5A CO8 I . -2.85 -25.13 16.95
C6A CO8 I . -1.65 -25.00 16.19
N6A CO8 I . -1.40 -23.90 15.45
N7A CO8 I . -3.97 -24.27 17.12
C8A CO8 I . -4.74 -24.93 17.95
N9A CO8 I . -4.23 -26.20 18.34
C1B CO8 I . -4.79 -27.31 19.18
C2B CO8 I . -4.41 -27.35 20.69
O2B CO8 I . -4.80 -28.62 21.35
C3B CO8 I . -5.30 -26.14 21.06
O3B CO8 I . -5.59 -25.87 22.47
P3B CO8 I . -6.60 -26.57 23.54
O7A CO8 I . -6.56 -25.59 24.69
O8A CO8 I . -7.95 -26.61 22.85
O9A CO8 I . -5.92 -27.91 23.86
C4B CO8 I . -6.62 -26.38 20.33
O4B CO8 I . -6.22 -27.09 19.12
C5B CO8 I . -7.25 -25.03 20.04
O5B CO8 I . -8.21 -24.96 19.02
P1A CO8 I . -8.46 -23.38 18.65
O1A CO8 I . -9.18 -22.66 19.75
O2A CO8 I . -7.09 -22.88 18.24
O3A CO8 I . -9.45 -23.66 17.37
P2A CO8 I . -9.98 -22.49 16.37
O4A CO8 I . -11.10 -22.97 15.46
O5A CO8 I . -10.21 -21.27 17.23
O6A CO8 I . -8.59 -22.34 15.49
CBP CO8 I . -7.48 -21.61 13.28
CCP CO8 I . -8.57 -21.39 14.37
CDP CO8 I . -7.34 -20.32 12.39
CEP CO8 I . -6.19 -21.87 14.11
CAP CO8 I . -7.85 -22.88 12.42
OAP CO8 I . -9.29 -23.07 12.33
C9P CO8 I . -7.30 -22.86 10.99
O9P CO8 I . -6.09 -22.91 10.78
N8P CO8 I . -8.16 -22.76 9.87
C7P CO8 I . -7.70 -22.78 8.48
C6P CO8 I . -8.23 -24.16 8.07
C5P CO8 I . -7.78 -24.63 6.68
O5P CO8 I . -6.67 -24.32 6.21
N4P CO8 I . -8.79 -25.45 6.10
C3P CO8 I . -8.74 -26.12 4.79
C2P CO8 I . -7.34 -26.36 4.25
S1P CO8 I . -7.21 -27.64 2.95
C1' CO8 I . -6.67 -26.56 1.68
O1' CO8 I . -7.29 -25.68 1.13
C2' CO8 I . -5.42 -26.81 0.86
C3' CO8 I . -5.73 -27.17 -0.59
C4' CO8 I . -4.49 -27.31 -1.47
C5' CO8 I . -3.63 -28.47 -1.04
C6' CO8 I . -2.36 -28.60 -1.87
C7' CO8 I . -1.38 -27.47 -1.58
C8' CO8 I . -1.56 -26.28 -2.53
PA FAD J . -15.02 -18.57 5.05
O1A FAD J . -14.45 -19.32 6.22
O2A FAD J . -16.45 -18.62 4.71
O5B FAD J . -14.73 -17.04 5.33
C5B FAD J . -15.24 -16.08 4.46
C4B FAD J . -14.39 -14.80 4.54
O4B FAD J . -14.28 -14.42 5.96
C3B FAD J . -12.96 -15.02 4.00
O3B FAD J . -12.40 -13.81 3.53
C2B FAD J . -12.24 -15.32 5.33
O2B FAD J . -10.85 -15.11 5.03
C1B FAD J . -12.90 -14.25 6.26
N9A FAD J . -12.92 -14.47 7.72
C8A FAD J . -13.45 -15.53 8.39
N7A FAD J . -13.32 -15.48 9.71
C5A FAD J . -12.65 -14.29 9.92
C6A FAD J . -12.19 -13.67 11.08
N6A FAD J . -12.24 -14.22 12.31
N1A FAD J . -11.58 -12.50 10.93
C2A FAD J . -11.42 -12.01 9.75
N3A FAD J . -11.79 -12.51 8.60
C4A FAD J . -12.41 -13.67 8.73
N1 FAD J . -10.52 -27.79 1.47
C2 FAD J . -10.12 -29.04 1.87
O2 FAD J . -10.54 -29.62 2.87
N3 FAD J . -9.23 -29.74 1.00
C4 FAD J . -8.74 -29.26 -0.25
O4 FAD J . -7.90 -29.98 -0.80
C4X FAD J . -9.25 -27.92 -0.63
N5 FAD J . -8.88 -27.45 -1.89
C5X FAD J . -9.48 -26.23 -2.22
C6 FAD J . -9.35 -25.77 -3.56
C7 FAD J . -9.99 -24.66 -4.05
C7M FAD J . -9.87 -24.25 -5.50
C8 FAD J . -10.81 -23.89 -3.23
C8M FAD J . -11.50 -22.59 -3.72
C9 FAD J . -10.97 -24.31 -1.93
C9A FAD J . -10.33 -25.47 -1.42
N10 FAD J . -10.62 -25.98 -0.14
C10 FAD J . -10.10 -27.27 0.27
C1' FAD J . -11.37 -25.10 0.72
C2' FAD J . -10.47 -24.08 1.40
O2' FAD J . -9.69 -24.80 2.34
C3' FAD J . -11.34 -23.00 2.07
O3' FAD J . -12.08 -22.31 1.11
C4' FAD J . -10.52 -21.98 2.89
O4' FAD J . -10.07 -22.61 4.09
C5' FAD J . -11.40 -20.76 3.21
O5' FAD J . -12.65 -21.13 3.79
P FAD J . -14.10 -20.55 3.34
O1P FAD J . -14.18 -20.56 1.87
O2P FAD J . -15.11 -21.29 4.11
O3P FAD J . -14.18 -19.01 3.77
N1A CO8 K . -4.55 18.08 -24.89
C2A CO8 K . -4.11 19.02 -25.74
N3A CO8 K . -3.07 18.97 -26.59
C4A CO8 K . -2.43 17.75 -26.50
C5A CO8 K . -2.76 16.68 -25.69
C6A CO8 K . -3.90 16.87 -24.82
N6A CO8 K . -4.33 15.97 -23.91
N7A CO8 K . -1.86 15.61 -25.90
C8A CO8 K . -1.04 16.06 -26.81
N9A CO8 K . -1.31 17.35 -27.23
C1B CO8 K . -0.47 18.32 -28.06
C2B CO8 K . 0.58 18.97 -27.11
O2B CO8 K . 0.13 20.21 -26.47
C3B CO8 K . 1.63 19.42 -28.13
O3B CO8 K . 1.06 20.62 -28.74
P3B CO8 K . 2.05 21.73 -29.42
O7A CO8 K . 2.75 20.92 -30.52
O8A CO8 K . 1.11 22.77 -29.93
O9A CO8 K . 2.92 22.20 -28.25
C4B CO8 K . 1.66 18.19 -29.09
O4B CO8 K . 0.28 17.67 -29.13
C5B CO8 K . 2.58 17.08 -28.56
O5B CO8 K . 2.14 16.53 -27.32
P1A CO8 K . 3.11 15.58 -26.43
O1A CO8 K . 4.44 16.32 -26.33
O2A CO8 K . 2.30 15.35 -25.13
O3A CO8 K . 3.36 14.21 -27.36
P2A CO8 K . 3.89 12.68 -26.92
O4A CO8 K . 3.97 11.68 -28.06
O5A CO8 K . 4.96 12.72 -25.89
O6A CO8 K . 2.54 12.35 -26.15
CBP CO8 K . 1.19 11.35 -24.59
CCP CO8 K . 2.60 11.81 -24.87
CDP CO8 K . 1.28 10.67 -23.20
CEP CO8 K . 0.30 12.64 -24.44
CAP CO8 K . 0.68 10.41 -25.78
OAP CO8 K . 1.65 9.43 -26.24
C9P CO8 K . -0.59 9.72 -25.29
O9P CO8 K . -1.62 10.36 -25.08
N8P CO8 K . -0.56 8.35 -25.03
C7P CO8 K . -1.76 7.65 -24.55
C6P CO8 K . -2.32 6.67 -25.55
C5P CO8 K . -3.73 6.22 -25.24
O5P CO8 K . -4.44 6.84 -24.43
N4P CO8 K . -4.07 5.10 -25.94
C3P CO8 K . -5.39 4.59 -25.73
C2P CO8 K . -6.31 4.92 -26.87
S1P CO8 K . -8.00 5.06 -26.21
C1' CO8 K . -8.51 3.40 -25.90
O1' CO8 K . -7.79 2.52 -25.59
C2' CO8 K . -10.03 3.20 -26.10
C3' CO8 K . -10.49 1.84 -25.61
C4' CO8 K . -12.01 1.73 -25.54
C5' CO8 K . -12.58 2.52 -24.36
C6' CO8 K . -14.09 2.68 -24.47
C7' CO8 K . -14.86 1.45 -24.07
C8' CO8 K . -15.05 1.40 -22.56
PA FAD L . 2.53 -0.58 -24.54
O1A FAD L . 2.47 0.74 -25.23
O2A FAD L . 3.23 -1.78 -25.10
O5B FAD L . 2.98 -0.39 -23.00
C5B FAD L . 3.31 -1.58 -22.22
C4B FAD L . 3.60 -1.49 -20.72
O4B FAD L . 4.67 -0.58 -20.45
C3B FAD L . 2.39 -0.96 -19.94
O3B FAD L . 2.51 -1.29 -18.59
C2B FAD L . 2.62 0.54 -20.06
O2B FAD L . 1.95 1.16 -18.94
C1B FAD L . 4.14 0.59 -19.84
N9A FAD L . 4.71 1.82 -20.45
C8A FAD L . 4.78 2.15 -21.76
N7A FAD L . 5.39 3.27 -21.97
C5A FAD L . 5.74 3.70 -20.69
C6A FAD L . 6.43 4.82 -20.23
N6A FAD L . 6.91 5.73 -21.06
N1A FAD L . 6.62 4.96 -18.89
C2A FAD L . 6.14 4.02 -18.09
N3A FAD L . 5.48 2.91 -18.40
C4A FAD L . 5.31 2.82 -19.75
N1 FAD L . -6.95 1.05 -28.34
C2 FAD L . -7.54 1.93 -29.18
O2 FAD L . -6.90 2.79 -29.78
N3 FAD L . -8.89 1.79 -29.36
C4 FAD L . -9.71 0.86 -28.76
O4 FAD L . -10.89 0.89 -29.11
C4X FAD L . -9.04 -0.06 -27.86
N5 FAD L . -9.82 -1.02 -27.27
C5X FAD L . -9.10 -1.91 -26.48
C6 FAD L . -9.84 -2.99 -25.95
C7 FAD L . -9.26 -3.99 -25.27
C7M FAD L . -10.23 -5.03 -24.70
C8 FAD L . -7.86 -4.00 -25.05
C8M FAD L . -7.11 -5.18 -24.42
C9 FAD L . -7.15 -2.97 -25.53
C9A FAD L . -7.74 -1.91 -26.24
N10 FAD L . -6.99 -0.87 -26.86
C10 FAD L . -7.68 0.10 -27.71
C1' FAD L . -5.56 -0.84 -26.61
C2' FAD L . -5.13 0.05 -25.44
O2' FAD L . -5.36 1.42 -25.70
C3' FAD L . -3.63 -0.18 -25.14
O3' FAD L . -3.50 -1.43 -24.49
C4' FAD L . -3.03 0.91 -24.24
O4' FAD L . -2.83 2.11 -25.03
C5' FAD L . -1.66 0.48 -23.72
O5' FAD L . -0.87 0.29 -24.84
P FAD L . -0.11 -1.09 -25.18
O1P FAD L . -0.90 -2.27 -24.76
O2P FAD L . 0.38 -0.97 -26.56
O3P FAD L . 1.07 -1.01 -24.16
#